data_7RHK
#
_entry.id   7RHK
#
_cell.length_a   1.00
_cell.length_b   1.00
_cell.length_c   1.00
_cell.angle_alpha   90.00
_cell.angle_beta   90.00
_cell.angle_gamma   90.00
#
_symmetry.space_group_name_H-M   'P 1'
#
loop_
_entity.id
_entity.type
_entity.pdbx_description
1 polymer 'cGMP-gated cation channel alpha-1'
2 polymer 'Cyclic nucleotide-gated cation channel beta-1'
3 non-polymer 'CYCLIC GUANOSINE MONOPHOSPHATE'
4 non-polymer '(2R,3R)-5-[2-(dimethylamino)ethyl]-2-(4-methoxyphenyl)-4-oxo-2,3,4,5-tetrahydro-1,5-benzothiazepin-3-yl acetate'
#
loop_
_entity_poly.entity_id
_entity_poly.type
_entity_poly.pdbx_seq_one_letter_code
_entity_poly.pdbx_strand_id
1 'polypeptide(L)'
;MDYKDDDDKGGSASKDKKEEEKKEVVVIDPSGNTYYNWLFCITLPVMYNWTMVIARACFDELQSDYLEYWLILDYVSDIV
YLIDMFVRTRTGYLEQGLLVKEELKLINKYKSNLQFKLDVLSLIPTDLLYFKLGWNYPEIRLNRLLRFSRMFEFFQRTET
RTNYPNIFRISNLVMYIVIIIHWNACVFYSISKAIGFGNDTWVYPDINDPEFGRLARKYVYSLYWSTLTLTTIGETPPPV
RDSEYVFVVVDFLIGVLIFATIVGNIGSMISNMNAARAEFQARIDAIKQYMHFRNVSKDMEKRVIKWFDYLWTNKKTVDE
KEVLKYLPDKLRAEIAINVHLDTLKKVRIFADCEAGLLVELVLKLQPQVYSPGDYICKKGDIGREMYIIKEGKLAVVADD
GVTQFVVLSDGSYFGEISILNIKGSKAGNRRTANIKSIGYSDLFCLSKDDLMEALTEYPDAKTMLEEKGKQILMKDGLLD
LNIANAGSDPKDLEEKVTRMEGSVDLLQTRFARILAEYESMQQKLKQRLTKVEKFLKPLIDTEFSSIEGPGAESGPIDST
;
C,A,D
2 'polypeptide(L)'
;MDYKDDDDKGGSASSGVPATKQHPEVQVEDTDADSCPLMAEENPPSTVLPPPSPAKSDTLIVPSSASGTHRKKLPSEDDE
AEELKALSPAESPVVAWSDPTTPKDTDGQDRAASTASTNSAIINDRLQELVKLFKERTEKVKEKLIDPDVTSDEESPKPS
PAKKAPEPAPDTKPAEAEPVEEEHYCDMLCCKFKHRPWKKYQFPQSIDPLTNLMYVLWLFFVVMAWNWNCWLIPVRWAFP
YQTPDNIHHWLLMDYLCDLIYFLDITVFQTRLQFVRGGDIITDKKDMRNNYLKSRRFKMDLLSLLPLDFLYLKVGVNPLL
RLPRCLKYMAFFEFNSRLESILSKAYVYRVIRTTAYLLYSLHLNSCLYYWASAYQGLGSTHWVYDGVGNSYIRCYYFAVK
TLITIGGLPDPKTLFEIVFQLLNYFTGVFAFSVMIGQMRDVVGAATAGQTYYRSCMDSTVKYMNFYKIPKSVQNRVKTWY
EYTWHSQGMLDESELMVQLPDKMRLDLAIDVNYNIVSKVALFQGCDRQMIFDMLKRLRSVVYLPNDYVCKKGEIGREMYI
IQAGQVQVLGGPDGKSVLVTLKAGSVFGEISLLAVGGGNRRTANVVAHGFTNLFILDKKDLNEILVHYPESQKLLRKKAR
RMLRSNNKPKEEKSVLILPPRAGTPKLFNAALAMTGKMGGKGAKGGKLAHLRARLKELAALEAAAKQQELVEQAKSSQDV
KGEEGSAAPDQHTHPKEAATDPPAPRTPPEPPGSPPSSPPPASLGRPEGEEEGPAEPEEHSVRICMSPGPEPGEQILSVK
MPEEREEKAE
;
B
#
loop_
_chem_comp.id
_chem_comp.type
_chem_comp.name
_chem_comp.formula
5H0 non-polymer '(2R,3R)-5-[2-(dimethylamino)ethyl]-2-(4-methoxyphenyl)-4-oxo-2,3,4,5-tetrahydro-1,5-benzothiazepin-3-yl acetate' 'C22 H26 N2 O4 S'
PCG non-polymer 'CYCLIC GUANOSINE MONOPHOSPHATE' 'C10 H12 N5 O7 P'
#
# COMPACT_ATOMS: atom_id res chain seq x y z
N VAL A 26 -8.10 -21.74 40.20
CA VAL A 26 -7.04 -21.17 39.39
C VAL A 26 -7.60 -20.81 38.00
N VAL A 27 -7.13 -19.70 37.44
CA VAL A 27 -7.58 -19.22 36.15
C VAL A 27 -6.35 -19.03 35.26
N ILE A 28 -6.37 -19.66 34.09
CA ILE A 28 -5.22 -19.62 33.19
C ILE A 28 -5.29 -18.37 32.32
N ASP A 29 -4.16 -17.67 32.23
CA ASP A 29 -4.10 -16.43 31.47
C ASP A 29 -3.93 -16.74 29.99
N PRO A 30 -4.82 -16.27 29.11
CA PRO A 30 -4.68 -16.55 27.67
C PRO A 30 -3.42 -15.97 27.04
N SER A 31 -2.85 -14.92 27.62
CA SER A 31 -1.61 -14.35 27.11
C SER A 31 -0.38 -15.07 27.62
N GLY A 32 -0.53 -15.98 28.58
CA GLY A 32 0.62 -16.66 29.16
C GLY A 32 1.14 -17.79 28.31
N ASN A 33 2.30 -18.31 28.72
CA ASN A 33 2.93 -19.41 27.99
C ASN A 33 2.22 -20.73 28.22
N THR A 34 1.57 -20.91 29.38
CA THR A 34 0.84 -22.15 29.63
C THR A 34 -0.39 -22.27 28.74
N TYR A 35 -1.00 -21.15 28.37
CA TYR A 35 -2.12 -21.19 27.42
C TYR A 35 -1.63 -21.63 26.05
N TYR A 36 -0.46 -21.16 25.63
CA TYR A 36 0.17 -21.65 24.41
C TYR A 36 0.49 -23.15 24.49
N ASN A 37 1.00 -23.59 25.64
CA ASN A 37 1.30 -25.01 25.80
C ASN A 37 0.05 -25.87 25.68
N TRP A 38 -1.04 -25.46 26.33
CA TRP A 38 -2.28 -26.20 26.19
C TRP A 38 -2.86 -26.08 24.79
N LEU A 39 -2.64 -24.95 24.12
CA LEU A 39 -3.05 -24.80 22.73
C LEU A 39 -2.36 -25.83 21.84
N PHE A 40 -1.08 -26.06 22.08
CA PHE A 40 -0.38 -27.12 21.33
C PHE A 40 -0.91 -28.50 21.69
N CYS A 41 -1.12 -28.78 22.98
CA CYS A 41 -1.59 -30.10 23.38
C CYS A 41 -3.05 -30.37 23.03
N ILE A 42 -3.81 -29.35 22.61
CA ILE A 42 -5.15 -29.60 22.09
C ILE A 42 -5.12 -29.58 20.56
N THR A 43 -4.13 -28.88 19.99
CA THR A 43 -4.00 -28.86 18.54
C THR A 43 -3.55 -30.22 18.03
N LEU A 44 -2.73 -30.93 18.80
CA LEU A 44 -2.30 -32.27 18.38
C LEU A 44 -3.46 -33.25 18.18
N PRO A 45 -4.45 -33.38 19.09
CA PRO A 45 -5.62 -34.19 18.73
C PRO A 45 -6.48 -33.59 17.63
N VAL A 46 -6.56 -32.27 17.51
CA VAL A 46 -7.35 -31.67 16.45
C VAL A 46 -6.69 -31.92 15.08
N MET A 47 -5.37 -31.73 15.00
CA MET A 47 -4.65 -32.06 13.78
C MET A 47 -4.69 -33.56 13.51
N TYR A 48 -4.77 -34.38 14.55
CA TYR A 48 -4.96 -35.81 14.36
C TYR A 48 -6.32 -36.10 13.73
N ASN A 49 -7.37 -35.47 14.25
CA ASN A 49 -8.72 -35.75 13.75
C ASN A 49 -8.91 -35.20 12.34
N TRP A 50 -8.32 -34.04 12.04
CA TRP A 50 -8.54 -33.42 10.74
C TRP A 50 -7.80 -34.13 9.61
N THR A 51 -6.83 -34.98 9.94
CA THR A 51 -6.06 -35.71 8.94
C THR A 51 -6.31 -37.20 8.95
N MET A 52 -6.45 -37.81 10.12
CA MET A 52 -6.46 -39.26 10.20
C MET A 52 -7.87 -39.85 10.15
N VAL A 53 -8.88 -39.11 10.61
CA VAL A 53 -10.25 -39.62 10.63
C VAL A 53 -10.76 -39.84 9.22
N ILE A 54 -10.48 -38.91 8.31
CA ILE A 54 -10.89 -39.07 6.91
C ILE A 54 -10.13 -40.24 6.26
N ALA A 55 -8.87 -40.44 6.64
CA ALA A 55 -8.10 -41.56 6.10
C ALA A 55 -8.67 -42.89 6.57
N ARG A 56 -9.06 -42.97 7.85
CA ARG A 56 -9.73 -44.18 8.35
C ARG A 56 -11.07 -44.38 7.68
N ALA A 57 -11.82 -43.30 7.44
CA ALA A 57 -13.14 -43.42 6.84
C ALA A 57 -13.07 -43.89 5.40
N CYS A 58 -12.08 -43.41 4.65
CA CYS A 58 -11.97 -43.74 3.24
C CYS A 58 -11.23 -45.05 3.01
N PHE A 59 -10.08 -45.23 3.65
CA PHE A 59 -9.34 -46.49 3.58
C PHE A 59 -9.87 -47.41 4.67
N ASP A 60 -10.78 -48.31 4.30
CA ASP A 60 -11.37 -49.23 5.27
C ASP A 60 -10.36 -50.25 5.77
N GLU A 61 -9.36 -50.57 4.95
CA GLU A 61 -8.27 -51.44 5.40
C GLU A 61 -7.48 -50.78 6.52
N LEU A 62 -7.32 -49.47 6.47
CA LEU A 62 -6.63 -48.75 7.53
C LEU A 62 -7.40 -48.82 8.84
N GLN A 63 -8.72 -48.68 8.78
CA GLN A 63 -9.55 -48.81 9.98
C GLN A 63 -9.52 -50.23 10.52
N SER A 64 -9.58 -51.23 9.64
CA SER A 64 -9.63 -52.61 10.09
C SER A 64 -8.29 -53.10 10.61
N ASP A 65 -7.19 -52.56 10.09
CA ASP A 65 -5.86 -53.06 10.46
C ASP A 65 -5.46 -52.62 11.86
N TYR A 66 -5.73 -51.36 12.21
CA TYR A 66 -5.29 -50.79 13.47
C TYR A 66 -6.47 -50.27 14.28
N LEU A 67 -7.55 -51.07 14.32
CA LEU A 67 -8.73 -50.71 15.11
C LEU A 67 -8.39 -50.61 16.58
N GLU A 68 -7.54 -51.52 17.08
CA GLU A 68 -7.13 -51.48 18.49
C GLU A 68 -6.37 -50.20 18.80
N TYR A 69 -5.50 -49.75 17.91
CA TYR A 69 -4.80 -48.49 18.13
C TYR A 69 -5.75 -47.31 18.08
N TRP A 70 -6.63 -47.29 17.06
CA TRP A 70 -7.49 -46.12 16.85
C TRP A 70 -8.54 -45.97 17.94
N LEU A 71 -8.98 -47.07 18.55
CA LEU A 71 -9.99 -46.96 19.61
C LEU A 71 -9.45 -46.16 20.81
N ILE A 72 -8.30 -46.57 21.35
CA ILE A 72 -7.70 -45.85 22.47
C ILE A 72 -7.21 -44.47 22.03
N LEU A 73 -6.71 -44.33 20.81
CA LEU A 73 -6.23 -43.02 20.37
C LEU A 73 -7.38 -42.02 20.22
N ASP A 74 -8.52 -42.45 19.68
CA ASP A 74 -9.67 -41.57 19.59
C ASP A 74 -10.30 -41.32 20.96
N TYR A 75 -10.25 -42.31 21.86
CA TYR A 75 -10.75 -42.09 23.22
C TYR A 75 -9.92 -41.04 23.95
N VAL A 76 -8.59 -41.10 23.83
CA VAL A 76 -7.77 -40.12 24.51
C VAL A 76 -7.86 -38.76 23.80
N SER A 77 -8.13 -38.76 22.49
CA SER A 77 -8.40 -37.49 21.81
C SER A 77 -9.68 -36.84 22.33
N ASP A 78 -10.73 -37.64 22.55
CA ASP A 78 -11.95 -37.10 23.14
C ASP A 78 -11.75 -36.67 24.58
N ILE A 79 -10.88 -37.37 25.31
CA ILE A 79 -10.53 -36.97 26.67
C ILE A 79 -9.86 -35.60 26.67
N VAL A 80 -8.91 -35.40 25.76
CA VAL A 80 -8.23 -34.10 25.64
C VAL A 80 -9.21 -33.03 25.17
N TYR A 81 -10.19 -33.40 24.33
CA TYR A 81 -11.24 -32.46 23.96
C TYR A 81 -12.07 -32.02 25.17
N LEU A 82 -12.42 -32.96 26.03
CA LEU A 82 -13.16 -32.64 27.25
C LEU A 82 -12.34 -31.77 28.20
N ILE A 83 -11.05 -32.08 28.32
CA ILE A 83 -10.16 -31.26 29.16
C ILE A 83 -10.02 -29.85 28.56
N ASP A 84 -10.02 -29.74 27.23
CA ASP A 84 -10.00 -28.44 26.59
C ASP A 84 -11.28 -27.66 26.85
N MET A 85 -12.42 -28.35 26.89
CA MET A 85 -13.66 -27.69 27.28
C MET A 85 -13.59 -27.19 28.72
N PHE A 86 -12.99 -28.00 29.61
CA PHE A 86 -12.80 -27.58 30.99
C PHE A 86 -11.88 -26.37 31.09
N VAL A 87 -10.82 -26.34 30.27
CA VAL A 87 -9.92 -25.20 30.24
C VAL A 87 -10.64 -23.96 29.71
N ARG A 88 -11.51 -24.15 28.71
CA ARG A 88 -12.34 -23.05 28.21
C ARG A 88 -13.27 -22.51 29.30
N THR A 89 -13.74 -23.38 30.19
CA THR A 89 -14.47 -22.88 31.35
C THR A 89 -13.55 -22.17 32.34
N ARG A 90 -12.25 -22.50 32.33
CA ARG A 90 -11.30 -21.92 33.26
C ARG A 90 -10.39 -20.86 32.64
N THR A 91 -10.48 -20.62 31.33
CA THR A 91 -9.67 -19.57 30.74
C THR A 91 -10.29 -18.20 31.04
N GLY A 92 -9.44 -17.22 31.30
CA GLY A 92 -9.91 -15.91 31.67
C GLY A 92 -10.00 -14.97 30.49
N TYR A 93 -10.82 -13.94 30.66
CA TYR A 93 -10.93 -12.87 29.69
C TYR A 93 -10.84 -11.54 30.43
N LEU A 94 -10.20 -10.56 29.80
CA LEU A 94 -9.96 -9.28 30.46
C LEU A 94 -11.26 -8.49 30.56
N GLU A 95 -12.05 -8.77 31.58
CA GLU A 95 -13.26 -8.02 31.86
C GLU A 95 -12.90 -6.80 32.68
N GLN A 96 -13.21 -5.62 32.14
CA GLN A 96 -12.97 -4.33 32.78
C GLN A 96 -11.49 -4.14 33.11
N GLY A 97 -10.63 -4.57 32.20
CA GLY A 97 -9.21 -4.42 32.35
C GLY A 97 -8.54 -5.40 33.29
N LEU A 98 -9.28 -6.36 33.84
CA LEU A 98 -8.73 -7.32 34.77
C LEU A 98 -9.14 -8.73 34.34
N LEU A 99 -8.26 -9.69 34.62
CA LEU A 99 -8.57 -11.09 34.36
C LEU A 99 -9.52 -11.59 35.43
N VAL A 100 -10.80 -11.79 35.05
CA VAL A 100 -11.80 -12.20 36.01
C VAL A 100 -11.56 -13.65 36.43
N LYS A 101 -11.76 -13.93 37.71
CA LYS A 101 -11.49 -15.25 38.27
C LYS A 101 -12.74 -15.92 38.82
N GLU A 102 -13.89 -15.26 38.77
CA GLU A 102 -15.13 -15.89 39.21
C GLU A 102 -15.55 -16.97 38.22
N GLU A 103 -15.78 -18.19 38.73
CA GLU A 103 -16.02 -19.32 37.84
C GLU A 103 -17.38 -19.23 37.15
N LEU A 104 -18.39 -18.68 37.83
CA LEU A 104 -19.72 -18.57 37.24
C LEU A 104 -19.72 -17.65 36.03
N LYS A 105 -19.01 -16.50 36.15
CA LYS A 105 -18.94 -15.56 35.02
C LYS A 105 -18.15 -16.16 33.86
N LEU A 106 -17.09 -16.91 34.15
CA LEU A 106 -16.33 -17.57 33.10
C LEU A 106 -17.17 -18.63 32.38
N ILE A 107 -17.94 -19.41 33.14
CA ILE A 107 -18.80 -20.43 32.55
C ILE A 107 -19.88 -19.78 31.68
N ASN A 108 -20.48 -18.68 32.17
CA ASN A 108 -21.50 -18.00 31.38
C ASN A 108 -20.92 -17.37 30.11
N LYS A 109 -19.71 -16.81 30.21
CA LYS A 109 -19.06 -16.24 29.03
C LYS A 109 -18.73 -17.32 28.00
N TYR A 110 -18.29 -18.50 28.47
CA TYR A 110 -18.04 -19.60 27.56
C TYR A 110 -19.34 -20.09 26.91
N LYS A 111 -20.40 -20.24 27.70
CA LYS A 111 -21.65 -20.80 27.18
C LYS A 111 -22.40 -19.82 26.28
N SER A 112 -22.18 -18.52 26.43
CA SER A 112 -22.83 -17.54 25.57
C SER A 112 -22.17 -17.44 24.19
N ASN A 113 -21.04 -18.09 23.99
CA ASN A 113 -20.29 -18.02 22.74
C ASN A 113 -20.63 -19.23 21.86
N LEU A 114 -20.42 -19.05 20.55
CA LEU A 114 -20.61 -20.13 19.59
C LEU A 114 -19.60 -21.26 19.80
N GLN A 115 -18.48 -20.99 20.47
CA GLN A 115 -17.48 -22.02 20.72
C GLN A 115 -18.03 -23.12 21.62
N PHE A 116 -18.91 -22.78 22.56
CA PHE A 116 -19.53 -23.82 23.39
C PHE A 116 -20.43 -24.73 22.56
N LYS A 117 -21.20 -24.15 21.62
CA LYS A 117 -22.03 -24.96 20.74
C LYS A 117 -21.17 -25.86 19.86
N LEU A 118 -20.07 -25.32 19.32
CA LEU A 118 -19.17 -26.11 18.50
C LEU A 118 -18.53 -27.25 19.28
N ASP A 119 -18.13 -26.96 20.53
CA ASP A 119 -17.50 -28.00 21.36
C ASP A 119 -18.50 -29.07 21.78
N VAL A 120 -19.74 -28.67 22.07
CA VAL A 120 -20.77 -29.64 22.40
C VAL A 120 -21.07 -30.55 21.22
N LEU A 121 -21.21 -29.95 20.02
CA LEU A 121 -21.42 -30.76 18.83
C LEU A 121 -20.19 -31.61 18.49
N SER A 122 -19.00 -31.16 18.86
CA SER A 122 -17.80 -31.94 18.63
C SER A 122 -17.68 -33.10 19.60
N LEU A 123 -18.24 -32.96 20.81
CA LEU A 123 -18.13 -33.99 21.83
C LEU A 123 -19.38 -34.86 21.91
N ILE A 124 -20.20 -34.86 20.86
CA ILE A 124 -21.32 -35.81 20.79
C ILE A 124 -20.77 -37.23 20.75
N PRO A 125 -21.22 -38.13 21.63
CA PRO A 125 -20.64 -39.48 21.65
C PRO A 125 -21.11 -40.32 20.47
N THR A 126 -20.59 -40.01 19.28
CA THR A 126 -20.92 -40.77 18.09
C THR A 126 -20.22 -42.12 18.04
N ASP A 127 -19.23 -42.36 18.91
CA ASP A 127 -18.60 -43.66 18.99
C ASP A 127 -19.55 -44.73 19.52
N LEU A 128 -20.63 -44.33 20.19
CA LEU A 128 -21.66 -45.27 20.61
C LEU A 128 -22.51 -45.77 19.45
N LEU A 129 -22.41 -45.13 18.28
CA LEU A 129 -23.10 -45.57 17.09
C LEU A 129 -22.33 -46.68 16.36
N TYR A 130 -21.10 -46.98 16.81
CA TYR A 130 -20.32 -48.05 16.22
C TYR A 130 -20.99 -49.41 16.33
N PHE A 131 -21.85 -49.59 17.34
CA PHE A 131 -22.54 -50.85 17.52
C PHE A 131 -23.66 -51.06 16.51
N LYS A 132 -24.10 -50.00 15.83
CA LYS A 132 -25.18 -50.11 14.85
C LYS A 132 -24.66 -50.21 13.42
N LEU A 133 -23.84 -49.25 12.99
CA LEU A 133 -23.31 -49.23 11.64
C LEU A 133 -22.03 -50.04 11.49
N GLY A 134 -21.55 -50.68 12.55
CA GLY A 134 -20.36 -51.49 12.47
C GLY A 134 -19.09 -50.70 12.71
N TRP A 135 -17.99 -51.44 12.77
CA TRP A 135 -16.67 -50.86 13.01
C TRP A 135 -16.00 -50.35 11.74
N ASN A 136 -16.65 -50.51 10.59
CA ASN A 136 -16.09 -50.05 9.32
C ASN A 136 -16.68 -48.73 8.86
N TYR A 137 -17.20 -47.92 9.79
CA TYR A 137 -17.66 -46.56 9.49
C TYR A 137 -17.02 -45.55 10.44
N PRO A 138 -15.78 -45.13 10.19
CA PRO A 138 -15.20 -44.05 11.01
C PRO A 138 -15.72 -42.66 10.70
N GLU A 139 -16.48 -42.49 9.60
CA GLU A 139 -16.91 -41.16 9.21
C GLU A 139 -18.01 -40.59 10.09
N ILE A 140 -18.55 -41.39 11.02
CA ILE A 140 -19.56 -40.90 11.93
C ILE A 140 -18.98 -39.86 12.89
N ARG A 141 -17.72 -40.02 13.30
CA ARG A 141 -17.08 -39.03 14.16
C ARG A 141 -16.35 -37.96 13.34
N LEU A 142 -17.05 -37.40 12.36
CA LEU A 142 -16.58 -36.22 11.66
C LEU A 142 -16.96 -34.94 12.39
N ASN A 143 -17.71 -35.05 13.48
CA ASN A 143 -18.00 -33.88 14.31
C ASN A 143 -16.78 -33.43 15.11
N ARG A 144 -15.77 -34.30 15.25
CA ARG A 144 -14.55 -33.93 15.95
C ARG A 144 -13.73 -32.89 15.20
N LEU A 145 -14.04 -32.64 13.93
CA LEU A 145 -13.40 -31.57 13.18
C LEU A 145 -13.91 -30.19 13.57
N LEU A 146 -14.97 -30.10 14.37
CA LEU A 146 -15.52 -28.83 14.79
C LEU A 146 -14.67 -28.12 15.82
N ARG A 147 -13.61 -28.75 16.33
CA ARG A 147 -12.60 -28.09 17.12
C ARG A 147 -11.51 -27.45 16.26
N PHE A 148 -11.83 -27.15 15.00
CA PHE A 148 -10.88 -26.51 14.09
C PHE A 148 -10.55 -25.08 14.53
N SER A 149 -11.50 -24.42 15.20
CA SER A 149 -11.27 -23.05 15.64
C SER A 149 -10.16 -22.97 16.68
N ARG A 150 -10.06 -23.99 17.53
CA ARG A 150 -8.98 -24.04 18.51
C ARG A 150 -7.62 -24.21 17.83
N MET A 151 -7.53 -25.04 16.79
CA MET A 151 -6.29 -25.19 16.05
C MET A 151 -5.92 -23.91 15.32
N PHE A 152 -6.91 -23.23 14.72
CA PHE A 152 -6.65 -21.96 14.06
C PHE A 152 -6.20 -20.90 15.06
N GLU A 153 -6.79 -20.92 16.26
CA GLU A 153 -6.37 -20.00 17.32
C GLU A 153 -4.93 -20.27 17.74
N PHE A 154 -4.55 -21.55 17.85
CA PHE A 154 -3.16 -21.89 18.17
C PHE A 154 -2.20 -21.41 17.09
N PHE A 155 -2.59 -21.56 15.82
CA PHE A 155 -1.71 -21.11 14.74
C PHE A 155 -1.61 -19.59 14.71
N GLN A 156 -2.71 -18.88 14.94
CA GLN A 156 -2.66 -17.42 14.95
C GLN A 156 -1.95 -16.88 16.19
N ARG A 157 -1.90 -17.65 17.28
CA ARG A 157 -1.05 -17.26 18.40
C ARG A 157 0.42 -17.57 18.14
N THR A 158 0.71 -18.65 17.40
CA THR A 158 2.08 -18.93 16.99
C THR A 158 2.61 -17.84 16.06
N GLU A 159 1.75 -17.33 15.16
CA GLU A 159 2.17 -16.31 14.22
C GLU A 159 2.60 -15.02 14.91
N THR A 160 2.03 -14.72 16.07
CA THR A 160 2.37 -13.55 16.84
C THR A 160 3.35 -13.82 17.97
N ARG A 161 3.95 -15.02 18.00
CA ARG A 161 4.85 -15.41 19.07
C ARG A 161 6.24 -15.80 18.59
N THR A 162 6.33 -16.50 17.46
CA THR A 162 7.61 -17.01 17.00
C THR A 162 8.50 -15.88 16.49
N ASN A 163 9.81 -16.13 16.53
CA ASN A 163 10.79 -15.17 16.03
C ASN A 163 10.97 -15.25 14.52
N TYR A 164 10.34 -16.21 13.86
CA TYR A 164 10.37 -16.34 12.40
C TYR A 164 8.93 -16.41 11.91
N PRO A 165 8.24 -15.27 11.84
CA PRO A 165 6.84 -15.29 11.37
C PRO A 165 6.71 -15.74 9.92
N ASN A 166 7.68 -15.42 9.06
CA ASN A 166 7.58 -15.81 7.66
C ASN A 166 7.84 -17.30 7.48
N ILE A 167 8.81 -17.85 8.21
CA ILE A 167 9.07 -19.29 8.15
C ILE A 167 7.88 -20.07 8.69
N PHE A 168 7.27 -19.58 9.79
CA PHE A 168 6.06 -20.23 10.29
C PHE A 168 4.90 -20.10 9.32
N ARG A 169 4.78 -18.96 8.63
CA ARG A 169 3.72 -18.81 7.65
C ARG A 169 3.91 -19.77 6.48
N ILE A 170 5.15 -19.94 6.02
CA ILE A 170 5.43 -20.91 4.96
C ILE A 170 5.13 -22.33 5.41
N SER A 171 5.53 -22.67 6.64
CA SER A 171 5.27 -24.01 7.17
C SER A 171 3.77 -24.27 7.34
N ASN A 172 3.04 -23.26 7.80
CA ASN A 172 1.59 -23.38 7.98
C ASN A 172 0.88 -23.52 6.63
N LEU A 173 1.30 -22.75 5.64
CA LEU A 173 0.74 -22.89 4.29
C LEU A 173 1.04 -24.25 3.70
N VAL A 174 2.27 -24.74 3.89
CA VAL A 174 2.64 -26.06 3.39
C VAL A 174 1.80 -27.14 4.08
N MET A 175 1.60 -27.01 5.40
CA MET A 175 0.79 -27.97 6.13
C MET A 175 -0.66 -27.94 5.66
N TYR A 176 -1.20 -26.75 5.39
CA TYR A 176 -2.56 -26.66 4.86
C TYR A 176 -2.67 -27.29 3.48
N ILE A 177 -1.67 -27.08 2.62
CA ILE A 177 -1.70 -27.67 1.29
C ILE A 177 -1.58 -29.18 1.36
N VAL A 178 -0.74 -29.69 2.26
CA VAL A 178 -0.63 -31.14 2.45
C VAL A 178 -1.92 -31.72 3.02
N ILE A 179 -2.60 -30.98 3.90
CA ILE A 179 -3.88 -31.43 4.44
C ILE A 179 -4.94 -31.51 3.35
N ILE A 180 -4.99 -30.49 2.48
CA ILE A 180 -5.94 -30.50 1.37
C ILE A 180 -5.61 -31.62 0.39
N ILE A 181 -4.31 -31.84 0.13
CA ILE A 181 -3.90 -32.92 -0.78
C ILE A 181 -4.27 -34.28 -0.21
N HIS A 182 -4.07 -34.47 1.09
CA HIS A 182 -4.41 -35.73 1.74
C HIS A 182 -5.92 -35.95 1.75
N TRP A 183 -6.70 -34.90 2.01
CA TRP A 183 -8.15 -35.02 1.98
C TRP A 183 -8.64 -35.34 0.58
N ASN A 184 -8.05 -34.70 -0.44
CA ASN A 184 -8.42 -35.00 -1.81
C ASN A 184 -8.01 -36.42 -2.21
N ALA A 185 -6.88 -36.90 -1.68
CA ALA A 185 -6.48 -38.28 -1.91
C ALA A 185 -7.47 -39.25 -1.31
N CYS A 186 -7.94 -38.97 -0.09
CA CYS A 186 -8.95 -39.81 0.55
C CYS A 186 -10.26 -39.78 -0.23
N VAL A 187 -10.65 -38.60 -0.73
CA VAL A 187 -11.87 -38.49 -1.52
C VAL A 187 -11.72 -39.24 -2.84
N PHE A 188 -10.52 -39.21 -3.44
CA PHE A 188 -10.28 -39.96 -4.66
C PHE A 188 -10.36 -41.46 -4.42
N TYR A 189 -9.82 -41.93 -3.30
CA TYR A 189 -9.94 -43.34 -2.96
C TYR A 189 -11.40 -43.73 -2.69
N SER A 190 -12.16 -42.83 -2.07
CA SER A 190 -13.58 -43.08 -1.86
C SER A 190 -14.34 -43.16 -3.17
N ILE A 191 -14.00 -42.28 -4.12
CA ILE A 191 -14.64 -42.31 -5.44
C ILE A 191 -14.28 -43.60 -6.17
N SER A 192 -13.02 -44.03 -6.07
CA SER A 192 -12.60 -45.29 -6.67
C SER A 192 -13.34 -46.48 -6.05
N LYS A 193 -13.53 -46.45 -4.72
CA LYS A 193 -14.26 -47.51 -4.04
C LYS A 193 -15.73 -47.52 -4.44
N ALA A 194 -16.33 -46.34 -4.59
CA ALA A 194 -17.74 -46.27 -4.99
C ALA A 194 -17.94 -46.73 -6.42
N ILE A 195 -17.05 -46.33 -7.33
CA ILE A 195 -17.12 -46.80 -8.70
C ILE A 195 -16.74 -48.28 -8.77
N GLY A 196 -15.69 -48.67 -8.05
CA GLY A 196 -15.21 -50.04 -8.08
C GLY A 196 -13.76 -50.03 -8.52
N PHE A 197 -12.92 -50.72 -7.75
CA PHE A 197 -11.51 -50.81 -8.06
C PHE A 197 -11.30 -51.62 -9.34
N GLY A 198 -10.48 -51.09 -10.24
CA GLY A 198 -10.20 -51.76 -11.49
C GLY A 198 -11.31 -51.69 -12.51
N ASN A 199 -12.35 -50.87 -12.27
CA ASN A 199 -13.43 -50.74 -13.25
C ASN A 199 -12.95 -50.04 -14.51
N ASP A 200 -12.05 -49.05 -14.36
CA ASP A 200 -11.43 -48.39 -15.49
C ASP A 200 -10.04 -47.93 -15.08
N THR A 201 -9.37 -47.23 -16.00
CA THR A 201 -7.98 -46.84 -15.77
C THR A 201 -7.86 -45.61 -14.87
N TRP A 202 -8.95 -44.88 -14.63
CA TRP A 202 -8.86 -43.69 -13.79
C TRP A 202 -8.85 -44.03 -12.30
N VAL A 203 -9.72 -44.96 -11.88
CA VAL A 203 -9.87 -45.30 -10.47
C VAL A 203 -8.64 -46.04 -9.98
N TYR A 204 -8.55 -46.23 -8.66
CA TYR A 204 -7.51 -47.08 -8.09
C TYR A 204 -7.66 -48.49 -8.64
N PRO A 205 -6.55 -49.16 -9.01
CA PRO A 205 -6.64 -50.51 -9.58
C PRO A 205 -7.20 -51.55 -8.63
N ASP A 206 -7.32 -52.79 -9.09
CA ASP A 206 -7.97 -53.83 -8.31
C ASP A 206 -7.18 -54.13 -7.04
N ILE A 207 -7.87 -54.10 -5.90
CA ILE A 207 -7.21 -54.32 -4.62
C ILE A 207 -6.83 -55.79 -4.40
N ASN A 208 -7.36 -56.69 -5.22
CA ASN A 208 -6.94 -58.09 -5.15
C ASN A 208 -5.54 -58.31 -5.72
N ASP A 209 -5.02 -57.34 -6.45
CA ASP A 209 -3.63 -57.41 -6.91
C ASP A 209 -2.70 -57.29 -5.70
N PRO A 210 -1.74 -58.20 -5.53
CA PRO A 210 -0.88 -58.13 -4.34
C PRO A 210 0.03 -56.92 -4.31
N GLU A 211 0.43 -56.42 -5.48
CA GLU A 211 1.28 -55.23 -5.53
C GLU A 211 0.48 -53.97 -5.24
N PHE A 212 -0.79 -53.92 -5.62
CA PHE A 212 -1.64 -52.77 -5.38
C PHE A 212 -2.65 -52.99 -4.26
N GLY A 213 -2.49 -54.05 -3.47
CA GLY A 213 -3.40 -54.31 -2.37
C GLY A 213 -2.88 -53.86 -1.02
N ARG A 214 -1.61 -53.46 -0.97
CA ARG A 214 -1.00 -53.03 0.28
C ARG A 214 -1.59 -51.71 0.75
N LEU A 215 -1.84 -51.63 2.06
CA LEU A 215 -2.40 -50.42 2.65
C LEU A 215 -1.50 -49.21 2.43
N ALA A 216 -0.20 -49.38 2.64
CA ALA A 216 0.75 -48.32 2.37
C ALA A 216 0.75 -47.95 0.90
N ARG A 217 0.67 -48.95 0.01
CA ARG A 217 0.66 -48.66 -1.41
C ARG A 217 -0.63 -47.95 -1.82
N LYS A 218 -1.77 -48.33 -1.22
CA LYS A 218 -3.01 -47.62 -1.49
C LYS A 218 -2.92 -46.16 -1.08
N TYR A 219 -2.41 -45.88 0.12
CA TYR A 219 -2.36 -44.50 0.57
C TYR A 219 -1.35 -43.70 -0.23
N VAL A 220 -0.19 -44.28 -0.55
CA VAL A 220 0.83 -43.56 -1.32
C VAL A 220 0.35 -43.28 -2.74
N TYR A 221 -0.32 -44.26 -3.37
CA TYR A 221 -0.80 -44.03 -4.73
C TYR A 221 -1.91 -42.99 -4.75
N SER A 222 -2.81 -43.02 -3.74
CA SER A 222 -3.85 -42.00 -3.66
C SER A 222 -3.25 -40.62 -3.43
N LEU A 223 -2.25 -40.53 -2.54
CA LEU A 223 -1.59 -39.26 -2.25
C LEU A 223 -0.87 -38.71 -3.48
N TYR A 224 -0.17 -39.59 -4.21
CA TYR A 224 0.53 -39.17 -5.41
C TYR A 224 -0.44 -38.78 -6.52
N TRP A 225 -1.56 -39.50 -6.65
CA TRP A 225 -2.57 -39.11 -7.62
C TRP A 225 -3.12 -37.73 -7.30
N SER A 226 -3.40 -37.47 -6.02
CA SER A 226 -3.90 -36.17 -5.61
C SER A 226 -2.87 -35.08 -5.88
N THR A 227 -1.59 -35.37 -5.61
CA THR A 227 -0.54 -34.39 -5.87
C THR A 227 -0.42 -34.09 -7.36
N LEU A 228 -0.49 -35.12 -8.21
CA LEU A 228 -0.44 -34.89 -9.64
C LEU A 228 -1.66 -34.11 -10.13
N THR A 229 -2.83 -34.42 -9.58
CA THR A 229 -4.06 -33.81 -10.07
C THR A 229 -4.17 -32.34 -9.65
N LEU A 230 -3.87 -32.04 -8.39
CA LEU A 230 -3.95 -30.65 -7.94
C LEU A 230 -2.77 -29.84 -8.43
N THR A 231 -1.54 -30.34 -8.25
CA THR A 231 -0.36 -29.52 -8.48
C THR A 231 -0.02 -29.38 -9.97
N THR A 232 -0.07 -30.48 -10.72
CA THR A 232 0.31 -30.45 -12.13
C THR A 232 -0.87 -30.30 -13.06
N ILE A 233 -2.07 -30.14 -12.51
CA ILE A 233 -3.34 -29.97 -13.24
C ILE A 233 -3.50 -31.16 -14.19
N GLY A 234 -3.40 -32.37 -13.65
CA GLY A 234 -3.75 -33.56 -14.40
C GLY A 234 -2.70 -34.15 -15.32
N GLU A 235 -1.60 -34.62 -14.76
CA GLU A 235 -0.72 -35.56 -15.44
C GLU A 235 -1.19 -37.00 -15.22
N THR A 236 -2.20 -37.19 -14.39
CA THR A 236 -2.83 -38.48 -14.15
C THR A 236 -3.49 -39.00 -15.41
N PRO A 237 -3.73 -40.31 -15.51
CA PRO A 237 -4.48 -40.85 -16.66
C PRO A 237 -5.88 -40.26 -16.73
N PRO A 238 -6.40 -40.03 -17.93
CA PRO A 238 -7.63 -39.24 -18.10
C PRO A 238 -8.84 -39.92 -17.50
N PRO A 239 -9.84 -39.14 -17.08
CA PRO A 239 -11.08 -39.73 -16.56
C PRO A 239 -11.83 -40.49 -17.63
N VAL A 240 -12.55 -41.53 -17.20
CA VAL A 240 -13.35 -42.35 -18.10
C VAL A 240 -14.84 -42.04 -17.97
N ARG A 241 -15.33 -41.87 -16.75
CA ARG A 241 -16.74 -41.62 -16.49
C ARG A 241 -17.00 -40.13 -16.27
N ASP A 242 -18.28 -39.76 -16.35
CA ASP A 242 -18.65 -38.35 -16.21
C ASP A 242 -18.40 -37.84 -14.81
N SER A 243 -18.68 -38.66 -13.79
CA SER A 243 -18.41 -38.26 -12.41
C SER A 243 -16.92 -38.08 -12.18
N GLU A 244 -16.11 -38.92 -12.82
CA GLU A 244 -14.66 -38.76 -12.75
C GLU A 244 -14.21 -37.45 -13.39
N TYR A 245 -14.83 -37.08 -14.51
CA TYR A 245 -14.54 -35.81 -15.16
C TYR A 245 -14.91 -34.64 -14.26
N VAL A 246 -16.07 -34.72 -13.60
CA VAL A 246 -16.51 -33.65 -12.70
C VAL A 246 -15.55 -33.52 -11.53
N PHE A 247 -15.16 -34.66 -10.94
CA PHE A 247 -14.24 -34.65 -9.80
C PHE A 247 -12.88 -34.09 -10.20
N VAL A 248 -12.40 -34.45 -11.39
CA VAL A 248 -11.11 -33.98 -11.86
C VAL A 248 -11.14 -32.49 -12.17
N VAL A 249 -12.27 -31.99 -12.71
CA VAL A 249 -12.40 -30.56 -12.95
C VAL A 249 -12.45 -29.78 -11.64
N VAL A 250 -13.19 -30.29 -10.65
CA VAL A 250 -13.26 -29.65 -9.35
C VAL A 250 -11.88 -29.63 -8.69
N ASP A 251 -11.14 -30.74 -8.81
CA ASP A 251 -9.77 -30.76 -8.30
C ASP A 251 -8.85 -29.83 -9.08
N PHE A 252 -9.10 -29.63 -10.37
CA PHE A 252 -8.31 -28.67 -11.13
C PHE A 252 -8.53 -27.26 -10.61
N LEU A 253 -9.78 -26.90 -10.33
CA LEU A 253 -10.07 -25.59 -9.77
C LEU A 253 -9.46 -25.46 -8.37
N ILE A 254 -9.56 -26.52 -7.56
CA ILE A 254 -8.96 -26.51 -6.23
C ILE A 254 -7.44 -26.36 -6.31
N GLY A 255 -6.82 -27.03 -7.29
CA GLY A 255 -5.38 -26.95 -7.43
C GLY A 255 -4.90 -25.62 -7.95
N VAL A 256 -5.65 -24.99 -8.87
CA VAL A 256 -5.23 -23.68 -9.33
C VAL A 256 -5.46 -22.64 -8.23
N LEU A 257 -6.50 -22.82 -7.41
CA LEU A 257 -6.65 -21.97 -6.23
C LEU A 257 -5.52 -22.19 -5.24
N ILE A 258 -5.07 -23.43 -5.08
CA ILE A 258 -3.95 -23.73 -4.18
C ILE A 258 -2.67 -23.08 -4.68
N PHE A 259 -2.38 -23.21 -5.97
CA PHE A 259 -1.16 -22.63 -6.53
C PHE A 259 -1.20 -21.11 -6.45
N ALA A 260 -2.35 -20.50 -6.76
CA ALA A 260 -2.47 -19.05 -6.64
C ALA A 260 -2.35 -18.61 -5.19
N THR A 261 -2.89 -19.39 -4.25
CA THR A 261 -2.77 -19.07 -2.83
C THR A 261 -1.32 -19.12 -2.39
N ILE A 262 -0.57 -20.13 -2.83
CA ILE A 262 0.84 -20.24 -2.46
C ILE A 262 1.63 -19.07 -3.05
N VAL A 263 1.40 -18.76 -4.32
CA VAL A 263 2.15 -17.69 -4.98
C VAL A 263 1.82 -16.34 -4.35
N GLY A 264 0.53 -16.08 -4.09
CA GLY A 264 0.14 -14.82 -3.48
C GLY A 264 0.62 -14.69 -2.04
N ASN A 265 0.60 -15.78 -1.29
CA ASN A 265 1.10 -15.76 0.08
C ASN A 265 2.61 -15.51 0.12
N ILE A 266 3.35 -16.12 -0.80
CA ILE A 266 4.79 -15.91 -0.84
C ILE A 266 5.12 -14.49 -1.31
N GLY A 267 4.36 -13.96 -2.26
CA GLY A 267 4.55 -12.59 -2.67
C GLY A 267 4.24 -11.59 -1.57
N SER A 268 3.17 -11.85 -0.81
CA SER A 268 2.84 -11.00 0.33
C SER A 268 3.90 -11.10 1.42
N MET A 269 4.46 -12.30 1.61
CA MET A 269 5.56 -12.47 2.57
C MET A 269 6.78 -11.67 2.13
N ILE A 270 7.09 -11.69 0.84
CA ILE A 270 8.21 -10.92 0.30
C ILE A 270 8.00 -9.43 0.52
N SER A 271 6.78 -8.95 0.24
CA SER A 271 6.45 -7.54 0.47
C SER A 271 6.55 -7.19 1.95
N ASN A 272 6.09 -8.07 2.84
CA ASN A 272 6.16 -7.78 4.26
C ASN A 272 7.60 -7.78 4.76
N MET A 273 8.46 -8.63 4.20
CA MET A 273 9.86 -8.63 4.63
C MET A 273 10.59 -7.39 4.15
N ASN A 274 10.36 -6.96 2.90
CA ASN A 274 11.14 -5.87 2.35
C ASN A 274 10.38 -4.54 2.24
N ALA A 275 9.27 -4.40 2.98
CA ALA A 275 8.54 -3.13 2.96
C ALA A 275 9.38 -1.98 3.51
N ALA A 276 10.14 -2.23 4.58
CA ALA A 276 10.98 -1.19 5.17
C ALA A 276 12.08 -0.76 4.20
N ARG A 277 12.73 -1.74 3.56
CA ARG A 277 13.75 -1.42 2.57
C ARG A 277 13.16 -0.70 1.37
N ALA A 278 11.97 -1.10 0.94
CA ALA A 278 11.31 -0.44 -0.18
C ALA A 278 10.97 1.00 0.15
N GLU A 279 10.48 1.25 1.37
CA GLU A 279 10.16 2.63 1.77
C GLU A 279 11.43 3.47 1.87
N PHE A 280 12.49 2.92 2.45
CA PHE A 280 13.75 3.66 2.56
C PHE A 280 14.35 3.96 1.19
N GLN A 281 14.32 2.98 0.28
CA GLN A 281 14.82 3.22 -1.07
C GLN A 281 13.92 4.18 -1.85
N ALA A 282 12.62 4.16 -1.58
CA ALA A 282 11.71 5.12 -2.21
C ALA A 282 12.03 6.54 -1.76
N ARG A 283 12.31 6.73 -0.46
CA ARG A 283 12.67 8.07 0.00
C ARG A 283 14.05 8.48 -0.48
N ILE A 284 14.97 7.51 -0.66
CA ILE A 284 16.27 7.83 -1.25
C ILE A 284 16.10 8.27 -2.71
N ASP A 285 15.25 7.57 -3.47
CA ASP A 285 15.00 7.96 -4.84
C ASP A 285 14.32 9.31 -4.92
N ALA A 286 13.39 9.58 -4.00
CA ALA A 286 12.71 10.87 -3.98
C ALA A 286 13.67 12.00 -3.67
N ILE A 287 14.55 11.82 -2.68
CA ILE A 287 15.50 12.89 -2.36
C ILE A 287 16.55 13.03 -3.44
N LYS A 288 16.92 11.94 -4.12
CA LYS A 288 17.86 12.03 -5.24
C LYS A 288 17.25 12.80 -6.40
N GLN A 289 15.98 12.53 -6.70
CA GLN A 289 15.28 13.27 -7.75
C GLN A 289 15.12 14.74 -7.37
N TYR A 290 14.87 15.01 -6.09
CA TYR A 290 14.77 16.39 -5.63
C TYR A 290 16.10 17.13 -5.77
N MET A 291 17.21 16.48 -5.39
CA MET A 291 18.51 17.13 -5.49
C MET A 291 18.95 17.30 -6.93
N HIS A 292 18.64 16.33 -7.80
CA HIS A 292 19.00 16.46 -9.21
C HIS A 292 18.14 17.52 -9.90
N PHE A 293 16.87 17.65 -9.49
CA PHE A 293 15.99 18.64 -10.10
C PHE A 293 16.28 20.05 -9.62
N ARG A 294 16.68 20.22 -8.36
CA ARG A 294 16.90 21.53 -7.78
C ARG A 294 18.31 22.05 -7.98
N ASN A 295 19.13 21.33 -8.74
CA ASN A 295 20.54 21.68 -8.99
C ASN A 295 21.32 21.80 -7.68
N VAL A 296 21.07 20.87 -6.77
CA VAL A 296 21.82 20.80 -5.52
C VAL A 296 23.26 20.42 -5.83
N SER A 297 24.21 21.06 -5.15
CA SER A 297 25.62 20.83 -5.39
C SER A 297 26.01 19.38 -5.09
N LYS A 298 27.05 18.90 -5.80
CA LYS A 298 27.40 17.49 -5.76
C LYS A 298 27.90 17.07 -4.38
N ASP A 299 28.64 17.94 -3.69
CA ASP A 299 29.12 17.61 -2.35
C ASP A 299 27.97 17.42 -1.38
N MET A 300 26.97 18.30 -1.45
CA MET A 300 25.76 18.14 -0.63
C MET A 300 25.02 16.86 -0.97
N GLU A 301 24.93 16.52 -2.26
CA GLU A 301 24.24 15.30 -2.66
C GLU A 301 24.94 14.06 -2.10
N LYS A 302 26.27 14.02 -2.22
CA LYS A 302 27.02 12.89 -1.66
C LYS A 302 26.91 12.84 -0.15
N ARG A 303 26.86 14.01 0.51
CA ARG A 303 26.65 14.04 1.95
C ARG A 303 25.29 13.46 2.33
N VAL A 304 24.25 13.77 1.55
CA VAL A 304 22.91 13.24 1.84
C VAL A 304 22.87 11.73 1.65
N ILE A 305 23.45 11.22 0.56
CA ILE A 305 23.45 9.78 0.35
C ILE A 305 24.28 9.07 1.42
N LYS A 306 25.37 9.70 1.84
CA LYS A 306 26.22 9.12 2.87
C LYS A 306 25.46 9.07 4.20
N TRP A 307 24.70 10.13 4.48
CA TRP A 307 23.89 10.21 5.69
C TRP A 307 22.81 9.14 5.70
N PHE A 308 22.10 8.96 4.57
CA PHE A 308 21.07 7.93 4.52
C PHE A 308 21.66 6.52 4.57
N ASP A 309 22.84 6.32 3.99
CA ASP A 309 23.49 5.02 4.10
C ASP A 309 23.92 4.74 5.55
N TYR A 310 24.36 5.77 6.27
CA TYR A 310 24.65 5.62 7.69
C TYR A 310 23.40 5.31 8.48
N LEU A 311 22.27 5.95 8.12
CA LEU A 311 21.01 5.67 8.80
C LEU A 311 20.55 4.24 8.58
N TRP A 312 20.66 3.74 7.35
CA TRP A 312 20.22 2.37 7.06
C TRP A 312 21.18 1.34 7.65
N THR A 313 22.48 1.63 7.64
CA THR A 313 23.47 0.65 8.07
C THR A 313 23.42 0.44 9.58
N ASN A 314 23.25 1.51 10.35
CA ASN A 314 23.27 1.43 11.80
C ASN A 314 21.88 1.31 12.42
N LYS A 315 20.85 1.08 11.61
CA LYS A 315 19.49 0.81 12.06
C LYS A 315 18.93 1.95 12.93
N LYS A 316 18.97 3.15 12.36
CA LYS A 316 18.39 4.34 12.98
C LYS A 316 17.61 5.13 11.94
N THR A 317 16.82 4.43 11.13
CA THR A 317 16.18 5.04 9.96
C THR A 317 15.01 5.92 10.35
N VAL A 318 13.98 5.32 10.94
CA VAL A 318 12.75 6.04 11.24
C VAL A 318 12.99 6.97 12.42
N ASP A 319 12.40 8.16 12.37
CA ASP A 319 12.60 9.16 13.41
C ASP A 319 12.04 8.68 14.74
N GLU A 320 12.62 9.19 15.82
CA GLU A 320 12.21 8.79 17.17
C GLU A 320 10.76 9.17 17.45
N LYS A 321 10.35 10.37 17.03
CA LYS A 321 8.95 10.78 17.20
C LYS A 321 8.02 9.91 16.37
N GLU A 322 8.42 9.58 15.14
CA GLU A 322 7.61 8.70 14.31
C GLU A 322 7.51 7.30 14.91
N VAL A 323 8.61 6.81 15.48
CA VAL A 323 8.62 5.48 16.07
C VAL A 323 7.75 5.43 17.32
N LEU A 324 7.91 6.42 18.20
CA LEU A 324 7.26 6.41 19.50
C LEU A 324 5.88 7.05 19.51
N LYS A 325 5.41 7.58 18.37
CA LYS A 325 4.09 8.20 18.36
C LYS A 325 2.97 7.18 18.43
N TYR A 326 3.24 5.92 18.12
CA TYR A 326 2.25 4.86 18.27
C TYR A 326 2.07 4.43 19.70
N LEU A 327 3.04 4.71 20.56
CA LEU A 327 3.01 4.30 21.96
C LEU A 327 2.06 5.17 22.77
N PRO A 328 1.53 4.65 23.87
CA PRO A 328 0.80 5.50 24.81
C PRO A 328 1.76 6.46 25.51
N ASP A 329 1.18 7.54 26.03
CA ASP A 329 1.98 8.59 26.66
C ASP A 329 2.69 8.08 27.91
N LYS A 330 2.04 7.19 28.66
CA LYS A 330 2.65 6.65 29.87
C LYS A 330 3.87 5.78 29.56
N LEU A 331 3.72 4.83 28.64
CA LEU A 331 4.82 3.92 28.33
C LEU A 331 5.94 4.65 27.59
N ARG A 332 5.59 5.61 26.74
CA ARG A 332 6.60 6.44 26.10
C ARG A 332 7.34 7.28 27.12
N ALA A 333 6.64 7.77 28.15
CA ALA A 333 7.31 8.51 29.21
C ALA A 333 8.27 7.62 29.99
N GLU A 334 7.87 6.38 30.30
CA GLU A 334 8.77 5.46 30.98
C GLU A 334 9.97 5.09 30.10
N ILE A 335 9.78 5.03 28.79
CA ILE A 335 10.90 4.76 27.88
C ILE A 335 11.86 5.94 27.85
N ALA A 336 11.32 7.16 27.74
CA ALA A 336 12.16 8.35 27.66
C ALA A 336 12.92 8.60 28.95
N ILE A 337 12.28 8.36 30.10
CA ILE A 337 12.95 8.51 31.39
C ILE A 337 14.11 7.53 31.51
N ASN A 338 13.94 6.32 30.99
CA ASN A 338 14.99 5.30 31.03
C ASN A 338 16.19 5.72 30.18
N VAL A 339 15.98 6.51 29.14
CA VAL A 339 17.03 6.85 28.18
C VAL A 339 17.71 8.17 28.53
N HIS A 340 16.94 9.21 28.82
CA HIS A 340 17.49 10.56 28.87
C HIS A 340 17.62 11.14 30.28
N LEU A 341 16.94 10.59 31.29
CA LEU A 341 16.98 11.19 32.61
C LEU A 341 18.33 10.97 33.30
N ASP A 342 18.99 9.85 33.03
CA ASP A 342 20.30 9.61 33.63
C ASP A 342 21.35 10.58 33.14
N THR A 343 21.22 11.05 31.89
CA THR A 343 22.13 12.04 31.35
C THR A 343 21.66 13.48 31.60
N LEU A 344 20.46 13.67 32.15
CA LEU A 344 19.96 15.00 32.40
C LEU A 344 20.30 15.50 33.80
N LYS A 345 20.48 14.59 34.77
CA LYS A 345 20.89 15.00 36.10
C LYS A 345 22.35 15.43 36.15
N LYS A 346 23.13 15.10 35.12
CA LYS A 346 24.51 15.56 35.03
C LYS A 346 24.60 17.04 34.66
N VAL A 347 23.51 17.65 34.22
CA VAL A 347 23.51 19.07 33.87
C VAL A 347 23.64 19.90 35.14
N ARG A 348 24.48 20.93 35.08
CA ARG A 348 24.79 21.73 36.27
C ARG A 348 23.56 22.42 36.84
N ILE A 349 22.71 22.98 35.98
CA ILE A 349 21.53 23.68 36.48
C ILE A 349 20.44 22.68 36.88
N PHE A 350 20.33 21.56 36.19
CA PHE A 350 19.25 20.60 36.43
C PHE A 350 19.64 19.50 37.41
N ALA A 351 20.79 19.61 38.08
CA ALA A 351 21.24 18.56 38.98
C ALA A 351 20.39 18.47 40.23
N ASP A 352 20.06 19.62 40.82
CA ASP A 352 19.36 19.68 42.11
C ASP A 352 17.93 20.18 41.96
N CYS A 353 17.24 19.77 40.91
CA CYS A 353 15.86 20.18 40.68
C CYS A 353 14.91 19.04 41.02
N GLU A 354 13.61 19.38 41.02
CA GLU A 354 12.59 18.41 41.38
C GLU A 354 12.38 17.39 40.24
N ALA A 355 11.88 16.22 40.62
CA ALA A 355 11.77 15.11 39.67
C ALA A 355 10.74 15.36 38.58
N GLY A 356 9.63 16.05 38.91
CA GLY A 356 8.59 16.28 37.92
C GLY A 356 9.05 17.16 36.77
N LEU A 357 9.75 18.25 37.09
CA LEU A 357 10.32 19.10 36.06
C LEU A 357 11.38 18.35 35.26
N LEU A 358 12.13 17.46 35.92
CA LEU A 358 13.14 16.67 35.22
C LEU A 358 12.50 15.75 34.19
N VAL A 359 11.43 15.04 34.58
CA VAL A 359 10.79 14.13 33.62
C VAL A 359 10.05 14.92 32.54
N GLU A 360 9.54 16.11 32.86
CA GLU A 360 8.92 16.94 31.82
C GLU A 360 9.95 17.41 30.80
N LEU A 361 11.14 17.79 31.26
CA LEU A 361 12.21 18.13 30.32
C LEU A 361 12.71 16.92 29.56
N VAL A 362 12.66 15.73 30.15
CA VAL A 362 13.00 14.52 29.41
C VAL A 362 12.01 14.29 28.27
N LEU A 363 10.71 14.45 28.54
CA LEU A 363 9.73 14.28 27.48
C LEU A 363 9.76 15.43 26.46
N LYS A 364 10.17 16.62 26.87
CA LYS A 364 10.15 17.75 25.94
C LYS A 364 11.32 17.75 24.97
N LEU A 365 12.48 17.24 25.38
CA LEU A 365 13.64 17.21 24.50
C LEU A 365 13.43 16.24 23.34
N GLN A 366 13.87 16.65 22.16
CA GLN A 366 13.64 15.89 20.93
C GLN A 366 14.94 15.69 20.19
N PRO A 367 15.07 14.58 19.47
CA PRO A 367 16.38 14.24 18.87
C PRO A 367 16.72 15.10 17.67
N GLN A 368 18.02 15.14 17.38
CA GLN A 368 18.57 15.81 16.21
C GLN A 368 19.81 15.03 15.80
N VAL A 369 19.83 14.59 14.55
CA VAL A 369 20.99 13.89 13.99
C VAL A 369 21.80 14.88 13.16
N TYR A 370 23.12 14.74 13.21
CA TYR A 370 24.00 15.66 12.50
C TYR A 370 25.10 14.87 11.80
N SER A 371 25.25 15.11 10.50
CA SER A 371 26.33 14.52 9.73
C SER A 371 27.64 15.21 10.05
N PRO A 372 28.77 14.57 9.74
CA PRO A 372 30.06 15.25 9.89
C PRO A 372 30.15 16.51 9.04
N GLY A 373 30.78 17.54 9.60
CA GLY A 373 30.92 18.80 8.91
C GLY A 373 29.73 19.73 9.01
N ASP A 374 28.74 19.40 9.83
CA ASP A 374 27.58 20.26 10.03
C ASP A 374 27.76 21.09 11.28
N TYR A 375 27.59 22.41 11.14
CA TYR A 375 27.72 23.32 12.26
C TYR A 375 26.39 23.40 12.99
N ILE A 376 26.38 22.95 14.26
CA ILE A 376 25.14 22.94 15.01
C ILE A 376 24.70 24.35 15.38
N CYS A 377 25.64 25.19 15.79
CA CYS A 377 25.36 26.61 16.00
C CYS A 377 26.66 27.39 15.81
N LYS A 378 26.52 28.60 15.28
CA LYS A 378 27.65 29.46 14.98
C LYS A 378 27.75 30.59 16.01
N LYS A 379 28.86 31.32 15.95
CA LYS A 379 29.02 32.49 16.80
C LYS A 379 28.11 33.61 16.34
N GLY A 380 27.51 34.31 17.29
CA GLY A 380 26.56 35.36 16.99
C GLY A 380 25.15 34.87 16.72
N ASP A 381 24.94 33.56 16.73
CA ASP A 381 23.60 33.00 16.53
C ASP A 381 22.80 33.11 17.82
N ILE A 382 21.47 33.17 17.68
CA ILE A 382 20.60 33.29 18.83
C ILE A 382 20.40 31.91 19.46
N GLY A 383 20.53 31.84 20.78
CA GLY A 383 20.45 30.59 21.51
C GLY A 383 19.02 30.14 21.76
N ARG A 384 18.37 29.60 20.74
CA ARG A 384 16.97 29.21 20.86
C ARG A 384 16.81 27.93 21.67
N GLU A 385 17.76 26.99 21.56
CA GLU A 385 17.62 25.71 22.21
C GLU A 385 18.95 25.26 22.81
N MET A 386 18.85 24.50 23.89
CA MET A 386 19.99 23.85 24.53
C MET A 386 20.18 22.46 23.96
N TYR A 387 21.42 22.09 23.68
CA TYR A 387 21.74 20.82 23.07
C TYR A 387 22.51 19.96 24.07
N ILE A 388 22.05 18.73 24.28
CA ILE A 388 22.69 17.76 25.15
C ILE A 388 23.09 16.57 24.29
N ILE A 389 24.38 16.24 24.28
CA ILE A 389 24.88 15.21 23.38
C ILE A 389 24.85 13.84 24.08
N LYS A 390 24.32 12.85 23.37
CA LYS A 390 24.19 11.49 23.85
C LYS A 390 25.14 10.53 23.16
N GLU A 391 25.27 10.65 21.84
CA GLU A 391 26.17 9.81 21.04
C GLU A 391 26.85 10.74 20.02
N GLY A 392 27.99 11.30 20.41
CA GLY A 392 28.67 12.24 19.54
C GLY A 392 30.07 12.53 20.05
N LYS A 393 30.83 13.21 19.20
CA LYS A 393 32.23 13.57 19.45
C LYS A 393 32.47 15.02 19.07
N LEU A 394 31.64 15.91 19.60
CA LEU A 394 31.57 17.29 19.13
C LEU A 394 32.83 18.06 19.49
N ALA A 395 33.02 19.19 18.80
CA ALA A 395 34.13 20.07 19.08
C ALA A 395 33.66 21.52 19.07
N VAL A 396 34.40 22.36 19.77
CA VAL A 396 34.14 23.79 19.83
C VAL A 396 35.25 24.50 19.06
N VAL A 397 34.86 25.21 18.00
CA VAL A 397 35.79 25.93 17.14
C VAL A 397 35.38 27.40 17.12
N ALA A 398 36.37 28.27 16.97
CA ALA A 398 36.15 29.71 16.98
C ALA A 398 36.70 30.33 15.71
N ASP A 399 35.83 31.04 14.98
CA ASP A 399 36.19 31.85 13.81
C ASP A 399 36.79 31.03 12.68
N ASP A 400 37.98 30.46 12.90
CA ASP A 400 38.66 29.70 11.86
C ASP A 400 37.89 28.42 11.51
N GLY A 401 37.32 27.76 12.51
CA GLY A 401 36.57 26.55 12.29
C GLY A 401 37.36 25.26 12.41
N VAL A 402 38.68 25.34 12.53
CA VAL A 402 39.53 24.17 12.67
C VAL A 402 40.39 24.27 13.93
N THR A 403 40.05 25.18 14.85
CA THR A 403 40.86 25.37 16.04
C THR A 403 40.72 24.21 17.03
N GLN A 404 39.49 23.71 17.21
CA GLN A 404 39.16 22.60 18.11
C GLN A 404 39.61 22.91 19.54
N PHE A 405 38.93 23.93 20.12
CA PHE A 405 39.26 24.39 21.46
C PHE A 405 39.08 23.30 22.49
N VAL A 406 37.97 22.57 22.42
CA VAL A 406 37.69 21.48 23.36
C VAL A 406 36.74 20.51 22.66
N VAL A 407 36.83 19.23 23.05
CA VAL A 407 36.02 18.17 22.46
C VAL A 407 35.08 17.63 23.53
N LEU A 408 33.79 17.61 23.21
CA LEU A 408 32.76 17.10 24.10
C LEU A 408 32.35 15.71 23.64
N SER A 409 32.50 14.73 24.53
CA SER A 409 32.10 13.36 24.28
C SER A 409 30.78 13.07 24.97
N ASP A 410 30.35 11.80 24.96
CA ASP A 410 29.02 11.41 25.39
C ASP A 410 28.75 11.80 26.84
N GLY A 411 27.58 12.40 27.07
CA GLY A 411 27.21 12.90 28.37
C GLY A 411 27.40 14.38 28.59
N SER A 412 27.94 15.10 27.60
CA SER A 412 28.17 16.52 27.73
C SER A 412 26.98 17.32 27.21
N TYR A 413 27.09 18.64 27.26
CA TYR A 413 26.00 19.53 26.88
C TYR A 413 26.56 20.91 26.61
N PHE A 414 25.77 21.72 25.89
CA PHE A 414 26.11 23.12 25.66
C PHE A 414 24.85 23.88 25.35
N GLY A 415 24.94 25.21 25.42
CA GLY A 415 23.82 26.07 25.15
C GLY A 415 22.90 26.31 26.33
N GLU A 416 23.26 25.85 27.53
CA GLU A 416 22.41 26.04 28.70
C GLU A 416 22.43 27.49 29.18
N ILE A 417 23.47 28.26 28.85
CA ILE A 417 23.52 29.66 29.27
C ILE A 417 22.51 30.49 28.49
N SER A 418 22.37 30.22 27.18
CA SER A 418 21.56 31.07 26.34
C SER A 418 20.06 30.86 26.57
N ILE A 419 19.64 29.65 26.94
CA ILE A 419 18.22 29.40 27.14
C ILE A 419 17.72 30.11 28.40
N LEU A 420 18.59 30.29 29.40
CA LEU A 420 18.19 30.95 30.64
C LEU A 420 18.25 32.46 30.44
N ASN A 421 17.14 33.14 30.76
CA ASN A 421 17.07 34.59 30.64
C ASN A 421 17.78 35.21 31.85
N ILE A 422 19.11 35.19 31.79
CA ILE A 422 19.93 35.68 32.89
C ILE A 422 19.83 37.20 32.97
N LYS A 423 19.58 37.72 34.17
CA LYS A 423 19.46 39.15 34.38
C LYS A 423 20.83 39.80 34.28
N GLY A 424 21.19 40.27 33.09
CA GLY A 424 22.49 40.85 32.86
C GLY A 424 23.47 39.86 32.25
N SER A 425 23.75 40.00 30.95
CA SER A 425 24.66 39.11 30.26
C SER A 425 25.31 39.87 29.12
N LYS A 426 26.61 39.59 28.90
CA LYS A 426 27.34 40.24 27.82
C LYS A 426 26.81 39.80 26.46
N ALA A 427 26.48 38.53 26.31
CA ALA A 427 25.90 37.99 25.08
C ALA A 427 24.46 37.58 25.40
N GLY A 428 23.54 38.53 25.28
CA GLY A 428 22.15 38.28 25.60
C GLY A 428 21.47 37.38 24.59
N ASN A 429 21.15 36.16 25.01
CA ASN A 429 20.49 35.15 24.18
C ASN A 429 21.25 34.88 22.88
N ARG A 430 22.58 34.81 22.98
CA ARG A 430 23.43 34.61 21.83
C ARG A 430 24.46 33.53 22.12
N ARG A 431 24.81 32.77 21.08
CA ARG A 431 25.87 31.78 21.21
C ARG A 431 27.22 32.47 21.33
N THR A 432 28.17 31.77 21.95
CA THR A 432 29.49 32.33 22.19
C THR A 432 30.59 31.72 21.34
N ALA A 433 30.35 30.56 20.72
CA ALA A 433 31.39 29.92 19.92
C ALA A 433 30.73 28.99 18.90
N ASN A 434 31.51 28.62 17.89
CA ASN A 434 31.06 27.70 16.87
C ASN A 434 31.15 26.27 17.36
N ILE A 435 30.18 25.45 16.97
CA ILE A 435 30.13 24.04 17.35
C ILE A 435 30.13 23.20 16.09
N LYS A 436 31.02 22.20 16.05
CA LYS A 436 31.18 21.34 14.87
C LYS A 436 31.13 19.89 15.30
N SER A 437 30.82 19.02 14.34
CA SER A 437 30.76 17.58 14.57
C SER A 437 31.78 16.90 13.66
N ILE A 438 32.75 16.21 14.26
CA ILE A 438 33.74 15.48 13.46
C ILE A 438 33.11 14.27 12.80
N GLY A 439 32.26 13.55 13.53
CA GLY A 439 31.55 12.43 12.96
C GLY A 439 30.05 12.58 13.05
N TYR A 440 29.32 11.50 12.82
CA TYR A 440 27.88 11.52 13.00
C TYR A 440 27.54 11.62 14.48
N SER A 441 26.64 12.54 14.80
CA SER A 441 26.26 12.78 16.19
C SER A 441 24.74 12.78 16.32
N ASP A 442 24.25 12.16 17.39
CA ASP A 442 22.84 12.11 17.71
C ASP A 442 22.68 12.79 19.07
N LEU A 443 22.05 13.96 19.09
CA LEU A 443 22.00 14.78 20.28
C LEU A 443 20.61 15.39 20.41
N PHE A 444 20.18 15.59 21.66
CA PHE A 444 18.82 15.98 21.96
C PHE A 444 18.75 17.48 22.25
N CYS A 445 17.78 18.15 21.64
CA CYS A 445 17.60 19.58 21.81
C CYS A 445 16.36 19.86 22.66
N LEU A 446 16.46 20.92 23.44
CA LEU A 446 15.39 21.40 24.31
C LEU A 446 15.22 22.89 24.04
N SER A 447 14.10 23.27 23.44
CA SER A 447 13.90 24.66 23.07
C SER A 447 13.65 25.52 24.29
N LYS A 448 13.92 26.81 24.15
CA LYS A 448 13.67 27.75 25.24
C LYS A 448 12.18 27.86 25.55
N ASP A 449 11.34 27.78 24.51
CA ASP A 449 9.89 27.80 24.72
C ASP A 449 9.43 26.58 25.48
N ASP A 450 9.99 25.41 25.18
CA ASP A 450 9.63 24.19 25.90
C ASP A 450 10.13 24.24 27.34
N LEU A 451 11.22 24.95 27.61
CA LEU A 451 11.66 25.13 28.98
C LEU A 451 10.78 26.11 29.74
N MET A 452 10.40 27.22 29.07
CA MET A 452 9.54 28.21 29.72
C MET A 452 8.16 27.65 30.02
N GLU A 453 7.60 26.86 29.10
CA GLU A 453 6.29 26.27 29.34
C GLU A 453 6.35 25.21 30.45
N ALA A 454 7.47 24.48 30.54
CA ALA A 454 7.66 23.53 31.63
C ALA A 454 7.97 24.21 32.95
N LEU A 455 8.46 25.43 32.93
CA LEU A 455 8.80 26.17 34.15
C LEU A 455 7.67 27.05 34.66
N THR A 456 6.55 27.12 33.94
CA THR A 456 5.41 27.87 34.44
C THR A 456 4.75 27.17 35.62
N GLU A 457 4.72 25.83 35.59
CA GLU A 457 4.09 25.08 36.67
C GLU A 457 4.91 25.09 37.95
N TYR A 458 6.20 25.42 37.87
CA TYR A 458 7.09 25.43 39.03
C TYR A 458 7.64 26.84 39.23
N PRO A 459 7.09 27.63 40.15
CA PRO A 459 7.69 28.94 40.42
C PRO A 459 9.00 28.86 41.18
N ASP A 460 9.03 28.02 42.22
CA ASP A 460 10.24 27.89 43.03
C ASP A 460 11.40 27.31 42.23
N ALA A 461 11.12 26.30 41.40
CA ALA A 461 12.17 25.73 40.57
C ALA A 461 12.61 26.70 39.49
N LYS A 462 11.71 27.52 38.96
CA LYS A 462 12.10 28.56 38.01
C LYS A 462 13.04 29.57 38.65
N THR A 463 12.72 30.02 39.87
CA THR A 463 13.59 30.96 40.57
C THR A 463 14.93 30.31 40.91
N MET A 464 14.92 29.04 41.32
CA MET A 464 16.16 28.34 41.62
C MET A 464 17.02 28.19 40.38
N LEU A 465 16.41 27.85 39.24
CA LEU A 465 17.16 27.72 38.00
C LEU A 465 17.75 29.06 37.57
N GLU A 466 16.98 30.14 37.68
CA GLU A 466 17.49 31.47 37.32
C GLU A 466 18.65 31.88 38.23
N GLU A 467 18.51 31.63 39.53
CA GLU A 467 19.58 31.98 40.47
C GLU A 467 20.84 31.15 40.21
N LYS A 468 20.68 29.85 39.97
CA LYS A 468 21.84 28.99 39.77
C LYS A 468 22.53 29.27 38.44
N GLY A 469 21.74 29.56 37.40
CA GLY A 469 22.35 29.95 36.13
C GLY A 469 23.03 31.30 36.19
N LYS A 470 22.46 32.24 36.97
CA LYS A 470 23.02 33.58 37.05
C LYS A 470 24.39 33.58 37.73
N GLN A 471 24.60 32.72 38.71
CA GLN A 471 25.84 32.70 39.49
C GLN A 471 26.94 31.85 38.84
N ILE A 472 26.88 31.65 37.53
CA ILE A 472 27.88 30.82 36.86
C ILE A 472 28.48 31.56 35.66
N LEU A 473 27.88 32.71 35.30
CA LEU A 473 28.35 33.47 34.14
C LEU A 473 29.71 34.14 34.37
N MET A 474 30.11 34.33 35.63
CA MET A 474 31.38 35.01 35.88
C MET A 474 32.59 34.15 35.55
N LYS A 475 32.42 32.84 35.37
CA LYS A 475 33.52 31.96 35.00
C LYS A 475 33.10 31.03 33.87
N PRO B 204 45.28 3.20 -0.26
CA PRO B 204 44.40 3.28 0.89
C PRO B 204 44.85 2.50 2.13
N GLN B 205 45.40 3.22 3.11
CA GLN B 205 45.80 2.58 4.37
C GLN B 205 44.60 2.07 5.15
N SER B 206 43.43 2.67 4.94
CA SER B 206 42.20 2.21 5.59
C SER B 206 41.04 2.60 4.67
N ILE B 207 40.48 1.63 3.98
CA ILE B 207 39.41 1.87 3.02
C ILE B 207 38.10 2.02 3.76
N ASP B 208 37.25 2.92 3.29
CA ASP B 208 35.92 2.95 3.89
C ASP B 208 34.97 2.06 3.09
N PRO B 209 34.14 1.28 3.79
CA PRO B 209 33.26 0.32 3.09
C PRO B 209 32.20 0.98 2.23
N LEU B 210 31.86 2.25 2.49
CA LEU B 210 30.74 2.88 1.80
C LEU B 210 31.15 3.42 0.43
N THR B 211 32.05 4.39 0.41
CA THR B 211 32.51 5.04 -0.81
C THR B 211 33.80 4.39 -1.30
N ASN B 212 34.46 5.05 -2.27
CA ASN B 212 35.73 4.62 -2.84
C ASN B 212 35.60 3.23 -3.47
N LEU B 213 34.88 3.22 -4.59
CA LEU B 213 34.32 2.02 -5.23
C LEU B 213 35.34 0.95 -5.65
N MET B 214 36.63 1.20 -5.44
CA MET B 214 37.60 0.12 -5.60
C MET B 214 37.34 -1.01 -4.61
N TYR B 215 36.87 -0.66 -3.41
CA TYR B 215 36.41 -1.69 -2.47
C TYR B 215 35.22 -2.45 -3.02
N VAL B 216 34.33 -1.75 -3.74
CA VAL B 216 33.18 -2.42 -4.36
C VAL B 216 33.66 -3.37 -5.45
N LEU B 217 34.70 -2.98 -6.20
CA LEU B 217 35.26 -3.86 -7.22
C LEU B 217 35.90 -5.09 -6.59
N TRP B 218 36.64 -4.91 -5.50
CA TRP B 218 37.21 -6.06 -4.80
C TRP B 218 36.13 -6.97 -4.23
N LEU B 219 35.05 -6.36 -3.69
CA LEU B 219 33.96 -7.15 -3.16
C LEU B 219 33.21 -7.88 -4.26
N PHE B 220 33.15 -7.29 -5.46
CA PHE B 220 32.62 -8.00 -6.62
C PHE B 220 33.50 -9.19 -7.00
N PHE B 221 34.82 -9.03 -6.88
CA PHE B 221 35.72 -10.17 -7.10
C PHE B 221 35.48 -11.27 -6.08
N VAL B 222 35.28 -10.89 -4.82
CA VAL B 222 34.97 -11.86 -3.77
C VAL B 222 33.62 -12.53 -4.05
N VAL B 223 32.67 -11.77 -4.59
CA VAL B 223 31.37 -12.33 -4.94
C VAL B 223 31.50 -13.33 -6.09
N MET B 224 32.36 -13.05 -7.06
CA MET B 224 32.63 -14.02 -8.13
C MET B 224 33.29 -15.28 -7.58
N ALA B 225 34.22 -15.13 -6.63
CA ALA B 225 34.83 -16.30 -6.01
C ALA B 225 33.80 -17.13 -5.24
N TRP B 226 32.94 -16.46 -4.49
CA TRP B 226 31.89 -17.15 -3.74
C TRP B 226 30.86 -17.79 -4.66
N ASN B 227 30.56 -17.14 -5.79
CA ASN B 227 29.66 -17.73 -6.77
C ASN B 227 30.28 -18.95 -7.44
N TRP B 228 31.61 -18.92 -7.65
CA TRP B 228 32.30 -20.12 -8.10
C TRP B 228 32.16 -21.23 -7.07
N ASN B 229 32.40 -20.92 -5.79
CA ASN B 229 32.29 -21.92 -4.74
C ASN B 229 30.85 -22.38 -4.52
N CYS B 230 29.87 -21.63 -4.99
CA CYS B 230 28.47 -22.06 -4.91
C CYS B 230 28.04 -22.89 -6.11
N TRP B 231 28.46 -22.49 -7.31
CA TRP B 231 27.96 -23.11 -8.54
C TRP B 231 28.81 -24.29 -9.00
N LEU B 232 30.13 -24.15 -8.98
CA LEU B 232 31.00 -25.15 -9.57
C LEU B 232 31.30 -26.32 -8.63
N ILE B 233 30.86 -26.25 -7.39
CA ILE B 233 31.03 -27.36 -6.45
C ILE B 233 30.01 -28.48 -6.69
N PRO B 234 28.68 -28.22 -6.79
CA PRO B 234 27.78 -29.36 -7.04
C PRO B 234 27.94 -29.96 -8.44
N VAL B 235 28.32 -29.16 -9.44
CA VAL B 235 28.52 -29.72 -10.77
C VAL B 235 29.79 -30.56 -10.82
N ARG B 236 30.71 -30.37 -9.88
CA ARG B 236 31.85 -31.26 -9.75
C ARG B 236 31.56 -32.44 -8.85
N TRP B 237 30.62 -32.29 -7.91
CA TRP B 237 30.25 -33.38 -7.02
C TRP B 237 29.39 -34.42 -7.74
N ALA B 238 28.49 -33.97 -8.61
CA ALA B 238 27.62 -34.90 -9.33
C ALA B 238 28.18 -35.24 -10.71
N PHE B 239 28.35 -34.24 -11.56
CA PHE B 239 28.80 -34.46 -12.92
C PHE B 239 30.32 -34.67 -12.95
N PRO B 240 30.81 -35.50 -13.88
CA PRO B 240 32.24 -35.82 -13.91
C PRO B 240 33.06 -34.90 -14.83
N TYR B 241 33.08 -33.62 -14.51
CA TYR B 241 34.10 -32.73 -15.08
C TYR B 241 35.33 -32.61 -14.19
N GLN B 242 35.38 -33.28 -13.04
CA GLN B 242 36.59 -33.30 -12.23
C GLN B 242 37.44 -34.54 -12.57
N THR B 243 37.77 -34.63 -13.85
CA THR B 243 38.58 -35.72 -14.37
C THR B 243 40.06 -35.49 -14.03
N PRO B 244 40.85 -36.56 -13.97
CA PRO B 244 42.30 -36.39 -13.79
C PRO B 244 43.00 -35.62 -14.91
N ASP B 245 42.38 -35.55 -16.10
CA ASP B 245 42.99 -34.80 -17.19
C ASP B 245 43.00 -33.29 -16.90
N ASN B 246 41.96 -32.79 -16.24
CA ASN B 246 41.82 -31.36 -15.98
C ASN B 246 41.66 -31.06 -14.50
N ILE B 247 42.16 -31.96 -13.63
CA ILE B 247 42.05 -31.74 -12.19
C ILE B 247 42.89 -30.54 -11.75
N HIS B 248 44.00 -30.27 -12.45
CA HIS B 248 44.87 -29.16 -12.09
C HIS B 248 44.19 -27.82 -12.32
N HIS B 249 43.37 -27.70 -13.36
CA HIS B 249 42.62 -26.46 -13.57
C HIS B 249 41.63 -26.20 -12.45
N TRP B 250 40.89 -27.23 -12.04
CA TRP B 250 39.92 -27.08 -10.96
C TRP B 250 40.62 -26.73 -9.65
N LEU B 251 41.74 -27.41 -9.34
CA LEU B 251 42.47 -27.10 -8.12
C LEU B 251 43.09 -25.72 -8.16
N LEU B 252 43.57 -25.29 -9.34
CA LEU B 252 44.15 -23.95 -9.47
C LEU B 252 43.11 -22.88 -9.24
N MET B 253 41.92 -23.03 -9.83
CA MET B 253 40.90 -22.01 -9.65
C MET B 253 40.32 -22.05 -8.24
N ASP B 254 40.21 -23.24 -7.63
CA ASP B 254 39.76 -23.34 -6.24
C ASP B 254 40.77 -22.69 -5.29
N TYR B 255 42.06 -22.89 -5.53
CA TYR B 255 43.08 -22.26 -4.71
C TYR B 255 43.13 -20.75 -4.95
N LEU B 256 42.81 -20.31 -6.17
CA LEU B 256 42.70 -18.87 -6.42
C LEU B 256 41.53 -18.27 -5.64
N CYS B 257 40.40 -18.98 -5.58
CA CYS B 257 39.27 -18.52 -4.77
C CYS B 257 39.61 -18.52 -3.29
N ASP B 258 40.35 -19.54 -2.83
CA ASP B 258 40.80 -19.56 -1.43
C ASP B 258 41.77 -18.42 -1.14
N LEU B 259 42.63 -18.09 -2.09
CA LEU B 259 43.54 -16.96 -1.95
C LEU B 259 42.77 -15.65 -1.90
N ILE B 260 41.71 -15.53 -2.71
CA ILE B 260 40.84 -14.35 -2.64
C ILE B 260 40.17 -14.25 -1.28
N TYR B 261 39.70 -15.38 -0.75
CA TYR B 261 39.09 -15.42 0.58
C TYR B 261 40.08 -14.98 1.65
N PHE B 262 41.29 -15.53 1.62
CA PHE B 262 42.31 -15.19 2.61
C PHE B 262 42.74 -13.74 2.49
N LEU B 263 42.86 -13.22 1.26
CA LEU B 263 43.22 -11.83 1.04
C LEU B 263 42.13 -10.90 1.56
N ASP B 264 40.87 -11.27 1.35
CA ASP B 264 39.76 -10.48 1.89
C ASP B 264 39.76 -10.49 3.41
N ILE B 265 40.09 -11.63 4.01
CA ILE B 265 40.18 -11.72 5.46
C ILE B 265 41.30 -10.84 5.99
N THR B 266 42.46 -10.90 5.35
CA THR B 266 43.66 -10.28 5.90
C THR B 266 43.74 -8.78 5.58
N VAL B 267 43.80 -8.44 4.29
CA VAL B 267 44.23 -7.10 3.89
C VAL B 267 43.09 -6.25 3.34
N PHE B 268 41.85 -6.73 3.42
CA PHE B 268 40.73 -5.91 2.98
C PHE B 268 39.68 -5.68 4.05
N GLN B 269 39.23 -6.73 4.73
CA GLN B 269 38.22 -6.56 5.76
C GLN B 269 38.77 -5.97 7.05
N THR B 270 40.08 -6.09 7.28
CA THR B 270 40.66 -5.55 8.50
C THR B 270 40.78 -4.04 8.46
N ARG B 271 41.14 -3.48 7.30
CA ARG B 271 41.32 -2.03 7.19
C ARG B 271 40.05 -1.32 6.74
N LEU B 272 38.95 -1.58 7.44
CA LEU B 272 37.67 -0.93 7.18
C LEU B 272 37.40 0.11 8.25
N GLN B 273 37.15 1.34 7.82
CA GLN B 273 36.77 2.42 8.74
C GLN B 273 35.45 2.06 9.41
N PHE B 274 35.39 2.18 10.73
CA PHE B 274 34.17 1.77 11.42
C PHE B 274 33.73 2.85 12.40
N VAL B 275 32.42 3.00 12.54
CA VAL B 275 31.86 4.02 13.42
C VAL B 275 31.69 3.43 14.82
N ARG B 276 32.28 4.11 15.80
CA ARG B 276 32.13 3.78 17.21
C ARG B 276 31.59 5.01 17.91
N GLY B 277 30.43 4.87 18.56
CA GLY B 277 29.77 6.00 19.18
C GLY B 277 29.38 7.10 18.21
N GLY B 278 29.23 6.77 16.93
CA GLY B 278 28.98 7.75 15.90
C GLY B 278 30.23 8.36 15.30
N ASP B 279 31.42 8.08 15.85
CA ASP B 279 32.66 8.67 15.37
C ASP B 279 33.36 7.70 14.43
N ILE B 280 33.82 8.21 13.29
CA ILE B 280 34.56 7.39 12.34
C ILE B 280 35.93 7.05 12.93
N ILE B 281 36.27 5.77 12.93
CA ILE B 281 37.49 5.26 13.54
C ILE B 281 38.32 4.61 12.46
N THR B 282 39.58 5.03 12.36
CA THR B 282 40.46 4.78 11.21
C THR B 282 41.88 4.46 11.68
N ASP B 283 42.01 3.57 12.66
CA ASP B 283 43.33 3.12 13.10
C ASP B 283 43.35 1.59 13.19
N LYS B 284 44.50 1.01 12.86
CA LYS B 284 44.60 -0.43 12.65
C LYS B 284 44.32 -1.22 13.93
N LYS B 285 44.83 -0.74 15.06
CA LYS B 285 44.70 -1.45 16.32
C LYS B 285 43.24 -1.56 16.78
N ASP B 286 42.39 -0.63 16.34
CA ASP B 286 40.97 -0.68 16.65
C ASP B 286 40.15 -1.32 15.54
N MET B 287 40.53 -1.11 14.27
CA MET B 287 39.81 -1.73 13.16
C MET B 287 39.95 -3.24 13.19
N ARG B 288 41.14 -3.75 13.52
CA ARG B 288 41.35 -5.19 13.57
C ARG B 288 40.50 -5.83 14.68
N ASN B 289 40.44 -5.18 15.85
CA ASN B 289 39.64 -5.71 16.94
C ASN B 289 38.15 -5.62 16.63
N ASN B 290 37.73 -4.53 15.98
CA ASN B 290 36.32 -4.38 15.60
C ASN B 290 35.92 -5.44 14.58
N TYR B 291 36.80 -5.73 13.62
CA TYR B 291 36.52 -6.80 12.66
C TYR B 291 36.49 -8.16 13.35
N LEU B 292 37.42 -8.40 14.28
CA LEU B 292 37.47 -9.67 14.98
C LEU B 292 36.20 -9.90 15.81
N LYS B 293 35.69 -8.85 16.46
CA LYS B 293 34.48 -8.99 17.26
C LYS B 293 33.24 -9.25 16.42
N SER B 294 33.25 -8.85 15.15
CA SER B 294 32.08 -8.97 14.29
C SER B 294 31.82 -10.43 13.89
N ARG B 295 30.56 -10.71 13.56
CA ARG B 295 30.18 -12.02 13.04
C ARG B 295 30.74 -12.28 11.66
N ARG B 296 31.10 -11.22 10.93
CA ARG B 296 31.66 -11.35 9.59
C ARG B 296 32.97 -12.11 9.62
N PHE B 297 33.83 -11.82 10.60
CA PHE B 297 35.09 -12.57 10.73
C PHE B 297 34.85 -14.00 11.15
N LYS B 298 33.83 -14.25 11.97
CA LYS B 298 33.50 -15.63 12.34
C LYS B 298 33.09 -16.44 11.12
N MET B 299 32.23 -15.86 10.27
CA MET B 299 31.84 -16.55 9.04
C MET B 299 33.00 -16.66 8.07
N ASP B 300 33.89 -15.66 8.04
CA ASP B 300 35.07 -15.74 7.18
C ASP B 300 36.01 -16.86 7.61
N LEU B 301 36.19 -17.04 8.93
CA LEU B 301 36.99 -18.15 9.43
C LEU B 301 36.33 -19.49 9.14
N LEU B 302 35.00 -19.57 9.31
CA LEU B 302 34.29 -20.81 9.04
C LEU B 302 34.26 -21.13 7.55
N SER B 303 34.41 -20.13 6.68
CA SER B 303 34.39 -20.33 5.24
C SER B 303 35.73 -20.74 4.66
N LEU B 304 36.77 -20.83 5.48
CA LEU B 304 38.09 -21.24 5.00
C LEU B 304 38.64 -22.43 5.79
N LEU B 305 37.75 -23.24 6.36
CA LEU B 305 38.21 -24.41 7.09
C LEU B 305 38.56 -25.50 6.07
N PRO B 306 39.81 -25.98 6.06
CA PRO B 306 40.27 -26.81 4.94
C PRO B 306 39.72 -28.24 4.92
N LEU B 307 39.00 -28.65 5.97
CA LEU B 307 38.53 -30.03 6.16
C LEU B 307 39.69 -31.04 6.10
N VAL B 316 39.85 -35.09 -2.51
CA VAL B 316 39.56 -34.93 -3.92
C VAL B 316 38.07 -34.64 -4.09
N ASN B 317 37.30 -34.95 -3.06
CA ASN B 317 35.86 -34.71 -3.09
C ASN B 317 35.59 -33.22 -2.97
N PRO B 318 34.82 -32.63 -3.90
CA PRO B 318 34.51 -31.18 -3.80
C PRO B 318 33.57 -30.83 -2.67
N LEU B 319 32.95 -31.80 -2.01
CA LEU B 319 32.15 -31.51 -0.82
C LEU B 319 33.00 -31.07 0.36
N LEU B 320 34.32 -31.26 0.31
CA LEU B 320 35.19 -30.66 1.30
C LEU B 320 35.23 -29.15 1.20
N ARG B 321 34.90 -28.59 0.02
CA ARG B 321 34.80 -27.15 -0.16
C ARG B 321 33.36 -26.66 0.01
N LEU B 322 32.52 -27.42 0.69
CA LEU B 322 31.17 -26.95 1.01
C LEU B 322 31.13 -25.70 1.89
N PRO B 323 31.93 -25.55 2.96
CA PRO B 323 31.88 -24.29 3.72
C PRO B 323 32.39 -23.07 2.98
N ARG B 324 33.03 -23.24 1.81
CA ARG B 324 33.46 -22.09 1.01
C ARG B 324 32.29 -21.25 0.54
N CYS B 325 31.08 -21.82 0.49
CA CYS B 325 29.88 -21.08 0.14
C CYS B 325 29.29 -20.33 1.32
N LEU B 326 29.89 -20.44 2.50
CA LEU B 326 29.36 -19.81 3.71
C LEU B 326 29.71 -18.33 3.82
N LYS B 327 30.48 -17.78 2.88
CA LYS B 327 30.76 -16.35 2.86
C LYS B 327 29.69 -15.63 2.06
N TYR B 328 28.48 -15.61 2.62
CA TYR B 328 27.35 -14.95 1.98
C TYR B 328 27.17 -13.51 2.43
N MET B 329 27.81 -13.10 3.53
CA MET B 329 27.71 -11.71 3.96
C MET B 329 28.41 -10.78 2.99
N ALA B 330 29.49 -11.24 2.36
CA ALA B 330 30.15 -10.43 1.33
C ALA B 330 29.22 -10.21 0.14
N PHE B 331 28.44 -11.23 -0.23
CA PHE B 331 27.46 -11.09 -1.30
C PHE B 331 26.39 -10.06 -0.95
N PHE B 332 25.92 -10.09 0.30
CA PHE B 332 24.89 -9.13 0.71
C PHE B 332 25.44 -7.71 0.77
N GLU B 333 26.69 -7.56 1.22
CA GLU B 333 27.33 -6.24 1.21
C GLU B 333 27.50 -5.72 -0.20
N PHE B 334 27.91 -6.58 -1.13
CA PHE B 334 28.06 -6.16 -2.52
C PHE B 334 26.70 -5.84 -3.14
N ASN B 335 25.66 -6.58 -2.77
CA ASN B 335 24.30 -6.28 -3.25
C ASN B 335 23.86 -4.90 -2.77
N SER B 336 24.09 -4.61 -1.48
CA SER B 336 23.73 -3.30 -0.94
C SER B 336 24.50 -2.19 -1.61
N ARG B 337 25.81 -2.39 -1.84
CA ARG B 337 26.61 -1.35 -2.46
C ARG B 337 26.22 -1.13 -3.91
N LEU B 338 25.96 -2.19 -4.66
CA LEU B 338 25.53 -2.04 -6.04
C LEU B 338 24.13 -1.43 -6.14
N GLU B 339 23.28 -1.71 -5.14
CA GLU B 339 21.98 -1.05 -5.07
C GLU B 339 22.13 0.45 -4.83
N SER B 340 23.06 0.83 -3.95
CA SER B 340 23.22 2.25 -3.62
C SER B 340 23.95 3.02 -4.72
N ILE B 341 24.84 2.35 -5.47
CA ILE B 341 25.65 3.04 -6.46
C ILE B 341 24.80 3.53 -7.63
N LEU B 342 23.99 2.63 -8.19
CA LEU B 342 23.32 2.89 -9.46
C LEU B 342 21.83 3.11 -9.26
N SER B 343 21.29 4.08 -9.98
CA SER B 343 19.85 4.29 -10.01
C SER B 343 19.19 3.17 -10.79
N LYS B 344 17.87 3.03 -10.59
CA LYS B 344 17.08 1.91 -11.10
C LYS B 344 17.68 0.58 -10.66
N ALA B 345 17.76 0.42 -9.33
CA ALA B 345 18.29 -0.80 -8.74
C ALA B 345 17.36 -1.99 -8.87
N TYR B 346 16.11 -1.76 -9.30
CA TYR B 346 15.19 -2.87 -9.50
C TYR B 346 15.65 -3.77 -10.65
N VAL B 347 16.40 -3.24 -11.60
CA VAL B 347 16.97 -4.07 -12.65
C VAL B 347 17.96 -5.08 -12.06
N TYR B 348 18.83 -4.61 -11.16
CA TYR B 348 19.75 -5.51 -10.49
C TYR B 348 19.02 -6.46 -9.55
N ARG B 349 17.91 -6.02 -8.96
CA ARG B 349 17.11 -6.93 -8.13
C ARG B 349 16.50 -8.05 -8.98
N VAL B 350 16.03 -7.71 -10.19
CA VAL B 350 15.52 -8.71 -11.12
C VAL B 350 16.62 -9.69 -11.51
N ILE B 351 17.81 -9.16 -11.82
CA ILE B 351 18.94 -10.02 -12.19
C ILE B 351 19.33 -10.93 -11.02
N ARG B 352 19.29 -10.41 -9.80
CA ARG B 352 19.67 -11.18 -8.63
C ARG B 352 18.65 -12.28 -8.34
N THR B 353 17.36 -11.98 -8.45
CA THR B 353 16.34 -13.02 -8.25
C THR B 353 16.42 -14.07 -9.35
N THR B 354 16.70 -13.66 -10.58
CA THR B 354 16.90 -14.61 -11.67
C THR B 354 18.12 -15.49 -11.40
N ALA B 355 19.18 -14.90 -10.85
CA ALA B 355 20.36 -15.68 -10.49
C ALA B 355 20.06 -16.69 -9.40
N TYR B 356 19.23 -16.31 -8.42
CA TYR B 356 18.78 -17.26 -7.41
C TYR B 356 17.97 -18.40 -8.03
N LEU B 357 17.10 -18.09 -9.00
CA LEU B 357 16.29 -19.16 -9.59
C LEU B 357 17.14 -20.07 -10.48
N LEU B 358 18.09 -19.50 -11.23
CA LEU B 358 19.05 -20.32 -11.96
C LEU B 358 19.88 -21.19 -11.02
N TYR B 359 20.25 -20.66 -9.85
CA TYR B 359 21.01 -21.47 -8.90
C TYR B 359 20.16 -22.59 -8.32
N SER B 360 18.88 -22.32 -8.07
CA SER B 360 17.98 -23.37 -7.61
C SER B 360 17.83 -24.47 -8.65
N LEU B 361 17.69 -24.08 -9.92
CA LEU B 361 17.61 -25.06 -11.00
C LEU B 361 18.92 -25.81 -11.17
N HIS B 362 20.05 -25.13 -10.96
CA HIS B 362 21.36 -25.77 -11.02
C HIS B 362 21.54 -26.81 -9.92
N LEU B 363 21.12 -26.46 -8.70
CA LEU B 363 21.18 -27.42 -7.59
C LEU B 363 20.25 -28.60 -7.85
N ASN B 364 19.05 -28.32 -8.38
CA ASN B 364 18.13 -29.41 -8.72
C ASN B 364 18.70 -30.31 -9.79
N SER B 365 19.38 -29.73 -10.80
CA SER B 365 20.00 -30.51 -11.85
C SER B 365 21.11 -31.39 -11.31
N CYS B 366 21.94 -30.84 -10.43
CA CYS B 366 23.01 -31.64 -9.83
C CYS B 366 22.46 -32.76 -8.95
N LEU B 367 21.40 -32.48 -8.19
CA LEU B 367 20.76 -33.50 -7.37
C LEU B 367 20.13 -34.58 -8.24
N TYR B 368 19.51 -34.19 -9.35
CA TYR B 368 18.90 -35.16 -10.26
C TYR B 368 19.96 -36.04 -10.90
N TYR B 369 21.10 -35.46 -11.27
CA TYR B 369 22.18 -36.28 -11.85
C TYR B 369 22.79 -37.21 -10.81
N TRP B 370 22.91 -36.76 -9.57
CA TRP B 370 23.43 -37.63 -8.52
C TRP B 370 22.47 -38.76 -8.22
N ALA B 371 21.16 -38.48 -8.22
CA ALA B 371 20.16 -39.52 -8.00
C ALA B 371 19.91 -40.37 -9.23
N SER B 372 20.40 -39.96 -10.40
CA SER B 372 20.23 -40.76 -11.60
C SER B 372 21.09 -42.03 -11.57
N ALA B 373 22.22 -41.99 -10.85
CA ALA B 373 23.06 -43.16 -10.70
C ALA B 373 22.57 -44.11 -9.62
N TYR B 374 21.53 -43.74 -8.88
CA TYR B 374 21.00 -44.59 -7.83
C TYR B 374 19.61 -45.11 -8.18
N ASN B 389 26.73 -34.03 -23.32
CA ASN B 389 26.79 -32.98 -22.32
C ASN B 389 26.36 -33.50 -20.96
N SER B 390 25.09 -33.93 -20.89
CA SER B 390 24.40 -34.53 -19.74
C SER B 390 24.17 -33.54 -18.60
N TYR B 391 24.66 -32.30 -18.70
CA TYR B 391 24.32 -31.29 -17.70
C TYR B 391 23.10 -30.48 -18.12
N ILE B 392 23.02 -30.09 -19.40
CA ILE B 392 21.86 -29.37 -19.88
C ILE B 392 20.64 -30.26 -19.93
N ARG B 393 20.82 -31.58 -20.06
CA ARG B 393 19.68 -32.50 -20.01
C ARG B 393 19.08 -32.56 -18.61
N CYS B 394 19.93 -32.69 -17.59
CA CYS B 394 19.46 -32.65 -16.22
C CYS B 394 18.91 -31.28 -15.85
N TYR B 395 19.49 -30.21 -16.42
CA TYR B 395 18.93 -28.89 -16.21
C TYR B 395 17.54 -28.75 -16.82
N TYR B 396 17.34 -29.31 -18.02
CA TYR B 396 16.02 -29.32 -18.64
C TYR B 396 15.03 -30.09 -17.79
N PHE B 397 15.45 -31.22 -17.24
CA PHE B 397 14.58 -31.97 -16.34
C PHE B 397 14.28 -31.19 -15.06
N ALA B 398 15.25 -30.40 -14.59
CA ALA B 398 15.03 -29.59 -13.38
C ALA B 398 14.03 -28.47 -13.63
N VAL B 399 14.15 -27.79 -14.77
CA VAL B 399 13.21 -26.71 -15.07
C VAL B 399 11.83 -27.28 -15.40
N LYS B 400 11.77 -28.42 -16.09
CA LYS B 400 10.50 -29.04 -16.41
C LYS B 400 9.77 -29.51 -15.15
N THR B 401 10.50 -29.96 -14.15
CA THR B 401 9.92 -30.40 -12.88
C THR B 401 10.03 -29.34 -11.78
N LEU B 402 10.17 -28.07 -12.15
CA LEU B 402 10.26 -27.02 -11.14
C LEU B 402 8.94 -26.89 -10.37
N ILE B 403 7.82 -26.80 -11.08
CA ILE B 403 6.50 -26.80 -10.48
C ILE B 403 5.68 -28.01 -10.89
N THR B 404 6.31 -29.02 -11.47
CA THR B 404 5.66 -30.26 -11.89
C THR B 404 6.31 -31.41 -11.14
N ILE B 405 5.48 -32.31 -10.59
CA ILE B 405 6.01 -33.52 -9.96
C ILE B 405 5.92 -34.72 -10.89
N GLY B 406 5.19 -34.60 -12.00
CA GLY B 406 4.96 -35.74 -12.88
C GLY B 406 6.21 -36.27 -13.56
N GLY B 407 7.16 -35.37 -13.86
CA GLY B 407 8.39 -35.80 -14.53
C GLY B 407 9.20 -36.76 -13.68
N LEU B 408 9.19 -36.58 -12.37
CA LEU B 408 9.87 -37.48 -11.45
C LEU B 408 9.20 -38.85 -11.46
N PRO B 409 9.95 -39.93 -11.21
CA PRO B 409 9.35 -41.26 -11.17
C PRO B 409 8.39 -41.44 -10.00
N ASP B 410 7.44 -42.35 -10.19
CA ASP B 410 6.36 -42.54 -9.23
C ASP B 410 6.87 -43.11 -7.91
N PRO B 411 6.35 -42.65 -6.77
CA PRO B 411 6.76 -43.17 -5.46
C PRO B 411 5.95 -44.36 -4.98
N LYS B 412 6.62 -45.40 -4.49
CA LYS B 412 5.93 -46.55 -3.90
C LYS B 412 5.96 -46.55 -2.38
N THR B 413 6.56 -45.54 -1.73
CA THR B 413 6.66 -45.49 -0.27
C THR B 413 6.27 -44.12 0.24
N LEU B 414 6.02 -44.05 1.56
CA LEU B 414 5.75 -42.77 2.21
C LEU B 414 6.98 -41.85 2.14
N PHE B 415 8.17 -42.42 2.35
CA PHE B 415 9.41 -41.64 2.36
C PHE B 415 9.66 -40.98 1.01
N GLU B 416 9.41 -41.73 -0.07
CA GLU B 416 9.61 -41.20 -1.41
C GLU B 416 8.61 -40.09 -1.74
N ILE B 417 7.35 -40.22 -1.31
CA ILE B 417 6.41 -39.14 -1.57
C ILE B 417 6.70 -37.94 -0.68
N VAL B 418 7.30 -38.15 0.50
CA VAL B 418 7.74 -36.99 1.29
C VAL B 418 8.82 -36.21 0.56
N PHE B 419 9.83 -36.89 0.01
CA PHE B 419 10.82 -36.15 -0.77
C PHE B 419 10.26 -35.57 -2.06
N GLN B 420 9.34 -36.26 -2.72
CA GLN B 420 8.76 -35.71 -3.94
C GLN B 420 7.95 -34.44 -3.65
N LEU B 421 7.18 -34.46 -2.56
CA LEU B 421 6.45 -33.27 -2.14
C LEU B 421 7.40 -32.16 -1.73
N LEU B 422 8.52 -32.52 -1.07
CA LEU B 422 9.51 -31.51 -0.71
C LEU B 422 10.14 -30.87 -1.94
N ASN B 423 10.43 -31.67 -2.97
CA ASN B 423 10.97 -31.14 -4.22
C ASN B 423 9.98 -30.21 -4.89
N TYR B 424 8.71 -30.63 -4.95
CA TYR B 424 7.66 -29.80 -5.53
C TYR B 424 7.51 -28.49 -4.77
N PHE B 425 7.53 -28.55 -3.45
CA PHE B 425 7.32 -27.36 -2.63
C PHE B 425 8.50 -26.41 -2.74
N THR B 426 9.73 -26.94 -2.79
CA THR B 426 10.90 -26.07 -2.97
C THR B 426 10.89 -25.41 -4.34
N GLY B 427 10.51 -26.15 -5.38
CA GLY B 427 10.43 -25.54 -6.69
C GLY B 427 9.35 -24.49 -6.79
N VAL B 428 8.20 -24.74 -6.16
CA VAL B 428 7.12 -23.75 -6.15
C VAL B 428 7.51 -22.55 -5.30
N PHE B 429 8.27 -22.76 -4.22
CA PHE B 429 8.80 -21.64 -3.46
C PHE B 429 9.73 -20.78 -4.30
N ALA B 430 10.60 -21.41 -5.09
CA ALA B 430 11.49 -20.65 -5.97
C ALA B 430 10.69 -19.89 -7.04
N PHE B 431 9.70 -20.56 -7.64
CA PHE B 431 8.88 -19.93 -8.68
C PHE B 431 8.06 -18.77 -8.12
N SER B 432 7.52 -18.94 -6.91
CA SER B 432 6.72 -17.89 -6.29
C SER B 432 7.58 -16.75 -5.76
N VAL B 433 8.82 -17.03 -5.36
CA VAL B 433 9.76 -15.95 -5.05
C VAL B 433 10.08 -15.16 -6.30
N MET B 434 10.25 -15.85 -7.43
CA MET B 434 10.44 -15.19 -8.73
C MET B 434 9.27 -14.26 -9.05
N ILE B 435 8.04 -14.80 -8.95
CA ILE B 435 6.84 -14.02 -9.27
C ILE B 435 6.64 -12.88 -8.29
N GLY B 436 6.85 -13.13 -6.99
CA GLY B 436 6.66 -12.10 -6.00
C GLY B 436 7.69 -10.99 -6.08
N GLN B 437 8.93 -11.34 -6.42
CA GLN B 437 9.95 -10.32 -6.62
C GLN B 437 9.67 -9.51 -7.88
N MET B 438 9.12 -10.15 -8.92
CA MET B 438 8.72 -9.39 -10.10
C MET B 438 7.56 -8.44 -9.79
N ARG B 439 6.60 -8.91 -8.98
CA ARG B 439 5.51 -8.05 -8.54
C ARG B 439 6.02 -6.90 -7.69
N ASP B 440 6.99 -7.17 -6.82
CA ASP B 440 7.61 -6.14 -6.00
C ASP B 440 8.32 -5.11 -6.86
N VAL B 441 9.08 -5.57 -7.86
CA VAL B 441 9.81 -4.67 -8.75
C VAL B 441 8.84 -3.80 -9.54
N VAL B 442 7.76 -4.41 -10.05
CA VAL B 442 6.76 -3.66 -10.80
C VAL B 442 6.06 -2.63 -9.92
N GLY B 443 5.71 -3.02 -8.69
CA GLY B 443 5.05 -2.10 -7.79
C GLY B 443 5.92 -0.96 -7.35
N ALA B 444 7.19 -1.24 -7.05
CA ALA B 444 8.11 -0.18 -6.63
C ALA B 444 8.47 0.75 -7.78
N ALA B 445 8.66 0.18 -8.98
CA ALA B 445 9.02 0.99 -10.14
C ALA B 445 7.86 1.82 -10.66
N THR B 446 6.62 1.45 -10.32
CA THR B 446 5.44 2.19 -10.74
C THR B 446 4.64 2.74 -9.57
N ALA B 447 5.25 2.83 -8.38
CA ALA B 447 4.55 3.38 -7.21
C ALA B 447 4.29 4.87 -7.38
N GLY B 448 5.30 5.61 -7.82
CA GLY B 448 5.12 7.04 -8.03
C GLY B 448 4.15 7.34 -9.16
N GLN B 449 4.24 6.57 -10.26
CA GLN B 449 3.32 6.75 -11.37
C GLN B 449 1.89 6.43 -10.95
N THR B 450 1.69 5.37 -10.16
CA THR B 450 0.36 5.04 -9.66
C THR B 450 -0.17 6.12 -8.73
N TYR B 451 0.69 6.65 -7.85
CA TYR B 451 0.26 7.69 -6.93
C TYR B 451 -0.11 8.96 -7.67
N TYR B 452 0.68 9.36 -8.67
CA TYR B 452 0.37 10.54 -9.46
C TYR B 452 -0.91 10.35 -10.26
N ARG B 453 -1.10 9.16 -10.84
CA ARG B 453 -2.31 8.88 -11.59
C ARG B 453 -3.53 8.88 -10.69
N SER B 454 -3.41 8.34 -9.48
CA SER B 454 -4.53 8.35 -8.55
C SER B 454 -4.86 9.75 -8.08
N CYS B 455 -3.84 10.57 -7.83
CA CYS B 455 -4.09 11.96 -7.44
C CYS B 455 -4.75 12.74 -8.58
N MET B 456 -4.27 12.54 -9.81
CA MET B 456 -4.88 13.20 -10.97
C MET B 456 -6.32 12.74 -11.18
N ASP B 457 -6.58 11.44 -11.03
CA ASP B 457 -7.93 10.93 -11.23
C ASP B 457 -8.87 11.41 -10.12
N SER B 458 -8.37 11.53 -8.89
CA SER B 458 -9.18 12.09 -7.82
C SER B 458 -9.51 13.56 -8.07
N THR B 459 -8.53 14.33 -8.55
CA THR B 459 -8.78 15.73 -8.87
C THR B 459 -9.76 15.86 -10.03
N VAL B 460 -9.63 15.01 -11.05
CA VAL B 460 -10.52 15.04 -12.20
C VAL B 460 -11.94 14.65 -11.80
N LYS B 461 -12.07 13.64 -10.93
CA LYS B 461 -13.39 13.25 -10.43
C LYS B 461 -14.01 14.37 -9.60
N TYR B 462 -13.19 15.06 -8.79
CA TYR B 462 -13.69 16.18 -8.02
C TYR B 462 -14.18 17.31 -8.92
N MET B 463 -13.42 17.62 -9.97
CA MET B 463 -13.81 18.70 -10.86
C MET B 463 -15.01 18.32 -11.72
N ASN B 464 -15.15 17.04 -12.06
CA ASN B 464 -16.31 16.59 -12.82
C ASN B 464 -17.56 16.54 -11.96
N PHE B 465 -17.42 16.26 -10.67
CA PHE B 465 -18.57 16.23 -9.79
C PHE B 465 -19.18 17.61 -9.61
N TYR B 466 -18.33 18.63 -9.54
CA TYR B 466 -18.79 20.01 -9.32
C TYR B 466 -18.95 20.78 -10.62
N LYS B 467 -18.87 20.10 -11.76
CA LYS B 467 -19.12 20.68 -13.09
C LYS B 467 -18.18 21.84 -13.39
N ILE B 468 -16.89 21.61 -13.16
CA ILE B 468 -15.87 22.59 -13.53
C ILE B 468 -15.74 22.64 -15.04
N PRO B 469 -15.70 23.82 -15.67
CA PRO B 469 -15.53 23.88 -17.12
C PRO B 469 -14.15 23.39 -17.54
N LYS B 470 -14.05 23.05 -18.82
CA LYS B 470 -12.88 22.35 -19.33
C LYS B 470 -11.62 23.22 -19.36
N SER B 471 -11.76 24.54 -19.29
CA SER B 471 -10.58 25.41 -19.26
C SER B 471 -9.80 25.23 -17.97
N VAL B 472 -10.48 25.32 -16.83
CA VAL B 472 -9.82 25.15 -15.54
C VAL B 472 -9.36 23.71 -15.35
N GLN B 473 -10.16 22.75 -15.84
CA GLN B 473 -9.75 21.35 -15.78
C GLN B 473 -8.48 21.11 -16.58
N ASN B 474 -8.39 21.69 -17.78
CA ASN B 474 -7.20 21.52 -18.60
C ASN B 474 -6.00 22.23 -17.99
N ARG B 475 -6.22 23.37 -17.33
CA ARG B 475 -5.12 24.04 -16.63
C ARG B 475 -4.60 23.18 -15.48
N VAL B 476 -5.51 22.59 -14.70
CA VAL B 476 -5.12 21.72 -13.60
C VAL B 476 -4.38 20.50 -14.12
N LYS B 477 -4.88 19.91 -15.20
CA LYS B 477 -4.21 18.76 -15.81
C LYS B 477 -2.81 19.13 -16.27
N THR B 478 -2.67 20.20 -17.06
CA THR B 478 -1.38 20.64 -17.57
C THR B 478 -0.40 20.91 -16.45
N TRP B 479 -0.88 21.47 -15.34
CA TRP B 479 -0.06 21.61 -14.14
C TRP B 479 0.37 20.24 -13.62
N TYR B 480 -0.52 19.26 -13.66
CA TYR B 480 -0.16 17.92 -13.16
C TYR B 480 0.93 17.27 -14.01
N GLU B 481 0.78 17.27 -15.35
CA GLU B 481 1.87 16.69 -16.14
C GLU B 481 3.16 17.48 -16.02
N TYR B 482 3.09 18.81 -15.95
CA TYR B 482 4.35 19.56 -15.85
C TYR B 482 5.03 19.31 -14.51
N THR B 483 4.27 19.24 -13.42
CA THR B 483 4.85 18.97 -12.11
C THR B 483 5.38 17.55 -12.02
N TRP B 484 4.71 16.59 -12.65
CA TRP B 484 5.17 15.21 -12.58
C TRP B 484 6.40 14.99 -13.45
N HIS B 485 6.46 15.64 -14.62
CA HIS B 485 7.61 15.46 -15.48
C HIS B 485 8.82 16.23 -14.99
N SER B 486 8.62 17.44 -14.46
CA SER B 486 9.74 18.26 -14.02
C SER B 486 10.21 17.86 -12.62
N GLN B 487 9.34 18.01 -11.62
CA GLN B 487 9.74 17.72 -10.25
C GLN B 487 9.86 16.22 -10.00
N GLY B 488 8.87 15.45 -10.45
CA GLY B 488 8.88 14.02 -10.25
C GLY B 488 8.37 13.55 -8.91
N MET B 489 7.86 14.45 -8.07
CA MET B 489 7.32 14.08 -6.76
C MET B 489 5.94 14.62 -6.47
N LEU B 490 5.51 15.69 -7.17
CA LEU B 490 4.20 16.34 -7.06
C LEU B 490 4.02 17.13 -5.76
N ASP B 491 4.97 16.97 -4.83
CA ASP B 491 5.00 17.78 -3.61
C ASP B 491 6.40 17.65 -3.02
N GLU B 492 7.17 18.75 -3.07
CA GLU B 492 8.49 18.73 -2.45
C GLU B 492 8.41 18.83 -0.93
N SER B 493 7.37 19.47 -0.41
CA SER B 493 7.27 19.73 1.03
C SER B 493 7.04 18.44 1.82
N GLU B 494 6.27 17.50 1.26
CA GLU B 494 6.02 16.24 1.95
C GLU B 494 7.25 15.35 1.99
N LEU B 495 8.22 15.57 1.09
CA LEU B 495 9.48 14.86 1.18
C LEU B 495 10.38 15.47 2.26
N MET B 496 10.35 16.79 2.41
CA MET B 496 11.21 17.47 3.37
C MET B 496 10.90 17.08 4.80
N VAL B 497 9.62 16.92 5.13
CA VAL B 497 9.23 16.59 6.50
C VAL B 497 9.71 15.20 6.92
N GLN B 498 10.05 14.34 5.96
CA GLN B 498 10.65 13.05 6.27
C GLN B 498 12.16 13.13 6.49
N LEU B 499 12.77 14.25 6.16
CA LEU B 499 14.20 14.47 6.36
C LEU B 499 14.47 15.02 7.75
N PRO B 500 15.70 14.90 8.24
CA PRO B 500 16.08 15.62 9.46
C PRO B 500 16.03 17.12 9.24
N ASP B 501 15.83 17.86 10.33
CA ASP B 501 15.76 19.31 10.24
C ASP B 501 17.08 19.91 9.75
N LYS B 502 18.20 19.30 10.10
CA LYS B 502 19.48 19.75 9.57
C LYS B 502 19.58 19.48 8.08
N MET B 503 19.04 18.34 7.62
CA MET B 503 18.95 18.07 6.19
C MET B 503 18.09 19.12 5.49
N ARG B 504 16.94 19.45 6.08
CA ARG B 504 16.05 20.46 5.49
C ARG B 504 16.74 21.81 5.39
N LEU B 505 17.43 22.21 6.46
CA LEU B 505 18.11 23.50 6.48
C LEU B 505 19.24 23.55 5.45
N ASP B 506 20.08 22.51 5.42
CA ASP B 506 21.21 22.52 4.51
C ASP B 506 20.79 22.36 3.05
N LEU B 507 19.63 21.72 2.82
CA LEU B 507 19.11 21.68 1.46
C LEU B 507 18.48 23.00 1.04
N ALA B 508 17.86 23.71 1.99
CA ALA B 508 17.33 25.03 1.69
C ALA B 508 18.45 26.04 1.46
N ILE B 509 19.60 25.85 2.12
CA ILE B 509 20.75 26.73 1.88
C ILE B 509 21.30 26.51 0.47
N ASP B 510 21.48 25.26 0.08
CA ASP B 510 22.10 24.96 -1.21
C ASP B 510 21.12 25.13 -2.38
N VAL B 511 19.96 25.73 -2.17
CA VAL B 511 19.00 26.01 -3.22
C VAL B 511 18.69 27.50 -3.32
N ASN B 512 18.41 28.14 -2.18
CA ASN B 512 17.91 29.51 -2.19
C ASN B 512 18.69 30.50 -1.33
N TYR B 513 19.73 30.08 -0.58
CA TYR B 513 20.39 31.00 0.33
C TYR B 513 21.13 32.10 -0.41
N ASN B 514 21.78 31.78 -1.52
CA ASN B 514 22.47 32.81 -2.30
C ASN B 514 21.50 33.82 -2.86
N ILE B 515 20.37 33.33 -3.39
CA ILE B 515 19.38 34.22 -4.02
C ILE B 515 18.72 35.10 -2.97
N VAL B 516 18.35 34.52 -1.82
CA VAL B 516 17.75 35.29 -0.74
C VAL B 516 18.73 36.29 -0.17
N SER B 517 19.99 35.89 0.01
CA SER B 517 21.01 36.79 0.53
C SER B 517 21.45 37.84 -0.48
N LYS B 518 21.07 37.69 -1.76
CA LYS B 518 21.44 38.70 -2.74
C LYS B 518 20.62 39.98 -2.59
N VAL B 519 19.40 39.89 -2.05
CA VAL B 519 18.55 41.07 -2.00
C VAL B 519 19.05 42.02 -0.91
N ALA B 520 18.79 43.31 -1.11
CA ALA B 520 19.24 44.32 -0.17
C ALA B 520 18.30 44.51 1.01
N LEU B 521 17.06 44.02 0.91
CA LEU B 521 16.13 44.16 2.03
C LEU B 521 16.53 43.24 3.18
N PHE B 522 17.07 42.06 2.85
CA PHE B 522 17.45 41.07 3.85
C PHE B 522 18.91 41.16 4.24
N GLN B 523 19.68 42.07 3.62
CA GLN B 523 21.06 42.27 4.01
C GLN B 523 21.14 43.01 5.34
N GLY B 524 22.13 42.66 6.15
CA GLY B 524 22.26 43.19 7.48
C GLY B 524 21.38 42.52 8.52
N CYS B 525 20.59 41.54 8.11
CA CYS B 525 19.71 40.80 9.00
C CYS B 525 20.45 39.61 9.60
N ASP B 526 19.84 38.99 10.61
CA ASP B 526 20.42 37.80 11.21
C ASP B 526 20.35 36.63 10.22
N ARG B 527 21.37 35.79 10.26
CA ARG B 527 21.42 34.66 9.33
C ARG B 527 20.40 33.60 9.69
N GLN B 528 20.04 33.47 10.97
CA GLN B 528 19.03 32.51 11.36
C GLN B 528 17.64 32.91 10.87
N MET B 529 17.37 34.21 10.78
CA MET B 529 16.10 34.65 10.20
C MET B 529 16.01 34.28 8.73
N ILE B 530 17.12 34.44 7.99
CA ILE B 530 17.19 34.00 6.61
C ILE B 530 17.01 32.49 6.51
N PHE B 531 17.65 31.76 7.42
CA PHE B 531 17.55 30.30 7.44
C PHE B 531 16.11 29.85 7.71
N ASP B 532 15.42 30.53 8.62
CA ASP B 532 14.04 30.18 8.92
C ASP B 532 13.10 30.54 7.78
N MET B 533 13.36 31.64 7.06
CA MET B 533 12.56 31.91 5.87
C MET B 533 12.84 30.92 4.76
N LEU B 534 14.06 30.36 4.72
CA LEU B 534 14.39 29.37 3.71
C LEU B 534 13.55 28.10 3.87
N LYS B 535 13.25 27.72 5.12
CA LYS B 535 12.44 26.55 5.35
C LYS B 535 10.98 26.78 4.96
N ARG B 536 10.49 28.00 5.11
CA ARG B 536 9.09 28.32 4.82
C ARG B 536 8.86 28.76 3.38
N LEU B 537 9.89 28.78 2.55
CA LEU B 537 9.74 29.13 1.15
C LEU B 537 9.11 27.95 0.41
N ARG B 538 7.89 28.14 -0.11
CA ARG B 538 7.16 27.08 -0.77
C ARG B 538 7.28 27.21 -2.28
N SER B 539 7.57 26.10 -2.96
CA SER B 539 7.76 26.10 -4.39
C SER B 539 6.40 25.95 -5.08
N VAL B 540 6.07 26.91 -5.95
CA VAL B 540 4.80 26.93 -6.66
C VAL B 540 5.09 27.06 -8.15
N VAL B 541 4.44 26.22 -8.95
CA VAL B 541 4.60 26.24 -10.40
C VAL B 541 3.46 27.04 -11.00
N TYR B 542 3.80 28.04 -11.80
CA TYR B 542 2.85 28.90 -12.49
C TYR B 542 2.80 28.52 -13.95
N LEU B 543 1.59 28.38 -14.48
CA LEU B 543 1.37 28.02 -15.87
C LEU B 543 1.73 29.19 -16.79
N PRO B 544 1.91 28.92 -18.09
CA PRO B 544 2.12 30.04 -19.03
C PRO B 544 0.97 31.02 -19.03
N ASN B 545 1.31 32.31 -19.14
CA ASN B 545 0.36 33.42 -19.20
C ASN B 545 -0.54 33.46 -17.98
N ASP B 546 0.03 33.17 -16.80
CA ASP B 546 -0.70 33.17 -15.55
C ASP B 546 -0.34 34.42 -14.76
N TYR B 547 -1.36 35.16 -14.33
CA TYR B 547 -1.14 36.38 -13.55
C TYR B 547 -0.68 36.01 -12.15
N VAL B 548 0.61 36.21 -11.87
CA VAL B 548 1.14 35.98 -10.54
C VAL B 548 0.51 36.96 -9.54
N CYS B 549 0.42 38.23 -9.93
CA CYS B 549 -0.26 39.23 -9.13
C CYS B 549 -0.81 40.30 -10.06
N LYS B 550 -2.12 40.51 -9.99
CA LYS B 550 -2.79 41.45 -10.88
C LYS B 550 -2.60 42.88 -10.40
N LYS B 551 -2.90 43.82 -11.29
CA LYS B 551 -2.82 45.24 -10.95
C LYS B 551 -3.96 45.60 -10.00
N GLY B 552 -3.61 46.14 -8.84
CA GLY B 552 -4.57 46.43 -7.80
C GLY B 552 -4.83 45.28 -6.85
N GLU B 553 -4.32 44.09 -7.14
CA GLU B 553 -4.45 42.96 -6.23
C GLU B 553 -3.60 43.20 -5.00
N ILE B 554 -4.02 42.60 -3.88
CA ILE B 554 -3.30 42.76 -2.62
C ILE B 554 -1.93 42.09 -2.72
N GLY B 555 -0.96 42.64 -2.00
CA GLY B 555 0.38 42.09 -1.97
C GLY B 555 0.74 41.52 -0.62
N ARG B 556 0.91 40.21 -0.53
CA ARG B 556 1.27 39.57 0.72
C ARG B 556 2.32 38.48 0.54
N GLU B 557 3.01 38.46 -0.61
CA GLU B 557 3.93 37.38 -0.92
C GLU B 557 5.19 37.95 -1.55
N MET B 558 6.30 37.23 -1.37
CA MET B 558 7.57 37.55 -2.02
C MET B 558 7.90 36.41 -2.96
N TYR B 559 7.86 36.68 -4.26
CA TYR B 559 8.08 35.65 -5.28
C TYR B 559 9.55 35.63 -5.66
N ILE B 560 10.17 34.47 -5.52
CA ILE B 560 11.56 34.24 -5.90
C ILE B 560 11.55 33.32 -7.10
N ILE B 561 11.97 33.84 -8.26
CA ILE B 561 11.94 33.04 -9.47
C ILE B 561 13.08 32.02 -9.42
N GLN B 562 12.76 30.79 -9.03
CA GLN B 562 13.76 29.73 -9.05
C GLN B 562 14.05 29.28 -10.49
N ALA B 563 13.02 29.23 -11.32
CA ALA B 563 13.20 28.90 -12.72
C ALA B 563 12.09 29.54 -13.53
N GLY B 564 12.40 29.90 -14.77
CA GLY B 564 11.40 30.45 -15.68
C GLY B 564 11.53 31.95 -15.85
N GLN B 565 10.65 32.47 -16.69
CA GLN B 565 10.63 33.89 -17.05
C GLN B 565 9.37 34.53 -16.51
N VAL B 566 9.51 35.70 -15.91
CA VAL B 566 8.36 36.45 -15.41
C VAL B 566 8.39 37.83 -16.07
N GLN B 567 7.21 38.39 -16.30
CA GLN B 567 7.09 39.64 -17.05
C GLN B 567 6.26 40.64 -16.25
N VAL B 568 6.86 41.78 -15.94
CA VAL B 568 6.15 42.92 -15.39
C VAL B 568 5.72 43.80 -16.55
N LEU B 569 4.43 44.09 -16.63
CA LEU B 569 3.82 44.70 -17.81
C LEU B 569 3.61 46.20 -17.61
N GLY B 570 3.78 46.95 -18.69
CA GLY B 570 3.49 48.37 -18.69
C GLY B 570 2.73 48.78 -19.94
N GLY B 571 2.83 50.06 -20.30
CA GLY B 571 2.21 50.55 -21.51
C GLY B 571 0.71 50.72 -21.39
N PRO B 572 0.04 51.03 -22.50
CA PRO B 572 -1.42 51.24 -22.47
C PRO B 572 -2.16 49.92 -22.39
N ASP B 573 -3.02 49.80 -21.37
CA ASP B 573 -3.90 48.64 -21.15
C ASP B 573 -3.13 47.34 -21.02
N GLY B 574 -1.91 47.41 -20.45
CA GLY B 574 -1.10 46.21 -20.31
C GLY B 574 -0.64 45.66 -21.64
N LYS B 575 -0.42 44.35 -21.67
CA LYS B 575 -0.06 43.55 -22.84
C LYS B 575 1.28 43.94 -23.45
N SER B 576 2.06 44.79 -22.79
CA SER B 576 3.39 45.17 -23.23
C SER B 576 4.36 44.93 -22.09
N VAL B 577 5.41 44.16 -22.34
CA VAL B 577 6.35 43.78 -21.31
C VAL B 577 7.21 44.98 -20.93
N LEU B 578 6.91 45.59 -19.77
CA LEU B 578 7.73 46.68 -19.28
C LEU B 578 9.13 46.21 -18.93
N VAL B 579 9.22 45.04 -18.28
CA VAL B 579 10.53 44.43 -17.98
C VAL B 579 10.31 42.94 -17.83
N THR B 580 11.33 42.16 -18.14
CA THR B 580 11.32 40.72 -17.95
C THR B 580 12.42 40.33 -16.97
N LEU B 581 12.14 39.33 -16.15
CA LEU B 581 13.07 38.87 -15.13
C LEU B 581 13.26 37.37 -15.26
N LYS B 582 14.51 36.94 -15.19
CA LYS B 582 14.88 35.55 -15.38
C LYS B 582 14.91 34.84 -14.03
N ALA B 583 15.48 33.63 -14.02
CA ALA B 583 15.60 32.86 -12.78
C ALA B 583 16.62 33.50 -11.86
N GLY B 584 16.38 33.37 -10.55
CA GLY B 584 17.28 33.88 -9.54
C GLY B 584 17.03 35.30 -9.10
N SER B 585 16.03 35.98 -9.67
CA SER B 585 15.67 37.31 -9.23
C SER B 585 14.51 37.24 -8.23
N VAL B 586 14.39 38.28 -7.41
CA VAL B 586 13.37 38.36 -6.37
C VAL B 586 12.59 39.64 -6.57
N PHE B 587 11.26 39.53 -6.61
CA PHE B 587 10.39 40.68 -6.69
C PHE B 587 9.22 40.49 -5.74
N GLY B 588 8.62 41.62 -5.35
CA GLY B 588 7.50 41.60 -4.43
C GLY B 588 7.87 41.56 -2.97
N GLU B 589 9.14 41.75 -2.63
CA GLU B 589 9.56 41.71 -1.23
C GLU B 589 9.01 42.90 -0.44
N ILE B 590 8.75 44.02 -1.12
CA ILE B 590 8.17 45.18 -0.46
C ILE B 590 6.76 44.89 0.03
N SER B 591 6.07 43.91 -0.57
CA SER B 591 4.78 43.47 -0.07
C SER B 591 4.88 42.71 1.24
N LEU B 592 6.08 42.24 1.60
CA LEU B 592 6.26 41.55 2.87
C LEU B 592 6.18 42.49 4.06
N LEU B 593 6.37 43.79 3.85
CA LEU B 593 6.53 44.74 4.94
C LEU B 593 5.26 45.54 5.21
N ALA B 594 4.18 45.29 4.47
CA ALA B 594 2.93 45.98 4.73
C ALA B 594 2.26 45.44 5.98
N VAL B 595 1.55 46.31 6.68
CA VAL B 595 0.74 45.93 7.83
C VAL B 595 -0.72 46.29 7.53
N GLY B 596 -1.61 45.33 7.77
CA GLY B 596 -3.03 45.53 7.48
C GLY B 596 -3.34 45.70 6.01
N GLY B 597 -2.65 44.97 5.15
CA GLY B 597 -2.91 45.05 3.71
C GLY B 597 -2.59 46.40 3.10
N GLY B 598 -1.52 47.05 3.55
CA GLY B 598 -1.18 48.36 3.04
C GLY B 598 -0.72 48.33 1.59
N ASN B 599 0.03 47.30 1.22
CA ASN B 599 0.65 47.25 -0.10
C ASN B 599 -0.34 46.76 -1.15
N ARG B 600 -0.36 47.42 -2.30
CA ARG B 600 -1.07 46.97 -3.48
C ARG B 600 -0.08 46.76 -4.61
N ARG B 601 -0.36 45.78 -5.45
CA ARG B 601 0.53 45.49 -6.58
C ARG B 601 0.42 46.60 -7.61
N THR B 602 1.51 47.34 -7.79
CA THR B 602 1.51 48.53 -8.65
C THR B 602 1.61 48.19 -10.13
N ALA B 603 1.85 46.93 -10.49
CA ALA B 603 1.97 46.57 -11.89
C ALA B 603 1.49 45.15 -12.10
N ASN B 604 1.01 44.88 -13.32
CA ASN B 604 0.60 43.53 -13.69
C ASN B 604 1.82 42.65 -13.89
N VAL B 605 1.74 41.41 -13.43
CA VAL B 605 2.84 40.46 -13.50
C VAL B 605 2.29 39.13 -14.03
N VAL B 606 2.88 38.65 -15.12
CA VAL B 606 2.47 37.39 -15.72
C VAL B 606 3.67 36.46 -15.79
N ALA B 607 3.39 35.18 -16.00
CA ALA B 607 4.40 34.13 -16.07
C ALA B 607 4.58 33.74 -17.53
N HIS B 608 5.73 34.07 -18.10
CA HIS B 608 6.02 33.74 -19.49
C HIS B 608 6.47 32.29 -19.54
N GLY B 609 5.57 31.40 -19.94
CA GLY B 609 5.83 29.97 -19.88
C GLY B 609 5.63 29.44 -18.47
N PHE B 610 5.92 28.15 -18.33
CA PHE B 610 5.93 27.54 -17.00
C PHE B 610 7.06 28.14 -16.17
N THR B 611 6.79 28.47 -14.92
CA THR B 611 7.86 28.97 -14.08
C THR B 611 7.70 28.46 -12.65
N ASN B 612 8.81 28.13 -12.03
CA ASN B 612 8.82 27.68 -10.65
C ASN B 612 9.29 28.85 -9.79
N LEU B 613 8.38 29.36 -8.96
CA LEU B 613 8.68 30.47 -8.06
C LEU B 613 8.64 29.98 -6.61
N PHE B 614 9.64 30.39 -5.84
CA PHE B 614 9.63 30.15 -4.40
C PHE B 614 8.95 31.34 -3.74
N ILE B 615 7.88 31.06 -2.99
CA ILE B 615 7.00 32.08 -2.45
C ILE B 615 7.10 32.05 -0.94
N LEU B 616 7.21 33.22 -0.33
CA LEU B 616 7.17 33.39 1.12
C LEU B 616 6.00 34.29 1.45
N ASP B 617 5.05 33.78 2.24
CA ASP B 617 3.87 34.54 2.61
C ASP B 617 4.24 35.59 3.66
N LYS B 618 3.48 36.68 3.69
CA LYS B 618 3.69 37.71 4.70
C LYS B 618 3.37 37.18 6.09
N LYS B 619 2.35 36.34 6.21
CA LYS B 619 2.02 35.71 7.49
C LYS B 619 3.16 34.82 7.97
N ASP B 620 3.78 34.07 7.06
CA ASP B 620 4.92 33.24 7.43
C ASP B 620 6.09 34.08 7.93
N LEU B 621 6.34 35.22 7.28
CA LEU B 621 7.35 36.15 7.78
C LEU B 621 6.98 36.68 9.15
N ASN B 622 5.69 36.92 9.40
CA ASN B 622 5.25 37.38 10.71
C ASN B 622 5.51 36.33 11.79
N GLU B 623 5.25 35.05 11.49
CA GLU B 623 5.59 34.01 12.45
C GLU B 623 7.08 33.85 12.63
N ILE B 624 7.87 34.10 11.59
CA ILE B 624 9.33 34.02 11.73
C ILE B 624 9.85 35.20 12.55
N LEU B 625 9.34 36.40 12.30
CA LEU B 625 9.91 37.61 12.89
C LEU B 625 9.69 37.73 14.39
N VAL B 626 8.70 37.04 14.96
CA VAL B 626 8.45 37.16 16.39
C VAL B 626 9.52 36.46 17.21
N HIS B 627 10.27 35.54 16.61
CA HIS B 627 11.38 34.88 17.30
C HIS B 627 12.69 35.65 17.22
N TYR B 628 12.75 36.70 16.41
CA TYR B 628 13.95 37.51 16.25
C TYR B 628 13.58 38.97 16.43
N PRO B 629 13.66 39.49 17.66
CA PRO B 629 13.22 40.87 17.89
C PRO B 629 14.13 41.92 17.27
N GLU B 630 15.44 41.71 17.32
CA GLU B 630 16.38 42.64 16.70
C GLU B 630 16.20 42.67 15.18
N SER B 631 16.04 41.49 14.58
CA SER B 631 15.82 41.41 13.13
C SER B 631 14.50 42.06 12.73
N GLN B 632 13.44 41.81 13.51
CA GLN B 632 12.14 42.42 13.22
C GLN B 632 12.21 43.93 13.36
N LYS B 633 12.91 44.43 14.38
CA LYS B 633 13.06 45.87 14.55
C LYS B 633 13.87 46.50 13.42
N LEU B 634 14.94 45.82 12.98
CA LEU B 634 15.73 46.33 11.86
C LEU B 634 14.92 46.33 10.57
N LEU B 635 14.12 45.28 10.34
CA LEU B 635 13.31 45.21 9.13
C LEU B 635 12.18 46.24 9.17
N ARG B 636 11.65 46.54 10.37
CA ARG B 636 10.68 47.61 10.51
C ARG B 636 11.32 48.98 10.29
N LYS B 637 12.58 49.16 10.69
CA LYS B 637 13.28 50.40 10.35
C LYS B 637 13.47 50.52 8.84
N LYS B 638 13.75 49.42 8.16
CA LYS B 638 13.81 49.43 6.70
C LYS B 638 12.46 49.79 6.09
N ALA B 639 11.37 49.27 6.66
CA ALA B 639 10.03 49.62 6.19
C ALA B 639 9.74 51.10 6.38
N ARG B 640 10.13 51.66 7.53
CA ARG B 640 9.92 53.08 7.79
C ARG B 640 10.78 53.96 6.88
N ARG B 641 12.02 53.51 6.61
CA ARG B 641 12.91 54.29 5.75
C ARG B 641 12.42 54.27 4.31
N MET B 642 11.97 53.12 3.81
CA MET B 642 11.50 53.05 2.43
C MET B 642 10.10 53.65 2.30
N LEU B 643 9.13 53.11 3.02
CA LEU B 643 7.77 53.63 3.00
C LEU B 643 7.33 54.12 4.38
N VAL C 26 7.29 26.44 -37.07
CA VAL C 26 6.40 25.33 -36.74
C VAL C 26 7.11 24.35 -35.80
N VAL C 27 6.58 24.21 -34.59
CA VAL C 27 7.13 23.32 -33.58
C VAL C 27 5.97 22.52 -32.98
N ILE C 28 6.12 21.20 -32.96
CA ILE C 28 5.13 20.31 -32.38
C ILE C 28 5.47 20.10 -30.91
N ASP C 29 4.58 20.55 -30.02
CA ASP C 29 4.86 20.33 -28.61
C ASP C 29 4.59 18.88 -28.20
N PRO C 30 5.41 18.32 -27.30
CA PRO C 30 5.20 16.93 -26.89
C PRO C 30 3.93 16.70 -26.10
N SER C 31 3.42 17.72 -25.41
CA SER C 31 2.24 17.58 -24.58
C SER C 31 0.95 17.80 -25.34
N GLY C 32 1.03 17.99 -26.66
CA GLY C 32 -0.15 18.19 -27.48
C GLY C 32 -0.69 16.88 -28.03
N ASN C 33 -1.67 17.03 -28.93
CA ASN C 33 -2.32 15.89 -29.55
C ASN C 33 -1.72 15.53 -30.91
N THR C 34 -1.14 16.50 -31.61
CA THR C 34 -0.48 16.21 -32.89
C THR C 34 0.74 15.32 -32.67
N TYR C 35 1.47 15.54 -31.59
CA TYR C 35 2.58 14.66 -31.22
C TYR C 35 2.07 13.25 -30.93
N TYR C 36 0.91 13.13 -30.30
CA TYR C 36 0.30 11.82 -30.06
C TYR C 36 -0.06 11.12 -31.38
N ASN C 37 -0.69 11.86 -32.30
CA ASN C 37 -1.06 11.27 -33.58
C ASN C 37 0.18 10.82 -34.36
N TRP C 38 1.24 11.62 -34.33
CA TRP C 38 2.46 11.18 -34.98
C TRP C 38 3.09 10.00 -34.25
N LEU C 39 2.97 9.93 -32.91
CA LEU C 39 3.50 8.80 -32.17
C LEU C 39 2.81 7.51 -32.58
N PHE C 40 1.49 7.56 -32.76
CA PHE C 40 0.79 6.38 -33.29
C PHE C 40 1.22 6.06 -34.72
N CYS C 41 1.37 7.11 -35.55
CA CYS C 41 1.67 6.89 -36.97
C CYS C 41 3.10 6.44 -37.20
N ILE C 42 3.99 6.63 -36.23
CA ILE C 42 5.33 6.05 -36.29
C ILE C 42 5.39 4.71 -35.54
N THR C 43 4.49 4.49 -34.58
CA THR C 43 4.43 3.20 -33.90
C THR C 43 3.97 2.10 -34.84
N LEU C 44 3.08 2.43 -35.77
CA LEU C 44 2.59 1.41 -36.71
C LEU C 44 3.71 0.82 -37.57
N PRO C 45 4.62 1.59 -38.20
CA PRO C 45 5.76 0.93 -38.86
C PRO C 45 6.74 0.29 -37.90
N VAL C 46 6.91 0.83 -36.69
CA VAL C 46 7.81 0.19 -35.73
C VAL C 46 7.25 -1.15 -35.29
N MET C 47 5.95 -1.21 -35.02
CA MET C 47 5.30 -2.48 -34.69
C MET C 47 5.38 -3.46 -35.86
N TYR C 48 5.19 -2.95 -37.08
CA TYR C 48 5.30 -3.80 -38.27
C TYR C 48 6.70 -4.38 -38.40
N ASN C 49 7.73 -3.56 -38.19
CA ASN C 49 9.10 -4.05 -38.25
C ASN C 49 9.36 -5.09 -37.16
N TRP C 50 8.98 -4.77 -35.92
CA TRP C 50 9.26 -5.65 -34.79
C TRP C 50 8.52 -6.98 -34.89
N THR C 51 7.38 -7.01 -35.58
CA THR C 51 6.64 -8.26 -35.72
C THR C 51 6.82 -8.94 -37.07
N MET C 52 7.48 -8.30 -38.04
CA MET C 52 7.58 -8.88 -39.38
C MET C 52 8.99 -9.06 -39.90
N VAL C 53 9.99 -8.34 -39.40
CA VAL C 53 11.34 -8.49 -39.92
C VAL C 53 11.88 -9.87 -39.58
N ILE C 54 11.73 -10.30 -38.32
CA ILE C 54 12.17 -11.63 -37.93
C ILE C 54 11.29 -12.70 -38.57
N ALA C 55 10.02 -12.40 -38.83
CA ALA C 55 9.13 -13.36 -39.46
C ALA C 55 9.55 -13.64 -40.90
N ARG C 56 9.86 -12.59 -41.66
CA ARG C 56 10.34 -12.77 -43.02
C ARG C 56 11.76 -13.30 -43.03
N ALA C 57 12.54 -13.02 -41.98
CA ALA C 57 13.90 -13.54 -41.90
C ALA C 57 13.92 -15.04 -41.68
N CYS C 58 12.99 -15.54 -40.87
CA CYS C 58 12.97 -16.97 -40.54
C CYS C 58 12.13 -17.77 -41.52
N PHE C 59 10.85 -17.43 -41.65
CA PHE C 59 9.97 -18.09 -42.62
C PHE C 59 10.29 -17.55 -44.00
N ASP C 60 11.02 -18.35 -44.80
CA ASP C 60 11.48 -17.90 -46.11
C ASP C 60 10.32 -17.73 -47.08
N GLU C 61 9.27 -18.54 -46.96
CA GLU C 61 8.12 -18.38 -47.84
C GLU C 61 7.38 -17.08 -47.57
N LEU C 62 7.39 -16.61 -46.32
CA LEU C 62 6.74 -15.34 -46.00
C LEU C 62 7.43 -14.18 -46.72
N GLN C 63 8.76 -14.19 -46.74
CA GLN C 63 9.50 -13.17 -47.49
C GLN C 63 9.30 -13.35 -48.99
N SER C 64 9.49 -14.58 -49.50
CA SER C 64 9.54 -14.80 -50.94
C SER C 64 8.18 -14.60 -51.61
N ASP C 65 7.12 -15.16 -51.04
CA ASP C 65 5.82 -15.15 -51.71
C ASP C 65 5.22 -13.75 -51.77
N TYR C 66 5.36 -12.98 -50.69
CA TYR C 66 4.81 -11.64 -50.60
C TYR C 66 5.86 -10.55 -50.78
N LEU C 67 6.94 -10.85 -51.52
CA LEU C 67 8.07 -9.97 -51.81
C LEU C 67 7.70 -8.53 -52.15
N GLU C 68 6.80 -8.35 -53.12
CA GLU C 68 6.41 -7.00 -53.52
C GLU C 68 5.70 -6.25 -52.39
N TYR C 69 4.81 -6.95 -51.67
CA TYR C 69 4.11 -6.33 -50.55
C TYR C 69 5.09 -5.93 -49.45
N TRP C 70 6.07 -6.79 -49.17
CA TRP C 70 7.08 -6.47 -48.15
C TRP C 70 7.96 -5.31 -48.61
N LEU C 71 8.29 -5.24 -49.90
CA LEU C 71 9.08 -4.12 -50.40
C LEU C 71 8.33 -2.80 -50.26
N ILE C 72 7.03 -2.82 -50.61
CA ILE C 72 6.21 -1.61 -50.47
C ILE C 72 6.10 -1.19 -49.01
N LEU C 73 5.85 -2.16 -48.12
CA LEU C 73 5.71 -1.85 -46.71
C LEU C 73 7.02 -1.37 -46.10
N ASP C 74 8.15 -1.93 -46.54
CA ASP C 74 9.45 -1.49 -46.04
C ASP C 74 9.79 -0.09 -46.54
N TYR C 75 9.45 0.23 -47.78
CA TYR C 75 9.65 1.58 -48.28
C TYR C 75 8.77 2.58 -47.53
N VAL C 76 7.53 2.20 -47.23
CA VAL C 76 6.64 3.05 -46.45
C VAL C 76 7.21 3.27 -45.05
N SER C 77 7.70 2.20 -44.43
CA SER C 77 8.29 2.31 -43.08
C SER C 77 9.53 3.19 -43.09
N ASP C 78 10.35 3.08 -44.13
CA ASP C 78 11.53 3.94 -44.23
C ASP C 78 11.13 5.41 -44.41
N ILE C 79 10.11 5.68 -45.23
CA ILE C 79 9.65 7.05 -45.42
C ILE C 79 9.12 7.62 -44.11
N VAL C 80 8.33 6.85 -43.38
CA VAL C 80 7.81 7.29 -42.09
C VAL C 80 8.95 7.44 -41.07
N TYR C 81 10.01 6.64 -41.19
CA TYR C 81 11.18 6.79 -40.32
C TYR C 81 11.90 8.11 -40.58
N LEU C 82 12.10 8.48 -41.85
CA LEU C 82 12.68 9.79 -42.16
C LEU C 82 11.79 10.92 -41.69
N ILE C 83 10.48 10.79 -41.84
CA ILE C 83 9.58 11.85 -41.41
C ILE C 83 9.60 11.97 -39.88
N ASP C 84 9.75 10.84 -39.17
CA ASP C 84 9.88 10.88 -37.73
C ASP C 84 11.19 11.54 -37.30
N MET C 85 12.28 11.29 -38.04
CA MET C 85 13.52 11.99 -37.77
C MET C 85 13.37 13.48 -37.99
N PHE C 86 12.59 13.87 -39.00
CA PHE C 86 12.27 15.28 -39.20
C PHE C 86 11.46 15.83 -38.04
N VAL C 87 10.51 15.04 -37.52
CA VAL C 87 9.67 15.47 -36.40
C VAL C 87 10.50 15.66 -35.14
N ARG C 88 11.51 14.80 -34.95
CA ARG C 88 12.41 14.92 -33.80
C ARG C 88 13.13 16.27 -33.79
N THR C 89 13.51 16.77 -34.96
CA THR C 89 14.01 18.13 -35.05
C THR C 89 12.90 19.14 -34.75
N ARG C 90 11.68 18.88 -35.24
CA ARG C 90 10.59 19.83 -35.08
C ARG C 90 10.07 19.89 -33.64
N THR C 91 10.07 18.75 -32.93
CA THR C 91 9.51 18.73 -31.59
C THR C 91 10.36 19.58 -30.64
N GLY C 92 9.69 20.34 -29.77
CA GLY C 92 10.32 21.35 -28.96
C GLY C 92 10.35 20.96 -27.49
N TYR C 93 11.55 20.97 -26.92
CA TYR C 93 11.70 20.76 -25.49
C TYR C 93 11.46 22.07 -24.73
N LEU C 94 11.27 21.94 -23.42
CA LEU C 94 11.06 23.10 -22.57
C LEU C 94 12.40 23.55 -21.98
N GLU C 95 12.79 24.78 -22.27
CA GLU C 95 13.98 25.39 -21.72
C GLU C 95 13.57 26.54 -20.82
N GLN C 96 13.95 26.45 -19.54
CA GLN C 96 13.52 27.39 -18.49
C GLN C 96 11.99 27.52 -18.47
N GLY C 97 11.31 26.38 -18.62
CA GLY C 97 9.87 26.37 -18.63
C GLY C 97 9.24 27.02 -19.84
N LEU C 98 10.00 27.20 -20.93
CA LEU C 98 9.51 27.82 -22.14
C LEU C 98 9.82 26.93 -23.32
N LEU C 99 8.85 26.79 -24.23
CA LEU C 99 9.01 25.94 -25.39
C LEU C 99 10.01 26.56 -26.37
N VAL C 100 10.96 25.75 -26.82
CA VAL C 100 11.97 26.21 -27.76
C VAL C 100 11.40 26.14 -29.17
N LYS C 101 11.49 27.26 -29.89
CA LYS C 101 11.07 27.31 -31.29
C LYS C 101 12.21 27.63 -32.24
N GLU C 102 13.42 27.83 -31.74
CA GLU C 102 14.57 28.05 -32.61
C GLU C 102 15.00 26.72 -33.23
N GLU C 103 15.26 26.73 -34.54
CA GLU C 103 15.55 25.50 -35.25
C GLU C 103 16.90 24.91 -34.85
N LEU C 104 17.93 25.76 -34.73
CA LEU C 104 19.27 25.27 -34.43
C LEU C 104 19.35 24.65 -33.04
N LYS C 105 18.68 25.26 -32.06
CA LYS C 105 18.69 24.71 -30.70
C LYS C 105 17.99 23.36 -30.65
N LEU C 106 16.87 23.23 -31.36
CA LEU C 106 16.16 21.95 -31.41
C LEU C 106 17.00 20.87 -32.09
N ILE C 107 17.66 21.23 -33.20
CA ILE C 107 18.50 20.27 -33.92
C ILE C 107 19.67 19.83 -33.04
N ASN C 108 20.29 20.77 -32.33
CA ASN C 108 21.41 20.42 -31.46
C ASN C 108 20.96 19.56 -30.28
N LYS C 109 19.78 19.87 -29.71
CA LYS C 109 19.26 19.07 -28.61
C LYS C 109 18.92 17.66 -29.06
N TYR C 110 18.39 17.52 -30.26
CA TYR C 110 18.12 16.18 -30.81
C TYR C 110 19.41 15.43 -31.10
N LYS C 111 20.38 16.09 -31.73
CA LYS C 111 21.62 15.41 -32.13
C LYS C 111 22.51 15.08 -30.94
N SER C 112 22.39 15.80 -29.83
CA SER C 112 23.21 15.51 -28.66
C SER C 112 22.79 14.21 -27.98
N ASN C 113 21.53 13.82 -28.13
CA ASN C 113 21.01 12.65 -27.44
C ASN C 113 21.39 11.37 -28.16
N LEU C 114 21.28 10.25 -27.44
CA LEU C 114 21.48 8.93 -28.03
C LEU C 114 20.40 8.57 -29.04
N GLN C 115 19.24 9.24 -28.95
CA GLN C 115 18.13 8.96 -29.86
C GLN C 115 18.49 9.27 -31.30
N PHE C 116 19.29 10.32 -31.53
CA PHE C 116 19.75 10.62 -32.89
C PHE C 116 20.64 9.51 -33.43
N LYS C 117 21.52 8.97 -32.58
CA LYS C 117 22.37 7.86 -33.00
C LYS C 117 21.54 6.63 -33.33
N LEU C 118 20.52 6.34 -32.51
CA LEU C 118 19.64 5.20 -32.80
C LEU C 118 18.84 5.43 -34.08
N ASP C 119 18.39 6.66 -34.31
CA ASP C 119 17.62 6.96 -35.52
C ASP C 119 18.48 6.84 -36.77
N VAL C 120 19.71 7.35 -36.72
CA VAL C 120 20.57 7.26 -37.90
C VAL C 120 21.07 5.84 -38.10
N LEU C 121 21.17 5.04 -37.03
CA LEU C 121 21.51 3.64 -37.18
C LEU C 121 20.33 2.83 -37.71
N SER C 122 19.11 3.27 -37.44
CA SER C 122 17.93 2.62 -38.00
C SER C 122 17.81 2.83 -39.50
N LEU C 123 18.49 3.83 -40.05
CA LEU C 123 18.33 4.20 -41.45
C LEU C 123 19.65 4.14 -42.21
N ILE C 124 20.50 3.18 -41.89
CA ILE C 124 21.58 2.82 -42.81
C ILE C 124 20.97 2.32 -44.10
N PRO C 125 21.50 2.66 -45.28
CA PRO C 125 21.00 2.04 -46.51
C PRO C 125 21.40 0.58 -46.60
N THR C 126 20.81 -0.25 -45.73
CA THR C 126 21.13 -1.67 -45.65
C THR C 126 20.25 -2.51 -46.57
N ASP C 127 19.26 -1.90 -47.24
CA ASP C 127 18.50 -2.61 -48.24
C ASP C 127 19.32 -2.90 -49.49
N LEU C 128 20.44 -2.21 -49.67
CA LEU C 128 21.36 -2.51 -50.77
C LEU C 128 22.09 -3.82 -50.59
N LEU C 129 22.07 -4.41 -49.39
CA LEU C 129 22.61 -5.74 -49.18
C LEU C 129 21.72 -6.83 -49.77
N TYR C 130 20.52 -6.49 -50.23
CA TYR C 130 19.68 -7.47 -50.91
C TYR C 130 20.33 -7.97 -52.19
N PHE C 131 21.02 -7.08 -52.90
CA PHE C 131 21.77 -7.51 -54.08
C PHE C 131 22.99 -8.35 -53.70
N LYS C 132 23.63 -8.04 -52.58
CA LYS C 132 24.84 -8.71 -52.16
C LYS C 132 24.59 -9.93 -51.27
N LEU C 133 23.33 -10.19 -50.89
CA LEU C 133 23.01 -11.35 -50.06
C LEU C 133 21.77 -12.11 -50.53
N GLY C 134 21.11 -11.67 -51.58
CA GLY C 134 19.90 -12.32 -52.05
C GLY C 134 18.65 -11.72 -51.41
N TRP C 135 17.51 -12.00 -52.03
CA TRP C 135 16.23 -11.52 -51.52
C TRP C 135 15.76 -12.28 -50.30
N ASN C 136 16.40 -13.40 -49.96
CA ASN C 136 15.98 -14.25 -48.84
C ASN C 136 16.79 -13.98 -47.58
N TYR C 137 17.29 -12.76 -47.40
CA TYR C 137 18.00 -12.38 -46.18
C TYR C 137 17.43 -11.07 -45.64
N PRO C 138 16.29 -11.12 -44.95
CA PRO C 138 15.74 -9.92 -44.31
C PRO C 138 16.36 -9.57 -42.96
N GLU C 139 17.34 -10.34 -42.48
CA GLU C 139 18.03 -10.00 -41.24
C GLU C 139 18.86 -8.73 -41.35
N ILE C 140 19.13 -8.25 -42.57
CA ILE C 140 19.83 -6.99 -42.76
C ILE C 140 19.00 -5.81 -42.28
N ARG C 141 17.68 -5.95 -42.21
CA ARG C 141 16.78 -4.86 -41.84
C ARG C 141 16.52 -4.79 -40.34
N LEU C 142 17.20 -5.62 -39.55
CA LEU C 142 17.00 -5.62 -38.09
C LEU C 142 17.37 -4.29 -37.44
N ASN C 143 18.15 -3.45 -38.13
CA ASN C 143 18.44 -2.11 -37.61
C ASN C 143 17.18 -1.27 -37.48
N ARG C 144 16.13 -1.55 -38.26
CA ARG C 144 14.87 -0.86 -38.10
C ARG C 144 14.21 -1.17 -36.76
N LEU C 145 14.67 -2.21 -36.06
CA LEU C 145 14.22 -2.49 -34.71
C LEU C 145 14.75 -1.48 -33.70
N LEU C 146 15.71 -0.63 -34.06
CA LEU C 146 16.28 0.33 -33.13
C LEU C 146 15.34 1.50 -32.84
N ARG C 147 14.19 1.59 -33.52
CA ARG C 147 13.15 2.56 -33.22
C ARG C 147 12.17 2.05 -32.18
N PHE C 148 12.61 1.15 -31.30
CA PHE C 148 11.76 0.64 -30.23
C PHE C 148 11.38 1.73 -29.23
N SER C 149 12.29 2.70 -29.03
CA SER C 149 12.05 3.75 -28.04
C SER C 149 10.88 4.63 -28.41
N ARG C 150 10.64 4.84 -29.71
CA ARG C 150 9.49 5.60 -30.15
C ARG C 150 8.19 4.85 -29.84
N MET C 151 8.18 3.54 -30.05
CA MET C 151 7.02 2.72 -29.70
C MET C 151 6.75 2.74 -28.20
N PHE C 152 7.81 2.64 -27.39
CA PHE C 152 7.63 2.67 -25.94
C PHE C 152 7.20 4.06 -25.47
N GLU C 153 7.69 5.12 -26.11
CA GLU C 153 7.23 6.47 -25.79
C GLU C 153 5.74 6.64 -26.10
N PHE C 154 5.30 6.12 -27.25
CA PHE C 154 3.88 6.19 -27.57
C PHE C 154 3.05 5.39 -26.59
N PHE C 155 3.51 4.19 -26.22
CA PHE C 155 2.75 3.36 -25.28
C PHE C 155 2.65 4.00 -23.91
N GLN C 156 3.75 4.56 -23.41
CA GLN C 156 3.69 5.23 -22.11
C GLN C 156 2.95 6.55 -22.17
N ARG C 157 2.85 7.18 -23.34
CA ARG C 157 2.05 8.39 -23.46
C ARG C 157 0.56 8.09 -23.49
N THR C 158 0.16 7.01 -24.16
CA THR C 158 -1.25 6.66 -24.21
C THR C 158 -1.70 5.85 -23.01
N GLU C 159 -0.78 5.31 -22.22
CA GLU C 159 -1.18 4.67 -20.96
C GLU C 159 -1.72 5.70 -19.99
N THR C 160 -1.10 6.88 -19.94
CA THR C 160 -1.61 7.97 -19.13
C THR C 160 -2.80 8.66 -19.77
N ARG C 161 -2.87 8.66 -21.10
CA ARG C 161 -3.94 9.38 -21.80
C ARG C 161 -5.26 8.64 -21.70
N THR C 162 -5.24 7.31 -21.81
CA THR C 162 -6.47 6.53 -21.92
C THR C 162 -7.30 6.60 -20.64
N ASN C 163 -8.62 6.53 -20.82
CA ASN C 163 -9.52 6.55 -19.67
C ASN C 163 -9.39 5.28 -18.84
N TYR C 164 -9.08 4.18 -19.51
CA TYR C 164 -8.90 2.88 -18.88
C TYR C 164 -7.43 2.51 -18.87
N PRO C 165 -6.72 2.83 -17.78
CA PRO C 165 -5.29 2.49 -17.79
C PRO C 165 -5.05 1.00 -17.65
N ASN C 166 -5.87 0.32 -16.83
CA ASN C 166 -5.70 -1.12 -16.63
C ASN C 166 -5.96 -1.91 -17.90
N ILE C 167 -7.00 -1.51 -18.66
CA ILE C 167 -7.34 -2.22 -19.89
C ILE C 167 -6.22 -2.09 -20.91
N PHE C 168 -5.68 -0.88 -21.09
CA PHE C 168 -4.58 -0.72 -22.03
C PHE C 168 -3.31 -1.37 -21.52
N ARG C 169 -3.10 -1.41 -20.21
CA ARG C 169 -1.92 -2.10 -19.69
C ARG C 169 -2.02 -3.61 -19.93
N ILE C 170 -3.23 -4.16 -19.82
CA ILE C 170 -3.49 -5.54 -20.25
C ILE C 170 -3.21 -5.70 -21.73
N SER C 171 -3.62 -4.71 -22.54
CA SER C 171 -3.36 -4.76 -23.98
C SER C 171 -1.87 -4.76 -24.28
N ASN C 172 -1.11 -3.92 -23.58
CA ASN C 172 0.35 -3.87 -23.75
C ASN C 172 1.00 -5.19 -23.33
N LEU C 173 0.55 -5.76 -22.20
CA LEU C 173 1.09 -7.03 -21.75
C LEU C 173 0.80 -8.15 -22.74
N VAL C 174 -0.43 -8.18 -23.28
CA VAL C 174 -0.81 -9.18 -24.26
C VAL C 174 0.00 -9.00 -25.55
N MET C 175 0.18 -7.75 -25.98
CA MET C 175 0.98 -7.48 -27.16
C MET C 175 2.44 -7.87 -26.95
N TYR C 176 2.97 -7.63 -25.75
CA TYR C 176 4.35 -7.99 -25.45
C TYR C 176 4.54 -9.50 -25.45
N ILE C 177 3.62 -10.25 -24.84
CA ILE C 177 3.78 -11.70 -24.86
C ILE C 177 3.52 -12.26 -26.25
N VAL C 178 2.64 -11.63 -27.03
CA VAL C 178 2.44 -12.07 -28.41
C VAL C 178 3.70 -11.86 -29.23
N ILE C 179 4.36 -10.70 -29.05
CA ILE C 179 5.60 -10.42 -29.76
C ILE C 179 6.70 -11.39 -29.33
N ILE C 180 6.79 -11.67 -28.03
CA ILE C 180 7.83 -12.58 -27.54
C ILE C 180 7.58 -14.01 -28.00
N ILE C 181 6.32 -14.46 -27.98
CA ILE C 181 5.97 -15.79 -28.46
C ILE C 181 6.23 -15.90 -29.96
N HIS C 182 5.90 -14.85 -30.71
CA HIS C 182 6.16 -14.82 -32.15
C HIS C 182 7.66 -14.86 -32.45
N TRP C 183 8.45 -14.12 -31.66
CA TRP C 183 9.90 -14.14 -31.83
C TRP C 183 10.48 -15.52 -31.51
N ASN C 184 9.99 -16.15 -30.45
CA ASN C 184 10.43 -17.49 -30.11
C ASN C 184 10.01 -18.50 -31.18
N ALA C 185 8.84 -18.30 -31.78
CA ALA C 185 8.40 -19.14 -32.90
C ALA C 185 9.34 -18.99 -34.09
N CYS C 186 9.71 -17.76 -34.41
CA CYS C 186 10.63 -17.52 -35.51
C CYS C 186 12.00 -18.13 -35.24
N VAL C 187 12.50 -17.98 -34.01
CA VAL C 187 13.81 -18.54 -33.68
C VAL C 187 13.76 -20.07 -33.69
N PHE C 188 12.64 -20.65 -33.24
CA PHE C 188 12.48 -22.10 -33.30
C PHE C 188 12.46 -22.59 -34.74
N TYR C 189 11.76 -21.89 -35.62
CA TYR C 189 11.76 -22.27 -37.03
C TYR C 189 13.16 -22.11 -37.65
N SER C 190 13.89 -21.07 -37.25
CA SER C 190 15.25 -20.88 -37.75
C SER C 190 16.17 -22.01 -37.28
N ILE C 191 16.04 -22.43 -36.02
CA ILE C 191 16.87 -23.49 -35.49
C ILE C 191 16.50 -24.83 -36.14
N SER C 192 15.21 -25.06 -36.39
CA SER C 192 14.79 -26.25 -37.11
C SER C 192 15.32 -26.25 -38.54
N LYS C 193 15.40 -25.06 -39.16
CA LYS C 193 16.01 -24.96 -40.49
C LYS C 193 17.50 -25.25 -40.43
N ALA C 194 18.18 -24.77 -39.39
CA ALA C 194 19.62 -24.98 -39.28
C ALA C 194 19.94 -26.44 -38.96
N ILE C 195 19.17 -27.04 -38.05
CA ILE C 195 19.36 -28.46 -37.74
C ILE C 195 18.92 -29.33 -38.91
N GLY C 196 17.77 -29.00 -39.49
CA GLY C 196 17.22 -29.78 -40.58
C GLY C 196 15.79 -30.19 -40.31
N PHE C 197 14.90 -30.00 -41.28
CA PHE C 197 13.50 -30.33 -41.09
C PHE C 197 13.31 -31.83 -41.11
N GLY C 198 12.69 -32.35 -40.06
CA GLY C 198 12.46 -33.79 -39.93
C GLY C 198 13.64 -34.58 -39.42
N ASN C 199 14.77 -33.93 -39.11
CA ASN C 199 15.93 -34.64 -38.59
C ASN C 199 15.68 -35.19 -37.20
N ASP C 200 14.90 -34.48 -36.39
CA ASP C 200 14.57 -34.92 -35.05
C ASP C 200 13.08 -34.75 -34.82
N THR C 201 12.56 -35.44 -33.81
CA THR C 201 11.17 -35.27 -33.42
C THR C 201 10.92 -33.94 -32.73
N TRP C 202 11.97 -33.22 -32.35
CA TRP C 202 11.86 -31.94 -31.67
C TRP C 202 11.74 -30.77 -32.65
N VAL C 203 12.49 -30.82 -33.76
CA VAL C 203 12.50 -29.74 -34.74
C VAL C 203 11.17 -29.69 -35.47
N TYR C 204 10.94 -28.62 -36.23
CA TYR C 204 9.78 -28.57 -37.11
C TYR C 204 9.86 -29.70 -38.12
N PRO C 205 8.73 -30.35 -38.44
CA PRO C 205 8.77 -31.52 -39.34
C PRO C 205 9.20 -31.19 -40.77
N ASP C 206 9.22 -32.21 -41.63
CA ASP C 206 9.67 -32.03 -43.00
C ASP C 206 8.71 -31.10 -43.74
N ILE C 207 9.28 -30.10 -44.42
CA ILE C 207 8.48 -29.14 -45.18
C ILE C 207 8.05 -29.67 -46.53
N ASN C 208 8.40 -30.91 -46.87
CA ASN C 208 7.87 -31.56 -48.05
C ASN C 208 6.53 -32.25 -47.78
N ASP C 209 6.04 -32.19 -46.55
CA ASP C 209 4.75 -32.76 -46.22
C ASP C 209 3.64 -31.96 -46.89
N PRO C 210 2.56 -32.61 -47.33
CA PRO C 210 1.44 -31.86 -47.91
C PRO C 210 0.76 -30.91 -46.93
N GLU C 211 0.75 -31.24 -45.64
CA GLU C 211 0.08 -30.41 -44.64
C GLU C 211 1.02 -29.54 -43.85
N PHE C 212 2.29 -29.94 -43.69
CA PHE C 212 3.25 -29.17 -42.92
C PHE C 212 4.12 -28.25 -43.77
N GLY C 213 4.03 -28.34 -45.09
CA GLY C 213 4.80 -27.47 -45.96
C GLY C 213 4.18 -26.10 -46.19
N ARG C 214 2.95 -25.89 -45.74
CA ARG C 214 2.30 -24.61 -45.92
C ARG C 214 2.89 -23.57 -44.97
N LEU C 215 3.01 -22.34 -45.47
CA LEU C 215 3.57 -21.25 -44.67
C LEU C 215 2.68 -20.92 -43.48
N ALA C 216 1.36 -20.94 -43.68
CA ALA C 216 0.44 -20.71 -42.57
C ALA C 216 0.59 -21.77 -41.50
N ARG C 217 0.67 -23.05 -41.91
CA ARG C 217 0.91 -24.12 -40.94
C ARG C 217 2.25 -23.96 -40.27
N LYS C 218 3.28 -23.56 -41.05
CA LYS C 218 4.61 -23.32 -40.50
C LYS C 218 4.57 -22.31 -39.35
N TYR C 219 4.06 -21.11 -39.64
CA TYR C 219 4.05 -20.06 -38.63
C TYR C 219 3.14 -20.40 -37.46
N VAL C 220 1.95 -20.95 -37.73
CA VAL C 220 0.99 -21.19 -36.66
C VAL C 220 1.45 -22.33 -35.75
N TYR C 221 2.01 -23.40 -36.32
CA TYR C 221 2.56 -24.47 -35.50
C TYR C 221 3.80 -24.01 -34.74
N SER C 222 4.62 -23.16 -35.34
CA SER C 222 5.76 -22.62 -34.60
C SER C 222 5.30 -21.74 -33.44
N LEU C 223 4.24 -20.97 -33.66
CA LEU C 223 3.66 -20.16 -32.58
C LEU C 223 3.13 -21.04 -31.46
N TYR C 224 2.47 -22.14 -31.81
CA TYR C 224 1.99 -23.09 -30.82
C TYR C 224 3.14 -23.73 -30.05
N TRP C 225 4.22 -24.07 -30.77
CA TRP C 225 5.39 -24.66 -30.11
C TRP C 225 6.05 -23.66 -29.16
N SER C 226 6.19 -22.40 -29.58
CA SER C 226 6.78 -21.39 -28.71
C SER C 226 5.88 -21.11 -27.51
N THR C 227 4.56 -21.20 -27.70
CA THR C 227 3.63 -21.12 -26.58
C THR C 227 3.85 -22.27 -25.60
N LEU C 228 4.03 -23.49 -26.11
CA LEU C 228 4.29 -24.63 -25.23
C LEU C 228 5.68 -24.59 -24.60
N THR C 229 6.63 -23.89 -25.22
CA THR C 229 8.00 -23.90 -24.73
C THR C 229 8.32 -22.76 -23.78
N LEU C 230 7.68 -21.60 -23.95
CA LEU C 230 7.87 -20.50 -23.01
C LEU C 230 7.30 -20.82 -21.64
N THR C 231 6.44 -21.83 -21.53
CA THR C 231 5.95 -22.34 -20.26
C THR C 231 6.43 -23.77 -20.08
N THR C 232 7.09 -24.04 -18.95
CA THR C 232 7.63 -25.37 -18.72
C THR C 232 6.51 -26.41 -18.57
N ILE C 233 5.32 -25.96 -18.14
CA ILE C 233 4.18 -26.85 -17.94
C ILE C 233 3.79 -27.52 -19.25
N GLY C 234 3.81 -26.78 -20.36
CA GLY C 234 3.36 -27.33 -21.63
C GLY C 234 4.25 -28.48 -22.08
N GLU C 235 3.60 -29.50 -22.66
CA GLU C 235 4.27 -30.71 -23.08
C GLU C 235 4.55 -30.64 -24.57
N THR C 236 5.81 -30.80 -24.94
CA THR C 236 6.29 -30.72 -26.31
C THR C 236 7.19 -31.93 -26.52
N PRO C 237 7.37 -32.35 -27.77
CA PRO C 237 8.38 -33.39 -28.06
C PRO C 237 9.74 -32.98 -27.53
N PRO C 238 10.39 -33.86 -26.74
CA PRO C 238 11.59 -33.45 -26.02
C PRO C 238 12.75 -33.22 -26.95
N PRO C 239 13.74 -32.42 -26.55
CA PRO C 239 14.94 -32.23 -27.37
C PRO C 239 15.73 -33.52 -27.51
N VAL C 240 16.46 -33.61 -28.62
CA VAL C 240 17.24 -34.81 -28.92
C VAL C 240 18.72 -34.55 -28.65
N ARG C 241 19.27 -33.52 -29.30
CA ARG C 241 20.67 -33.18 -29.14
C ARG C 241 20.85 -32.02 -28.17
N ASP C 242 22.12 -31.70 -27.88
CA ASP C 242 22.43 -30.74 -26.83
C ASP C 242 22.06 -29.32 -27.23
N SER C 243 22.14 -28.98 -28.51
CA SER C 243 21.76 -27.64 -28.96
C SER C 243 20.27 -27.38 -28.72
N GLU C 244 19.43 -28.37 -29.00
CA GLU C 244 18.00 -28.23 -28.74
C GLU C 244 17.72 -28.12 -27.26
N TYR C 245 18.45 -28.87 -26.43
CA TYR C 245 18.29 -28.78 -24.98
C TYR C 245 18.69 -27.40 -24.48
N VAL C 246 19.79 -26.85 -25.00
CA VAL C 246 20.24 -25.51 -24.60
C VAL C 246 19.19 -24.48 -25.00
N PHE C 247 18.66 -24.59 -26.23
CA PHE C 247 17.64 -23.64 -26.68
C PHE C 247 16.37 -23.75 -25.87
N VAL C 248 15.97 -24.97 -25.51
CA VAL C 248 14.76 -25.16 -24.72
C VAL C 248 14.93 -24.63 -23.31
N VAL C 249 16.12 -24.81 -22.72
CA VAL C 249 16.39 -24.24 -21.40
C VAL C 249 16.40 -22.72 -21.46
N VAL C 250 16.97 -22.16 -22.53
CA VAL C 250 16.97 -20.71 -22.71
C VAL C 250 15.54 -20.18 -22.84
N ASP C 251 14.70 -20.88 -23.62
CA ASP C 251 13.30 -20.51 -23.73
C ASP C 251 12.57 -20.66 -22.39
N PHE C 252 12.92 -21.68 -21.63
CA PHE C 252 12.32 -21.89 -20.31
C PHE C 252 12.59 -20.72 -19.40
N LEU C 253 13.86 -20.27 -19.35
CA LEU C 253 14.19 -19.18 -18.44
C LEU C 253 13.69 -17.84 -18.97
N ILE C 254 13.69 -17.65 -20.29
CA ILE C 254 13.11 -16.44 -20.87
C ILE C 254 11.62 -16.36 -20.58
N GLY C 255 10.91 -17.49 -20.70
CA GLY C 255 9.52 -17.53 -20.33
C GLY C 255 9.27 -17.34 -18.86
N VAL C 256 10.17 -17.84 -18.01
CA VAL C 256 10.08 -17.60 -16.58
C VAL C 256 10.14 -16.10 -16.31
N LEU C 257 11.14 -15.43 -16.87
CA LEU C 257 11.28 -13.98 -16.71
C LEU C 257 10.06 -13.24 -17.23
N ILE C 258 9.63 -13.56 -18.45
CA ILE C 258 8.56 -12.82 -19.11
C ILE C 258 7.23 -13.02 -18.38
N PHE C 259 6.87 -14.27 -18.10
CA PHE C 259 5.57 -14.54 -17.50
C PHE C 259 5.55 -14.16 -16.02
N ALA C 260 6.69 -14.23 -15.32
CA ALA C 260 6.74 -13.69 -13.98
C ALA C 260 6.55 -12.17 -14.01
N THR C 261 7.11 -11.49 -15.01
CA THR C 261 6.89 -10.06 -15.16
C THR C 261 5.43 -9.76 -15.45
N ILE C 262 4.79 -10.58 -16.29
CA ILE C 262 3.38 -10.34 -16.64
C ILE C 262 2.48 -10.56 -15.43
N VAL C 263 2.71 -11.63 -14.68
CA VAL C 263 1.89 -11.93 -13.51
C VAL C 263 2.14 -10.87 -12.43
N GLY C 264 3.38 -10.40 -12.29
CA GLY C 264 3.66 -9.31 -11.38
C GLY C 264 2.98 -8.02 -11.78
N ASN C 265 2.96 -7.72 -13.08
CA ASN C 265 2.26 -6.54 -13.58
C ASN C 265 0.76 -6.61 -13.29
N ILE C 266 0.15 -7.77 -13.56
CA ILE C 266 -1.29 -7.91 -13.34
C ILE C 266 -1.61 -7.90 -11.84
N GLY C 267 -0.74 -8.51 -11.03
CA GLY C 267 -0.92 -8.42 -9.58
C GLY C 267 -0.79 -7.01 -9.06
N SER C 268 0.13 -6.23 -9.63
CA SER C 268 0.25 -4.83 -9.25
C SER C 268 -0.98 -4.04 -9.68
N MET C 269 -1.53 -4.34 -10.86
CA MET C 269 -2.78 -3.71 -11.29
C MET C 269 -3.92 -4.03 -10.31
N ILE C 270 -4.04 -5.28 -9.91
CA ILE C 270 -5.12 -5.68 -9.03
C ILE C 270 -4.94 -5.04 -7.65
N SER C 271 -3.69 -4.95 -7.19
CA SER C 271 -3.40 -4.23 -5.96
C SER C 271 -3.76 -2.75 -6.08
N ASN C 272 -3.49 -2.14 -7.23
CA ASN C 272 -3.81 -0.74 -7.43
C ASN C 272 -5.32 -0.50 -7.45
N MET C 273 -6.06 -1.34 -8.18
CA MET C 273 -7.50 -1.17 -8.26
C MET C 273 -8.20 -1.52 -6.96
N ASN C 274 -7.64 -2.43 -6.18
CA ASN C 274 -8.20 -2.77 -4.88
C ASN C 274 -7.62 -1.95 -3.74
N ALA C 275 -6.66 -1.06 -4.02
CA ALA C 275 -6.07 -0.25 -2.95
C ALA C 275 -7.07 0.71 -2.33
N ALA C 276 -7.90 1.36 -3.15
CA ALA C 276 -8.90 2.26 -2.62
C ALA C 276 -9.96 1.51 -1.80
N ARG C 277 -10.41 0.37 -2.31
CA ARG C 277 -11.37 -0.45 -1.57
C ARG C 277 -10.77 -1.00 -0.29
N ALA C 278 -9.49 -1.40 -0.33
CA ALA C 278 -8.83 -1.93 0.86
C ALA C 278 -8.63 -0.85 1.91
N GLU C 279 -8.26 0.36 1.49
CA GLU C 279 -8.12 1.47 2.43
C GLU C 279 -9.47 1.83 3.05
N PHE C 280 -10.52 1.87 2.23
CA PHE C 280 -11.85 2.18 2.74
C PHE C 280 -12.35 1.10 3.70
N GLN C 281 -12.12 -0.17 3.36
CA GLN C 281 -12.54 -1.26 4.23
C GLN C 281 -11.70 -1.31 5.50
N ALA C 282 -10.43 -0.94 5.43
CA ALA C 282 -9.60 -0.84 6.63
C ALA C 282 -10.11 0.25 7.55
N ARG C 283 -10.49 1.40 6.99
CA ARG C 283 -11.07 2.46 7.80
C ARG C 283 -12.40 2.03 8.41
N ILE C 284 -13.25 1.34 7.63
CA ILE C 284 -14.53 0.88 8.12
C ILE C 284 -14.35 -0.14 9.25
N ASP C 285 -13.42 -1.08 9.06
CA ASP C 285 -13.15 -2.09 10.09
C ASP C 285 -12.51 -1.49 11.32
N ALA C 286 -11.66 -0.47 11.16
CA ALA C 286 -11.10 0.22 12.31
C ALA C 286 -12.18 0.94 13.11
N ILE C 287 -13.12 1.59 12.42
CA ILE C 287 -14.21 2.27 13.11
C ILE C 287 -15.14 1.26 13.78
N LYS C 288 -15.38 0.11 13.12
CA LYS C 288 -16.17 -0.94 13.74
C LYS C 288 -15.49 -1.48 15.00
N GLN C 289 -14.17 -1.68 14.93
CA GLN C 289 -13.41 -2.15 16.09
C GLN C 289 -13.44 -1.12 17.21
N TYR C 290 -13.36 0.16 16.87
CA TYR C 290 -13.44 1.21 17.88
C TYR C 290 -14.82 1.26 18.53
N MET C 291 -15.88 1.09 17.74
CA MET C 291 -17.23 1.16 18.30
C MET C 291 -17.55 -0.07 19.15
N HIS C 292 -17.06 -1.25 18.74
CA HIS C 292 -17.21 -2.43 19.58
C HIS C 292 -16.37 -2.32 20.84
N PHE C 293 -15.19 -1.70 20.73
CA PHE C 293 -14.30 -1.55 21.88
C PHE C 293 -14.84 -0.53 22.87
N ARG C 294 -15.41 0.57 22.38
CA ARG C 294 -15.90 1.65 23.23
C ARG C 294 -17.38 1.49 23.58
N ASN C 295 -18.00 0.36 23.23
CA ASN C 295 -19.39 0.06 23.56
C ASN C 295 -20.36 1.14 23.08
N VAL C 296 -20.15 1.58 21.84
CA VAL C 296 -21.05 2.53 21.21
C VAL C 296 -22.40 1.85 21.00
N SER C 297 -23.49 2.60 21.21
CA SER C 297 -24.83 2.05 21.10
C SER C 297 -25.11 1.57 19.68
N LYS C 298 -26.00 0.57 19.58
CA LYS C 298 -26.19 -0.13 18.31
C LYS C 298 -26.81 0.77 17.26
N ASP C 299 -27.73 1.66 17.64
CA ASP C 299 -28.33 2.57 16.67
C ASP C 299 -27.29 3.50 16.06
N MET C 300 -26.33 3.94 16.86
CA MET C 300 -25.29 4.82 16.36
C MET C 300 -24.37 4.09 15.39
N GLU C 301 -24.04 2.83 15.67
CA GLU C 301 -23.20 2.10 14.72
C GLU C 301 -23.96 1.75 13.44
N LYS C 302 -25.28 1.55 13.52
CA LYS C 302 -26.07 1.46 12.30
C LYS C 302 -26.00 2.76 11.50
N ARG C 303 -26.07 3.90 12.19
CA ARG C 303 -25.93 5.19 11.51
C ARG C 303 -24.57 5.32 10.84
N VAL C 304 -23.51 4.90 11.53
CA VAL C 304 -22.15 5.01 10.98
C VAL C 304 -21.99 4.11 9.76
N ILE C 305 -22.48 2.86 9.85
CA ILE C 305 -22.35 1.94 8.73
C ILE C 305 -23.21 2.40 7.55
N LYS C 306 -24.39 2.94 7.82
CA LYS C 306 -25.23 3.50 6.77
C LYS C 306 -24.55 4.70 6.10
N TRP C 307 -23.88 5.54 6.89
CA TRP C 307 -23.12 6.65 6.34
C TRP C 307 -21.98 6.17 5.45
N PHE C 308 -21.29 5.11 5.88
CA PHE C 308 -20.17 4.60 5.09
C PHE C 308 -20.65 3.94 3.81
N ASP C 309 -21.80 3.24 3.86
CA ASP C 309 -22.38 2.68 2.65
C ASP C 309 -22.85 3.78 1.71
N TYR C 310 -23.36 4.89 2.25
CA TYR C 310 -23.68 6.05 1.42
C TYR C 310 -22.43 6.63 0.79
N LEU C 311 -21.34 6.70 1.54
CA LEU C 311 -20.09 7.26 1.03
C LEU C 311 -19.50 6.41 -0.08
N TRP C 312 -19.56 5.08 0.07
CA TRP C 312 -19.04 4.21 -0.99
C TRP C 312 -19.98 4.15 -2.18
N THR C 313 -21.30 4.24 -1.94
CA THR C 313 -22.26 4.19 -3.04
C THR C 313 -22.12 5.41 -3.94
N ASN C 314 -21.93 6.58 -3.36
CA ASN C 314 -21.84 7.83 -4.13
C ASN C 314 -20.41 8.21 -4.50
N LYS C 315 -19.44 7.34 -4.21
CA LYS C 315 -18.03 7.53 -4.56
C LYS C 315 -17.49 8.85 -4.00
N LYS C 316 -17.71 9.07 -2.70
CA LYS C 316 -17.21 10.25 -1.99
C LYS C 316 -16.25 9.87 -0.87
N THR C 317 -15.49 8.79 -1.08
CA THR C 317 -14.65 8.24 -0.01
C THR C 317 -13.52 9.19 0.37
N VAL C 318 -12.93 9.87 -0.60
CA VAL C 318 -11.84 10.79 -0.36
C VAL C 318 -12.38 12.21 -0.21
N ASP C 319 -11.91 12.92 0.81
CA ASP C 319 -12.30 14.30 1.02
C ASP C 319 -11.49 15.23 0.12
N GLU C 320 -12.03 16.41 -0.12
CA GLU C 320 -11.37 17.35 -1.03
C GLU C 320 -10.13 17.98 -0.41
N LYS C 321 -9.98 17.91 0.92
CA LYS C 321 -8.75 18.36 1.55
C LYS C 321 -7.55 17.54 1.10
N GLU C 322 -7.74 16.23 0.98
CA GLU C 322 -6.70 15.34 0.47
C GLU C 322 -6.70 15.24 -1.05
N VAL C 323 -7.71 15.80 -1.72
CA VAL C 323 -7.74 15.82 -3.18
C VAL C 323 -7.01 17.06 -3.71
N LEU C 324 -7.41 18.23 -3.24
CA LEU C 324 -6.75 19.49 -3.63
C LEU C 324 -5.66 19.86 -2.63
N LYS C 325 -4.76 18.93 -2.34
CA LYS C 325 -3.66 19.18 -1.42
C LYS C 325 -2.35 19.49 -2.11
N TYR C 326 -2.15 18.97 -3.33
CA TYR C 326 -0.94 19.24 -4.09
C TYR C 326 -1.09 20.38 -5.07
N LEU C 327 -2.32 20.80 -5.35
CA LEU C 327 -2.55 21.89 -6.27
C LEU C 327 -2.03 23.20 -5.68
N PRO C 328 -1.57 24.13 -6.51
CA PRO C 328 -1.10 25.42 -6.00
C PRO C 328 -2.26 26.28 -5.50
N ASP C 329 -1.89 27.40 -4.88
CA ASP C 329 -2.90 28.32 -4.35
C ASP C 329 -3.74 28.92 -5.48
N LYS C 330 -3.12 29.20 -6.63
CA LYS C 330 -3.87 29.73 -7.76
C LYS C 330 -4.88 28.72 -8.29
N LEU C 331 -4.50 27.45 -8.39
CA LEU C 331 -5.42 26.47 -8.97
C LEU C 331 -6.53 26.08 -8.00
N ARG C 332 -6.19 25.90 -6.72
CA ARG C 332 -7.23 25.70 -5.71
C ARG C 332 -8.16 26.90 -5.64
N ALA C 333 -7.59 28.10 -5.77
CA ALA C 333 -8.40 29.31 -5.82
C ALA C 333 -9.33 29.30 -7.02
N GLU C 334 -8.83 28.92 -8.20
CA GLU C 334 -9.64 28.93 -9.41
C GLU C 334 -10.79 27.93 -9.30
N ILE C 335 -10.51 26.73 -8.78
CA ILE C 335 -11.58 25.75 -8.56
C ILE C 335 -12.59 26.28 -7.55
N ALA C 336 -12.10 26.98 -6.51
CA ALA C 336 -12.99 27.52 -5.48
C ALA C 336 -13.90 28.61 -6.03
N ILE C 337 -13.36 29.51 -6.88
CA ILE C 337 -14.21 30.46 -7.60
C ILE C 337 -15.25 29.72 -8.43
N ASN C 338 -14.80 28.80 -9.27
CA ASN C 338 -15.69 28.14 -10.23
C ASN C 338 -16.71 27.24 -9.55
N VAL C 339 -16.55 26.95 -8.27
CA VAL C 339 -17.56 26.22 -7.50
C VAL C 339 -18.46 27.17 -6.73
N HIS C 340 -17.89 28.12 -5.97
CA HIS C 340 -18.65 28.84 -4.96
C HIS C 340 -18.83 30.34 -5.18
N LEU C 341 -18.37 30.94 -6.28
CA LEU C 341 -18.46 32.40 -6.36
C LEU C 341 -19.90 32.87 -6.53
N ASP C 342 -20.67 32.20 -7.40
CA ASP C 342 -22.06 32.60 -7.60
C ASP C 342 -22.89 32.39 -6.33
N THR C 343 -22.53 31.38 -5.53
CA THR C 343 -23.22 31.15 -4.27
C THR C 343 -22.82 32.16 -3.21
N LEU C 344 -21.52 32.49 -3.13
CA LEU C 344 -21.02 33.36 -2.07
C LEU C 344 -21.34 34.83 -2.33
N LYS C 345 -21.44 35.24 -3.60
CA LYS C 345 -21.75 36.63 -3.89
C LYS C 345 -23.22 36.97 -3.66
N LYS C 346 -24.10 35.97 -3.52
CA LYS C 346 -25.49 36.21 -3.18
C LYS C 346 -25.69 36.59 -1.73
N VAL C 347 -24.68 36.42 -0.87
CA VAL C 347 -24.79 36.78 0.53
C VAL C 347 -24.83 38.30 0.66
N ARG C 348 -25.64 38.79 1.60
CA ARG C 348 -25.82 40.23 1.76
C ARG C 348 -24.54 40.92 2.21
N ILE C 349 -23.81 40.33 3.16
CA ILE C 349 -22.61 40.98 3.67
C ILE C 349 -21.49 40.96 2.64
N PHE C 350 -21.31 39.84 1.94
CA PHE C 350 -20.27 39.70 0.93
C PHE C 350 -20.71 40.21 -0.45
N ALA C 351 -21.74 41.05 -0.51
CA ALA C 351 -22.19 41.56 -1.79
C ALA C 351 -21.26 42.64 -2.32
N ASP C 352 -21.10 43.73 -1.57
CA ASP C 352 -20.22 44.83 -1.96
C ASP C 352 -18.85 44.63 -1.31
N CYS C 353 -18.11 43.67 -1.86
CA CYS C 353 -16.82 43.27 -1.30
C CYS C 353 -15.79 43.16 -2.41
N GLU C 354 -14.53 43.34 -2.05
CA GLU C 354 -13.44 43.23 -3.01
C GLU C 354 -13.27 41.77 -3.44
N ALA C 355 -12.96 41.57 -4.73
CA ALA C 355 -12.83 40.23 -5.28
C ALA C 355 -11.68 39.46 -4.66
N GLY C 356 -10.61 40.16 -4.26
CA GLY C 356 -9.49 39.49 -3.62
C GLY C 356 -9.87 38.86 -2.30
N LEU C 357 -10.71 39.54 -1.51
CA LEU C 357 -11.24 38.94 -0.29
C LEU C 357 -12.13 37.76 -0.60
N LEU C 358 -12.89 37.82 -1.70
CA LEU C 358 -13.70 36.66 -2.09
C LEU C 358 -12.83 35.47 -2.43
N VAL C 359 -11.71 35.70 -3.13
CA VAL C 359 -10.78 34.62 -3.46
C VAL C 359 -10.14 34.06 -2.19
N GLU C 360 -9.79 34.93 -1.25
CA GLU C 360 -9.14 34.46 -0.02
C GLU C 360 -10.13 33.71 0.87
N LEU C 361 -11.38 34.15 0.91
CA LEU C 361 -12.40 33.52 1.75
C LEU C 361 -12.90 32.21 1.17
N VAL C 362 -12.99 32.11 -0.16
CA VAL C 362 -13.54 30.91 -0.78
C VAL C 362 -12.59 29.73 -0.66
N LEU C 363 -11.30 29.98 -0.43
CA LEU C 363 -10.35 28.90 -0.20
C LEU C 363 -10.55 28.25 1.16
N LYS C 364 -11.16 28.96 2.11
CA LYS C 364 -11.32 28.47 3.47
C LYS C 364 -12.67 27.80 3.71
N LEU C 365 -13.50 27.69 2.68
CA LEU C 365 -14.80 27.01 2.79
C LEU C 365 -14.54 25.52 2.82
N GLN C 366 -14.64 24.92 4.02
CA GLN C 366 -14.38 23.48 4.04
C GLN C 366 -15.69 22.70 4.08
N PRO C 367 -15.81 21.60 3.34
CA PRO C 367 -17.10 20.93 3.24
C PRO C 367 -17.41 20.06 4.46
N GLN C 368 -18.71 19.93 4.73
CA GLN C 368 -19.25 18.99 5.69
C GLN C 368 -20.48 18.35 5.07
N VAL C 369 -20.60 17.04 5.21
CA VAL C 369 -21.74 16.29 4.71
C VAL C 369 -22.55 15.81 5.91
N TYR C 370 -23.85 16.11 5.89
CA TYR C 370 -24.75 15.79 6.98
C TYR C 370 -25.76 14.74 6.52
N SER C 371 -25.96 13.72 7.34
CA SER C 371 -26.96 12.71 7.08
C SER C 371 -28.36 13.30 7.24
N PRO C 372 -29.39 12.65 6.68
CA PRO C 372 -30.76 13.12 6.94
C PRO C 372 -31.09 13.05 8.42
N GLY C 373 -31.80 14.08 8.90
CA GLY C 373 -32.13 14.18 10.29
C GLY C 373 -31.02 14.69 11.19
N ASP C 374 -29.91 15.15 10.62
CA ASP C 374 -28.81 15.67 11.43
C ASP C 374 -29.04 17.13 11.78
N TYR C 375 -28.76 17.47 13.02
CA TYR C 375 -28.87 18.85 13.51
C TYR C 375 -27.54 19.55 13.27
N ILE C 376 -27.50 20.44 12.27
CA ILE C 376 -26.28 21.19 11.97
C ILE C 376 -25.93 22.10 13.14
N CYS C 377 -26.93 22.82 13.65
CA CYS C 377 -26.75 23.65 14.84
C CYS C 377 -28.05 23.65 15.62
N LYS C 378 -27.92 23.75 16.94
CA LYS C 378 -29.06 23.80 17.83
C LYS C 378 -29.11 25.16 18.53
N LYS C 379 -30.29 25.50 19.03
CA LYS C 379 -30.41 26.70 19.84
C LYS C 379 -29.63 26.54 21.13
N GLY C 380 -28.80 27.51 21.46
CA GLY C 380 -27.90 27.41 22.58
C GLY C 380 -26.49 26.98 22.23
N ASP C 381 -26.14 26.95 20.95
CA ASP C 381 -24.81 26.54 20.50
C ASP C 381 -23.96 27.75 20.12
N ILE C 382 -22.65 27.54 20.07
CA ILE C 382 -21.73 28.58 19.65
C ILE C 382 -21.82 28.79 18.14
N GLY C 383 -22.01 30.04 17.74
CA GLY C 383 -21.89 30.37 16.34
C GLY C 383 -20.47 30.77 16.01
N ARG C 384 -19.69 29.82 15.49
CA ARG C 384 -18.32 30.08 15.06
C ARG C 384 -18.11 29.66 13.61
N GLU C 385 -19.17 29.27 12.91
CA GLU C 385 -19.08 28.86 11.52
C GLU C 385 -20.29 29.36 10.75
N MET C 386 -20.06 29.79 9.53
CA MET C 386 -21.11 30.17 8.59
C MET C 386 -21.29 29.04 7.58
N TYR C 387 -22.51 28.54 7.45
CA TYR C 387 -22.76 27.40 6.60
C TYR C 387 -23.44 27.84 5.32
N ILE C 388 -22.88 27.41 4.19
CA ILE C 388 -23.34 27.75 2.85
C ILE C 388 -23.83 26.46 2.21
N ILE C 389 -25.09 26.42 1.82
CA ILE C 389 -25.68 25.19 1.30
C ILE C 389 -25.29 25.02 -0.16
N LYS C 390 -24.23 24.27 -0.42
CA LYS C 390 -23.87 23.96 -1.80
C LYS C 390 -24.82 22.93 -2.40
N GLU C 391 -25.16 21.90 -1.63
CA GLU C 391 -26.07 20.86 -2.08
C GLU C 391 -26.82 20.32 -0.88
N GLY C 392 -28.12 20.14 -1.04
CA GLY C 392 -28.97 19.62 0.02
C GLY C 392 -30.06 20.60 0.41
N LYS C 393 -30.95 20.11 1.27
CA LYS C 393 -32.05 20.91 1.79
C LYS C 393 -32.02 20.86 3.31
N LEU C 394 -32.09 22.03 3.93
CA LEU C 394 -32.14 22.15 5.38
C LEU C 394 -33.50 22.70 5.79
N ALA C 395 -33.78 22.65 7.09
CA ALA C 395 -35.05 23.14 7.60
C ALA C 395 -34.83 23.81 8.95
N VAL C 396 -35.51 24.93 9.16
CA VAL C 396 -35.56 25.56 10.47
C VAL C 396 -36.68 24.89 11.24
N VAL C 397 -36.34 24.28 12.37
CA VAL C 397 -37.27 23.49 13.17
C VAL C 397 -37.33 24.07 14.57
N ALA C 398 -38.33 23.63 15.33
CA ALA C 398 -38.49 24.06 16.71
C ALA C 398 -37.60 23.18 17.61
N ASP C 399 -37.79 23.31 18.93
CA ASP C 399 -36.98 22.53 19.86
C ASP C 399 -37.29 21.04 19.77
N ASP C 400 -38.56 20.69 19.59
CA ASP C 400 -38.92 19.28 19.43
C ASP C 400 -38.48 18.73 18.08
N GLY C 401 -38.44 19.58 17.05
CA GLY C 401 -38.05 19.16 15.72
C GLY C 401 -39.15 18.52 14.89
N VAL C 402 -40.37 18.42 15.43
CA VAL C 402 -41.46 17.80 14.69
C VAL C 402 -41.90 18.69 13.53
N THR C 403 -42.06 19.99 13.79
CA THR C 403 -42.55 20.92 12.79
C THR C 403 -41.39 21.67 12.15
N GLN C 404 -41.61 22.14 10.92
CA GLN C 404 -40.61 22.87 10.15
C GLN C 404 -41.08 24.29 9.92
N PHE C 405 -40.21 25.26 10.20
CA PHE C 405 -40.58 26.66 10.04
C PHE C 405 -40.39 27.12 8.59
N VAL C 406 -39.19 26.88 8.04
CA VAL C 406 -38.90 27.27 6.67
C VAL C 406 -37.87 26.30 6.10
N VAL C 407 -37.98 26.03 4.80
CA VAL C 407 -37.06 25.14 4.10
C VAL C 407 -36.02 25.98 3.39
N LEU C 408 -34.81 25.43 3.29
CA LEU C 408 -33.70 26.07 2.60
C LEU C 408 -33.12 25.08 1.61
N SER C 409 -32.75 25.58 0.43
CA SER C 409 -32.24 24.77 -0.67
C SER C 409 -30.80 25.18 -0.96
N ASP C 410 -30.28 24.67 -2.07
CA ASP C 410 -28.92 25.04 -2.49
C ASP C 410 -28.85 26.52 -2.83
N GLY C 411 -27.66 27.10 -2.64
CA GLY C 411 -27.46 28.51 -2.83
C GLY C 411 -27.79 29.37 -1.63
N SER C 412 -28.29 28.77 -0.55
CA SER C 412 -28.66 29.52 0.64
C SER C 412 -27.48 29.59 1.61
N TYR C 413 -27.65 30.41 2.65
CA TYR C 413 -26.59 30.65 3.61
C TYR C 413 -27.20 30.97 4.97
N PHE C 414 -26.49 30.58 6.02
CA PHE C 414 -26.89 30.99 7.37
C PHE C 414 -25.67 31.01 8.26
N GLY C 415 -25.83 31.63 9.42
CA GLY C 415 -24.70 31.90 10.29
C GLY C 415 -23.86 33.08 9.86
N GLU C 416 -24.43 34.01 9.10
CA GLU C 416 -23.67 35.15 8.61
C GLU C 416 -23.31 36.13 9.72
N ILE C 417 -24.18 36.29 10.71
CA ILE C 417 -23.94 37.24 11.80
C ILE C 417 -23.30 36.59 13.02
N SER C 418 -23.31 35.26 13.11
CA SER C 418 -22.68 34.60 14.25
C SER C 418 -21.16 34.72 14.19
N ILE C 419 -20.60 34.67 12.99
CA ILE C 419 -19.15 34.78 12.85
C ILE C 419 -18.69 36.23 12.98
N LEU C 420 -19.56 37.19 12.66
CA LEU C 420 -19.22 38.60 12.74
C LEU C 420 -19.20 39.04 14.19
N ASN C 421 -18.07 39.57 14.64
CA ASN C 421 -17.96 40.07 16.00
C ASN C 421 -18.70 41.39 16.14
N ILE C 422 -19.95 41.34 16.57
CA ILE C 422 -20.80 42.51 16.70
C ILE C 422 -20.99 42.80 18.19
N LYS C 423 -20.64 44.01 18.60
CA LYS C 423 -20.74 44.40 20.00
C LYS C 423 -22.16 44.80 20.35
N GLY C 424 -22.61 44.39 21.54
CA GLY C 424 -23.92 44.77 22.02
C GLY C 424 -25.08 43.98 21.45
N SER C 425 -24.80 42.82 20.85
CA SER C 425 -25.87 42.00 20.30
C SER C 425 -26.69 41.36 21.42
N LYS C 426 -28.01 41.43 21.30
CA LYS C 426 -28.89 40.78 22.27
C LYS C 426 -28.76 39.26 22.19
N ALA C 427 -28.60 38.72 20.99
CA ALA C 427 -28.45 37.30 20.79
C ALA C 427 -27.11 36.97 20.14
N GLY C 428 -26.05 37.57 20.65
CA GLY C 428 -24.72 37.33 20.11
C GLY C 428 -24.26 35.90 20.35
N ASN C 429 -23.31 35.48 19.50
CA ASN C 429 -22.58 34.20 19.43
C ASN C 429 -23.44 33.01 19.84
N ARG C 430 -24.68 32.99 19.37
CA ARG C 430 -25.64 31.96 19.74
C ARG C 430 -26.56 31.72 18.55
N ARG C 431 -26.97 30.48 18.36
CA ARG C 431 -27.89 30.14 17.28
C ARG C 431 -29.31 30.51 17.68
N THR C 432 -29.96 31.34 16.89
CA THR C 432 -31.33 31.77 17.13
C THR C 432 -32.36 30.80 16.57
N ALA C 433 -31.93 29.74 15.88
CA ALA C 433 -32.85 28.78 15.29
C ALA C 433 -32.17 27.43 15.23
N ASN C 434 -33.00 26.39 15.09
CA ASN C 434 -32.54 25.01 14.98
C ASN C 434 -32.51 24.62 13.52
N ILE C 435 -31.38 24.12 13.05
CA ILE C 435 -31.22 23.71 11.65
C ILE C 435 -31.13 22.19 11.60
N LYS C 436 -32.01 21.58 10.83
CA LYS C 436 -32.07 20.14 10.66
C LYS C 436 -31.83 19.80 9.20
N SER C 437 -30.95 18.83 8.95
CA SER C 437 -30.68 18.36 7.61
C SER C 437 -31.82 17.45 7.16
N ILE C 438 -32.57 17.87 6.15
CA ILE C 438 -33.65 17.04 5.63
C ILE C 438 -33.08 15.83 4.91
N GLY C 439 -32.03 16.04 4.11
CA GLY C 439 -31.38 14.94 3.40
C GLY C 439 -29.88 14.95 3.58
N TYR C 440 -29.17 14.28 2.67
CA TYR C 440 -27.71 14.24 2.70
C TYR C 440 -27.19 15.57 2.18
N SER C 441 -26.96 16.52 3.08
CA SER C 441 -26.63 17.88 2.70
C SER C 441 -25.12 18.05 2.66
N ASP C 442 -24.60 18.47 1.50
CA ASP C 442 -23.18 18.75 1.33
C ASP C 442 -23.03 20.27 1.37
N LEU C 443 -22.65 20.80 2.51
CA LEU C 443 -22.61 22.24 2.74
C LEU C 443 -21.25 22.66 3.26
N PHE C 444 -20.80 23.84 2.84
CA PHE C 444 -19.45 24.30 3.12
C PHE C 444 -19.48 25.30 4.27
N CYS C 445 -18.66 25.07 5.28
CA CYS C 445 -18.58 25.96 6.43
C CYS C 445 -17.35 26.84 6.35
N LEU C 446 -17.53 28.10 6.72
CA LEU C 446 -16.46 29.09 6.83
C LEU C 446 -16.32 29.44 8.30
N SER C 447 -15.18 29.11 8.89
CA SER C 447 -14.99 29.32 10.32
C SER C 447 -14.88 30.81 10.64
N LYS C 448 -15.26 31.16 11.86
CA LYS C 448 -15.13 32.54 12.32
C LYS C 448 -13.66 32.95 12.39
N ASP C 449 -12.81 32.08 12.93
CA ASP C 449 -11.38 32.37 12.97
C ASP C 449 -10.77 32.38 11.59
N ASP C 450 -11.28 31.54 10.67
CA ASP C 450 -10.81 31.57 9.29
C ASP C 450 -11.15 32.89 8.61
N LEU C 451 -12.35 33.41 8.85
CA LEU C 451 -12.74 34.68 8.23
C LEU C 451 -12.01 35.86 8.87
N MET C 452 -11.80 35.83 10.19
CA MET C 452 -11.04 36.90 10.82
C MET C 452 -9.57 36.86 10.43
N GLU C 453 -9.02 35.68 10.20
CA GLU C 453 -7.65 35.57 9.69
C GLU C 453 -7.59 35.99 8.22
N ALA C 454 -8.68 35.81 7.48
CA ALA C 454 -8.74 36.31 6.12
C ALA C 454 -9.07 37.79 6.06
N LEU C 455 -9.55 38.37 7.16
CA LEU C 455 -9.86 39.79 7.22
C LEU C 455 -8.73 40.64 7.81
N THR C 456 -7.61 40.03 8.20
CA THR C 456 -6.46 40.81 8.62
C THR C 456 -5.77 41.50 7.46
N GLU C 457 -6.15 41.16 6.23
CA GLU C 457 -5.57 41.76 5.03
C GLU C 457 -6.45 42.84 4.43
N TYR C 458 -7.73 42.89 4.82
CA TYR C 458 -8.68 43.89 4.32
C TYR C 458 -9.40 44.54 5.49
N PRO C 459 -8.77 45.49 6.18
CA PRO C 459 -9.45 46.17 7.29
C PRO C 459 -10.62 47.03 6.84
N ASP C 460 -10.55 47.62 5.65
CA ASP C 460 -11.68 48.38 5.12
C ASP C 460 -12.88 47.46 4.89
N ALA C 461 -12.63 46.28 4.33
CA ALA C 461 -13.71 45.31 4.20
C ALA C 461 -14.15 44.77 5.56
N LYS C 462 -13.24 44.74 6.53
CA LYS C 462 -13.60 44.31 7.88
C LYS C 462 -14.62 45.27 8.50
N THR C 463 -14.34 46.57 8.46
CA THR C 463 -15.33 47.52 8.99
C THR C 463 -16.55 47.64 8.09
N MET C 464 -16.43 47.33 6.79
CA MET C 464 -17.60 47.31 5.91
C MET C 464 -18.54 46.18 6.34
N LEU C 465 -17.99 45.00 6.60
CA LEU C 465 -18.79 43.88 7.10
C LEU C 465 -19.35 44.15 8.48
N GLU C 466 -18.59 44.85 9.33
CA GLU C 466 -19.09 45.23 10.64
C GLU C 466 -20.29 46.16 10.51
N GLU C 467 -20.22 47.13 9.58
CA GLU C 467 -21.36 48.02 9.34
C GLU C 467 -22.55 47.25 8.78
N LYS C 468 -22.30 46.28 7.89
CA LYS C 468 -23.38 45.47 7.34
C LYS C 468 -24.08 44.66 8.43
N GLY C 469 -23.29 44.05 9.32
CA GLY C 469 -23.88 43.36 10.46
C GLY C 469 -24.62 44.29 11.40
N LYS C 470 -24.13 45.53 11.54
CA LYS C 470 -24.82 46.53 12.35
C LYS C 470 -26.21 46.83 11.80
N GLN C 471 -26.30 47.11 10.50
CA GLN C 471 -27.62 47.36 9.91
C GLN C 471 -28.50 46.12 9.90
N ILE C 472 -27.91 44.93 9.76
CA ILE C 472 -28.69 43.70 9.80
C ILE C 472 -29.30 43.50 11.19
N LEU C 473 -28.52 43.74 12.24
CA LEU C 473 -29.04 43.56 13.58
C LEU C 473 -30.02 44.67 13.97
N MET C 474 -29.81 45.89 13.46
CA MET C 474 -30.78 46.96 13.71
C MET C 474 -32.06 46.75 12.93
N LYS C 475 -32.01 46.03 11.81
CA LYS C 475 -33.23 45.74 11.06
C LYS C 475 -34.16 44.81 11.85
N ASP C 476 -33.58 43.81 12.53
CA ASP C 476 -34.35 42.87 13.32
C ASP C 476 -34.39 43.23 14.81
N GLY C 477 -33.79 44.33 15.20
CA GLY C 477 -33.83 44.78 16.58
C GLY C 477 -33.13 43.88 17.59
N LEU C 478 -31.93 43.40 17.26
CA LEU C 478 -31.16 42.54 18.14
C LEU C 478 -30.05 43.29 18.88
N LEU C 479 -30.17 44.60 19.02
CA LEU C 479 -29.19 45.38 19.76
C LEU C 479 -29.83 46.08 20.96
N VAL D 26 -44.81 5.51 -4.32
CA VAL D 26 -44.04 4.33 -3.95
C VAL D 26 -42.71 4.32 -4.68
N VAL D 27 -41.63 4.29 -3.91
CA VAL D 27 -40.27 4.32 -4.45
C VAL D 27 -39.43 3.33 -3.66
N ILE D 28 -38.42 2.76 -4.31
CA ILE D 28 -37.49 1.83 -3.68
C ILE D 28 -36.16 2.54 -3.48
N ASP D 29 -35.58 2.36 -2.29
CA ASP D 29 -34.31 2.97 -1.96
C ASP D 29 -33.18 2.10 -2.49
N PRO D 30 -32.28 2.63 -3.33
CA PRO D 30 -31.19 1.80 -3.85
C PRO D 30 -30.21 1.32 -2.79
N SER D 31 -30.15 1.98 -1.63
CA SER D 31 -29.31 1.54 -0.53
C SER D 31 -30.04 0.60 0.42
N GLY D 32 -31.33 0.34 0.19
CA GLY D 32 -32.10 -0.50 1.07
C GLY D 32 -31.88 -1.99 0.80
N ASN D 33 -32.41 -2.81 1.71
CA ASN D 33 -32.28 -4.25 1.56
C ASN D 33 -33.20 -4.81 0.49
N THR D 34 -34.32 -4.13 0.21
CA THR D 34 -35.22 -4.59 -0.84
C THR D 34 -34.57 -4.45 -2.21
N TYR D 35 -33.79 -3.39 -2.41
CA TYR D 35 -33.06 -3.22 -3.66
C TYR D 35 -31.99 -4.28 -3.82
N TYR D 36 -31.32 -4.66 -2.73
CA TYR D 36 -30.34 -5.74 -2.79
C TYR D 36 -31.00 -7.08 -3.10
N ASN D 37 -32.17 -7.31 -2.51
CA ASN D 37 -32.92 -8.53 -2.81
C ASN D 37 -33.34 -8.57 -4.27
N TRP D 38 -33.78 -7.44 -4.82
CA TRP D 38 -34.11 -7.42 -6.25
C TRP D 38 -32.86 -7.52 -7.11
N LEU D 39 -31.71 -7.05 -6.62
CA LEU D 39 -30.47 -7.25 -7.33
C LEU D 39 -30.13 -8.72 -7.44
N PHE D 40 -30.34 -9.49 -6.37
CA PHE D 40 -30.20 -10.94 -6.45
C PHE D 40 -31.22 -11.56 -7.39
N CYS D 41 -32.48 -11.08 -7.32
CA CYS D 41 -33.56 -11.65 -8.12
C CYS D 41 -33.44 -11.32 -9.60
N ILE D 42 -32.63 -10.32 -9.96
CA ILE D 42 -32.30 -10.08 -11.36
C ILE D 42 -30.95 -10.70 -11.73
N THR D 43 -30.05 -10.91 -10.76
CA THR D 43 -28.80 -11.60 -11.04
C THR D 43 -29.04 -13.05 -11.43
N LEU D 44 -30.05 -13.69 -10.82
CA LEU D 44 -30.33 -15.08 -11.17
C LEU D 44 -30.71 -15.28 -12.64
N PRO D 45 -31.63 -14.51 -13.25
CA PRO D 45 -31.83 -14.66 -14.70
C PRO D 45 -30.64 -14.20 -15.52
N VAL D 46 -29.87 -13.21 -15.07
CA VAL D 46 -28.71 -12.76 -15.83
C VAL D 46 -27.63 -13.83 -15.83
N MET D 47 -27.37 -14.46 -14.69
CA MET D 47 -26.43 -15.58 -14.63
C MET D 47 -26.94 -16.76 -15.46
N TYR D 48 -28.25 -17.03 -15.37
CA TYR D 48 -28.84 -18.11 -16.16
C TYR D 48 -28.66 -17.87 -17.65
N ASN D 49 -28.86 -16.63 -18.10
CA ASN D 49 -28.63 -16.31 -19.50
C ASN D 49 -27.16 -16.48 -19.86
N TRP D 50 -26.28 -15.85 -19.07
CA TRP D 50 -24.85 -15.80 -19.38
C TRP D 50 -24.22 -17.19 -19.43
N THR D 51 -24.78 -18.16 -18.72
CA THR D 51 -24.29 -19.52 -18.86
C THR D 51 -25.10 -20.31 -19.91
N MET D 52 -26.40 -20.43 -19.70
CA MET D 52 -27.20 -21.40 -20.42
C MET D 52 -27.50 -20.99 -21.85
N VAL D 53 -27.41 -19.70 -22.20
CA VAL D 53 -27.65 -19.30 -23.58
C VAL D 53 -26.55 -19.84 -24.48
N ILE D 54 -25.28 -19.64 -24.09
CA ILE D 54 -24.19 -20.21 -24.88
C ILE D 54 -24.13 -21.72 -24.71
N ALA D 55 -24.59 -22.25 -23.56
CA ALA D 55 -24.62 -23.70 -23.40
C ALA D 55 -25.60 -24.36 -24.37
N ARG D 56 -26.77 -23.77 -24.54
CA ARG D 56 -27.75 -24.28 -25.49
C ARG D 56 -27.37 -23.97 -26.93
N ALA D 57 -26.68 -22.84 -27.15
CA ALA D 57 -26.26 -22.49 -28.50
C ALA D 57 -25.21 -23.45 -29.03
N CYS D 58 -24.26 -23.85 -28.19
CA CYS D 58 -23.19 -24.72 -28.65
C CYS D 58 -23.54 -26.19 -28.55
N PHE D 59 -24.22 -26.60 -27.48
CA PHE D 59 -24.70 -27.98 -27.34
C PHE D 59 -26.13 -28.02 -27.86
N ASP D 60 -26.31 -28.47 -29.10
CA ASP D 60 -27.63 -28.51 -29.71
C ASP D 60 -28.53 -29.53 -29.04
N GLU D 61 -27.97 -30.64 -28.56
CA GLU D 61 -28.75 -31.63 -27.83
C GLU D 61 -29.23 -31.10 -26.49
N LEU D 62 -28.55 -30.09 -25.93
CA LEU D 62 -29.02 -29.46 -24.71
C LEU D 62 -30.24 -28.58 -24.98
N GLN D 63 -30.25 -27.88 -26.11
CA GLN D 63 -31.38 -27.01 -26.45
C GLN D 63 -32.57 -27.83 -26.90
N SER D 64 -32.34 -28.88 -27.70
CA SER D 64 -33.46 -29.61 -28.30
C SER D 64 -34.17 -30.50 -27.28
N ASP D 65 -33.42 -31.12 -26.36
CA ASP D 65 -34.03 -32.09 -25.44
C ASP D 65 -34.89 -31.40 -24.39
N TYR D 66 -34.40 -30.30 -23.82
CA TYR D 66 -35.11 -29.59 -22.75
C TYR D 66 -35.75 -28.31 -23.25
N LEU D 67 -36.25 -28.31 -24.50
CA LEU D 67 -36.82 -27.11 -25.09
C LEU D 67 -38.05 -26.63 -24.32
N GLU D 68 -38.86 -27.57 -23.83
CA GLU D 68 -40.04 -27.19 -23.05
C GLU D 68 -39.65 -26.48 -21.77
N TYR D 69 -38.58 -26.93 -21.10
CA TYR D 69 -38.11 -26.25 -19.90
C TYR D 69 -37.39 -24.96 -20.25
N TRP D 70 -36.62 -24.96 -21.35
CA TRP D 70 -35.83 -23.77 -21.68
C TRP D 70 -36.73 -22.61 -22.11
N LEU D 71 -37.81 -22.90 -22.83
CA LEU D 71 -38.74 -21.83 -23.21
C LEU D 71 -39.41 -21.21 -21.98
N ILE D 72 -39.79 -22.06 -21.01
CA ILE D 72 -40.41 -21.56 -19.78
C ILE D 72 -39.42 -20.72 -18.99
N LEU D 73 -38.18 -21.19 -18.85
CA LEU D 73 -37.18 -20.44 -18.11
C LEU D 73 -36.81 -19.14 -18.83
N ASP D 74 -36.78 -19.15 -20.16
CA ASP D 74 -36.50 -17.94 -20.92
C ASP D 74 -37.63 -16.92 -20.77
N TYR D 75 -38.88 -17.39 -20.78
CA TYR D 75 -40.01 -16.48 -20.55
C TYR D 75 -39.98 -15.92 -19.14
N VAL D 76 -39.62 -16.74 -18.16
CA VAL D 76 -39.49 -16.26 -16.79
C VAL D 76 -38.39 -15.21 -16.68
N SER D 77 -37.26 -15.45 -17.34
CA SER D 77 -36.16 -14.48 -17.33
C SER D 77 -36.57 -13.18 -18.02
N ASP D 78 -37.33 -13.27 -19.11
CA ASP D 78 -37.82 -12.06 -19.77
C ASP D 78 -38.81 -11.31 -18.88
N ILE D 79 -39.66 -12.03 -18.15
CA ILE D 79 -40.59 -11.39 -17.22
C ILE D 79 -39.82 -10.65 -16.13
N VAL D 80 -38.78 -11.29 -15.59
CA VAL D 80 -37.94 -10.62 -14.58
C VAL D 80 -37.19 -9.44 -15.20
N TYR D 81 -36.86 -9.51 -16.49
CA TYR D 81 -36.25 -8.35 -17.16
C TYR D 81 -37.23 -7.18 -17.26
N LEU D 82 -38.50 -7.46 -17.58
CA LEU D 82 -39.52 -6.41 -17.56
C LEU D 82 -39.69 -5.81 -16.17
N ILE D 83 -39.71 -6.66 -15.14
CA ILE D 83 -39.85 -6.14 -13.78
C ILE D 83 -38.60 -5.37 -13.36
N ASP D 84 -37.44 -5.74 -13.90
CA ASP D 84 -36.22 -4.98 -13.64
C ASP D 84 -36.27 -3.61 -14.29
N MET D 85 -36.82 -3.54 -15.51
CA MET D 85 -37.07 -2.24 -16.12
C MET D 85 -38.03 -1.40 -15.29
N PHE D 86 -39.09 -2.03 -14.79
CA PHE D 86 -40.07 -1.31 -13.96
C PHE D 86 -39.45 -0.82 -12.66
N VAL D 87 -38.59 -1.64 -12.05
CA VAL D 87 -37.91 -1.24 -10.82
C VAL D 87 -36.93 -0.11 -11.08
N ARG D 88 -36.17 -0.20 -12.17
CA ARG D 88 -35.19 0.83 -12.49
C ARG D 88 -35.86 2.14 -12.88
N THR D 89 -37.09 2.09 -13.40
CA THR D 89 -37.89 3.30 -13.49
C THR D 89 -38.33 3.75 -12.11
N ARG D 90 -38.71 2.81 -11.24
CA ARG D 90 -39.26 3.13 -9.94
C ARG D 90 -38.19 3.42 -8.88
N THR D 91 -36.94 3.12 -9.14
CA THR D 91 -35.90 3.41 -8.16
C THR D 91 -35.54 4.88 -8.18
N GLY D 92 -35.08 5.37 -7.03
CA GLY D 92 -34.76 6.78 -6.90
C GLY D 92 -33.28 7.05 -6.71
N TYR D 93 -32.87 8.28 -6.96
CA TYR D 93 -31.50 8.71 -6.73
C TYR D 93 -31.51 9.87 -5.75
N LEU D 94 -30.32 10.29 -5.33
CA LEU D 94 -30.18 11.35 -4.34
C LEU D 94 -29.99 12.68 -5.05
N GLU D 95 -31.10 13.39 -5.24
CA GLU D 95 -31.07 14.77 -5.73
C GLU D 95 -31.22 15.70 -4.54
N GLN D 96 -30.21 16.54 -4.32
CA GLN D 96 -30.12 17.43 -3.15
C GLN D 96 -30.20 16.64 -1.85
N GLY D 97 -29.60 15.46 -1.84
CA GLY D 97 -29.61 14.60 -0.66
C GLY D 97 -30.93 13.92 -0.38
N LEU D 98 -31.95 14.11 -1.20
CA LEU D 98 -33.26 13.55 -0.99
C LEU D 98 -33.60 12.59 -2.12
N LEU D 99 -34.21 11.46 -1.76
CA LEU D 99 -34.63 10.48 -2.76
C LEU D 99 -35.77 11.05 -3.59
N VAL D 100 -35.65 10.95 -4.91
CA VAL D 100 -36.66 11.52 -5.80
C VAL D 100 -37.90 10.65 -5.78
N LYS D 101 -39.05 11.27 -5.53
CA LYS D 101 -40.33 10.57 -5.48
C LYS D 101 -41.23 10.90 -6.65
N GLU D 102 -40.70 11.61 -7.65
CA GLU D 102 -41.49 11.98 -8.83
C GLU D 102 -41.25 10.93 -9.92
N GLU D 103 -42.34 10.31 -10.39
CA GLU D 103 -42.24 9.22 -11.35
C GLU D 103 -41.66 9.68 -12.68
N LEU D 104 -42.12 10.83 -13.18
CA LEU D 104 -41.67 11.32 -14.48
C LEU D 104 -40.19 11.69 -14.44
N LYS D 105 -39.74 12.30 -13.34
CA LYS D 105 -38.32 12.65 -13.19
C LYS D 105 -37.45 11.40 -13.20
N LEU D 106 -37.89 10.34 -12.51
CA LEU D 106 -37.14 9.09 -12.50
C LEU D 106 -37.13 8.44 -13.88
N ILE D 107 -38.25 8.51 -14.60
CA ILE D 107 -38.31 7.93 -15.95
C ILE D 107 -37.38 8.66 -16.90
N ASN D 108 -37.37 10.00 -16.85
CA ASN D 108 -36.45 10.75 -17.72
C ASN D 108 -35.00 10.57 -17.31
N LYS D 109 -34.73 10.36 -16.01
CA LYS D 109 -33.37 10.04 -15.59
C LYS D 109 -32.94 8.68 -16.14
N TYR D 110 -33.84 7.70 -16.10
CA TYR D 110 -33.52 6.37 -16.62
C TYR D 110 -33.30 6.39 -18.12
N LYS D 111 -34.19 7.07 -18.87
CA LYS D 111 -34.09 7.08 -20.33
C LYS D 111 -32.82 7.79 -20.79
N SER D 112 -32.44 8.89 -20.14
CA SER D 112 -31.21 9.61 -20.47
C SER D 112 -30.03 8.96 -19.76
N ASN D 113 -29.76 7.71 -20.15
CA ASN D 113 -28.69 6.92 -19.55
C ASN D 113 -28.35 5.81 -20.53
N LEU D 114 -27.12 5.31 -20.45
CA LEU D 114 -26.72 4.18 -21.28
C LEU D 114 -27.40 2.90 -20.82
N GLN D 115 -27.80 2.84 -19.55
CA GLN D 115 -28.43 1.64 -19.02
C GLN D 115 -29.77 1.37 -19.68
N PHE D 116 -30.53 2.42 -20.00
CA PHE D 116 -31.79 2.23 -20.72
C PHE D 116 -31.55 1.67 -22.11
N LYS D 117 -30.53 2.16 -22.80
CA LYS D 117 -30.18 1.63 -24.12
C LYS D 117 -29.78 0.17 -24.04
N LEU D 118 -28.97 -0.18 -23.03
CA LEU D 118 -28.55 -1.57 -22.85
C LEU D 118 -29.74 -2.45 -22.53
N ASP D 119 -30.66 -1.98 -21.68
CA ASP D 119 -31.83 -2.77 -21.32
C ASP D 119 -32.77 -2.96 -22.51
N VAL D 120 -32.99 -1.91 -23.30
CA VAL D 120 -33.91 -2.05 -24.43
C VAL D 120 -33.28 -2.90 -25.53
N LEU D 121 -31.95 -2.85 -25.68
CA LEU D 121 -31.28 -3.77 -26.60
C LEU D 121 -31.33 -5.20 -26.08
N SER D 122 -31.29 -5.37 -24.75
CA SER D 122 -31.35 -6.70 -24.17
C SER D 122 -32.75 -7.30 -24.25
N LEU D 123 -33.77 -6.45 -24.27
CA LEU D 123 -35.15 -6.91 -24.23
C LEU D 123 -35.83 -6.82 -25.60
N ILE D 124 -35.06 -6.61 -26.66
CA ILE D 124 -35.63 -6.73 -28.01
C ILE D 124 -36.08 -8.17 -28.21
N PRO D 125 -37.33 -8.41 -28.60
CA PRO D 125 -37.79 -9.80 -28.73
C PRO D 125 -37.18 -10.48 -29.95
N THR D 126 -36.17 -11.31 -29.69
CA THR D 126 -35.53 -12.08 -30.74
C THR D 126 -36.03 -13.51 -30.78
N ASP D 127 -36.95 -13.89 -29.88
CA ASP D 127 -37.52 -15.23 -29.91
C ASP D 127 -38.39 -15.46 -31.15
N LEU D 128 -38.77 -14.39 -31.85
CA LEU D 128 -39.46 -14.55 -33.13
C LEU D 128 -38.53 -15.11 -34.19
N LEU D 129 -37.21 -14.87 -34.06
CA LEU D 129 -36.25 -15.38 -35.03
C LEU D 129 -36.18 -16.90 -35.04
N TYR D 130 -36.65 -17.55 -33.98
CA TYR D 130 -36.87 -19.00 -34.00
C TYR D 130 -37.70 -19.40 -35.20
N PHE D 131 -38.80 -18.67 -35.44
CA PHE D 131 -39.67 -18.96 -36.58
C PHE D 131 -38.96 -18.76 -37.91
N LYS D 132 -37.83 -18.05 -37.93
CA LYS D 132 -37.02 -17.95 -39.13
C LYS D 132 -35.91 -18.99 -39.18
N LEU D 133 -35.41 -19.44 -38.02
CA LEU D 133 -34.23 -20.29 -37.99
C LEU D 133 -34.45 -21.62 -37.29
N GLY D 134 -35.69 -21.96 -36.95
CA GLY D 134 -35.95 -23.19 -36.22
C GLY D 134 -35.59 -23.05 -34.75
N TRP D 135 -35.73 -24.16 -34.04
CA TRP D 135 -35.43 -24.21 -32.62
C TRP D 135 -33.99 -24.58 -32.33
N ASN D 136 -33.15 -24.73 -33.36
CA ASN D 136 -31.77 -25.14 -33.20
C ASN D 136 -30.83 -23.96 -33.03
N TYR D 137 -31.34 -22.74 -32.99
CA TYR D 137 -30.51 -21.53 -32.89
C TYR D 137 -30.96 -20.70 -31.70
N PRO D 138 -30.51 -21.04 -30.50
CA PRO D 138 -30.82 -20.23 -29.31
C PRO D 138 -29.79 -19.16 -28.99
N GLU D 139 -28.80 -18.94 -29.86
CA GLU D 139 -27.89 -17.80 -29.73
C GLU D 139 -28.52 -16.51 -30.26
N ILE D 140 -29.73 -16.59 -30.78
CA ILE D 140 -30.47 -15.40 -31.20
C ILE D 140 -30.78 -14.50 -30.01
N ARG D 141 -30.98 -15.08 -28.83
CA ARG D 141 -31.15 -14.30 -27.61
C ARG D 141 -29.84 -14.15 -26.85
N LEU D 142 -28.78 -13.76 -27.57
CA LEU D 142 -27.55 -13.37 -26.90
C LEU D 142 -27.62 -11.96 -26.33
N ASN D 143 -28.57 -11.15 -26.83
CA ASN D 143 -28.74 -9.80 -26.33
C ASN D 143 -29.17 -9.78 -24.87
N ARG D 144 -29.77 -10.86 -24.37
CA ARG D 144 -30.09 -10.97 -22.95
C ARG D 144 -28.84 -10.98 -22.08
N LEU D 145 -27.67 -11.22 -22.66
CA LEU D 145 -26.41 -11.06 -21.95
C LEU D 145 -26.10 -9.62 -21.61
N LEU D 146 -26.77 -8.66 -22.27
CA LEU D 146 -26.48 -7.24 -22.10
C LEU D 146 -26.95 -6.68 -20.76
N ARG D 147 -27.66 -7.48 -19.96
CA ARG D 147 -28.00 -7.12 -18.59
C ARG D 147 -26.90 -7.52 -17.60
N PHE D 148 -25.65 -7.60 -18.07
CA PHE D 148 -24.52 -7.90 -17.19
C PHE D 148 -24.30 -6.84 -16.13
N SER D 149 -24.76 -5.61 -16.37
CA SER D 149 -24.56 -4.53 -15.42
C SER D 149 -25.31 -4.79 -14.12
N ARG D 150 -26.48 -5.42 -14.19
CA ARG D 150 -27.20 -5.79 -12.98
C ARG D 150 -26.43 -6.82 -12.16
N MET D 151 -25.85 -7.81 -12.82
CA MET D 151 -25.04 -8.82 -12.15
C MET D 151 -23.81 -8.20 -11.49
N PHE D 152 -23.12 -7.33 -12.23
CA PHE D 152 -21.93 -6.68 -11.69
C PHE D 152 -22.27 -5.74 -10.55
N GLU D 153 -23.40 -5.04 -10.65
CA GLU D 153 -23.83 -4.15 -9.57
C GLU D 153 -24.19 -4.95 -8.31
N PHE D 154 -24.87 -6.09 -8.49
CA PHE D 154 -25.21 -6.93 -7.34
C PHE D 154 -23.97 -7.51 -6.69
N PHE D 155 -23.00 -7.94 -7.48
CA PHE D 155 -21.77 -8.49 -6.92
C PHE D 155 -20.82 -7.42 -6.43
N GLN D 156 -21.06 -6.15 -6.77
CA GLN D 156 -20.35 -5.04 -6.16
C GLN D 156 -21.07 -4.49 -4.93
N ARG D 157 -22.39 -4.66 -4.87
CA ARG D 157 -23.16 -4.26 -3.69
C ARG D 157 -23.24 -5.36 -2.64
N THR D 158 -22.72 -6.55 -2.93
CA THR D 158 -22.71 -7.64 -1.96
C THR D 158 -21.48 -7.57 -1.05
N GLU D 159 -20.30 -7.31 -1.63
CA GLU D 159 -19.06 -7.26 -0.85
C GLU D 159 -19.06 -6.08 0.12
N THR D 160 -19.78 -5.01 -0.19
CA THR D 160 -19.83 -3.84 0.66
C THR D 160 -20.86 -3.95 1.79
N ARG D 161 -21.61 -5.06 1.83
CA ARG D 161 -22.58 -5.27 2.90
C ARG D 161 -22.43 -6.61 3.61
N THR D 162 -21.55 -7.49 3.15
CA THR D 162 -21.38 -8.79 3.78
C THR D 162 -20.32 -8.72 4.87
N ASN D 163 -20.41 -9.67 5.80
CA ASN D 163 -19.43 -9.76 6.89
C ASN D 163 -18.18 -10.54 6.47
N TYR D 164 -18.17 -11.11 5.28
CA TYR D 164 -17.02 -11.87 4.76
C TYR D 164 -16.66 -11.31 3.39
N PRO D 165 -15.92 -10.19 3.35
CA PRO D 165 -15.57 -9.62 2.05
C PRO D 165 -14.57 -10.47 1.27
N ASN D 166 -13.59 -11.07 1.95
CA ASN D 166 -12.59 -11.86 1.25
C ASN D 166 -13.14 -13.19 0.80
N ILE D 167 -13.99 -13.82 1.63
CA ILE D 167 -14.61 -15.09 1.25
C ILE D 167 -15.54 -14.89 0.06
N PHE D 168 -16.36 -13.84 0.09
CA PHE D 168 -17.24 -13.57 -1.04
C PHE D 168 -16.42 -13.17 -2.27
N ARG D 169 -15.32 -12.44 -2.08
CA ARG D 169 -14.48 -12.05 -3.21
C ARG D 169 -13.85 -13.26 -3.88
N ILE D 170 -13.35 -14.21 -3.10
CA ILE D 170 -12.74 -15.39 -3.71
C ILE D 170 -13.81 -16.29 -4.31
N SER D 171 -15.01 -16.36 -3.71
CA SER D 171 -16.08 -17.13 -4.32
C SER D 171 -16.55 -16.49 -5.63
N ASN D 172 -16.62 -15.16 -5.67
CA ASN D 172 -16.99 -14.44 -6.88
C ASN D 172 -15.95 -14.63 -7.97
N LEU D 173 -14.66 -14.58 -7.62
CA LEU D 173 -13.61 -14.84 -8.59
C LEU D 173 -13.66 -16.27 -9.11
N VAL D 174 -13.91 -17.23 -8.22
CA VAL D 174 -14.04 -18.63 -8.62
C VAL D 174 -15.22 -18.81 -9.56
N MET D 175 -16.34 -18.14 -9.28
CA MET D 175 -17.51 -18.27 -10.14
C MET D 175 -17.28 -17.59 -11.49
N TYR D 176 -16.55 -16.47 -11.50
CA TYR D 176 -16.18 -15.85 -12.78
C TYR D 176 -15.29 -16.78 -13.60
N ILE D 177 -14.34 -17.44 -12.96
CA ILE D 177 -13.46 -18.38 -13.65
C ILE D 177 -14.26 -19.56 -14.16
N VAL D 178 -15.26 -20.01 -13.38
CA VAL D 178 -16.13 -21.10 -13.81
C VAL D 178 -16.95 -20.68 -15.02
N ILE D 179 -17.44 -19.44 -15.03
CA ILE D 179 -18.21 -18.95 -16.17
C ILE D 179 -17.34 -18.86 -17.41
N ILE D 180 -16.10 -18.38 -17.27
CA ILE D 180 -15.19 -18.29 -18.42
C ILE D 180 -14.82 -19.68 -18.91
N ILE D 181 -14.60 -20.63 -18.00
CA ILE D 181 -14.28 -22.00 -18.38
C ILE D 181 -15.46 -22.65 -19.09
N HIS D 182 -16.69 -22.40 -18.60
CA HIS D 182 -17.90 -22.87 -19.26
C HIS D 182 -18.03 -22.29 -20.67
N TRP D 183 -17.77 -20.99 -20.81
CA TRP D 183 -17.85 -20.35 -22.12
C TRP D 183 -16.81 -20.92 -23.08
N ASN D 184 -15.58 -21.13 -22.59
CA ASN D 184 -14.55 -21.69 -23.45
C ASN D 184 -14.84 -23.15 -23.80
N ALA D 185 -15.47 -23.89 -22.89
CA ALA D 185 -15.92 -25.25 -23.19
C ALA D 185 -16.96 -25.24 -24.30
N CYS D 186 -17.92 -24.32 -24.22
CA CYS D 186 -18.92 -24.19 -25.27
C CYS D 186 -18.29 -23.78 -26.60
N VAL D 187 -17.32 -22.88 -26.55
CA VAL D 187 -16.63 -22.45 -27.77
C VAL D 187 -15.84 -23.60 -28.38
N PHE D 188 -15.17 -24.41 -27.54
CA PHE D 188 -14.43 -25.56 -28.03
C PHE D 188 -15.37 -26.59 -28.66
N TYR D 189 -16.52 -26.83 -28.03
CA TYR D 189 -17.48 -27.77 -28.61
C TYR D 189 -18.04 -27.25 -29.93
N SER D 190 -18.31 -25.95 -30.01
CA SER D 190 -18.82 -25.38 -31.25
C SER D 190 -17.77 -25.42 -32.35
N ILE D 191 -16.50 -25.20 -32.01
CA ILE D 191 -15.41 -25.31 -32.98
C ILE D 191 -15.27 -26.74 -33.47
N SER D 192 -15.38 -27.71 -32.55
CA SER D 192 -15.35 -29.12 -32.94
C SER D 192 -16.54 -29.47 -33.84
N LYS D 193 -17.71 -28.89 -33.55
CA LYS D 193 -18.88 -29.10 -34.40
C LYS D 193 -18.68 -28.53 -35.80
N ALA D 194 -18.11 -27.33 -35.88
CA ALA D 194 -17.85 -26.71 -37.19
C ALA D 194 -16.81 -27.51 -37.97
N ILE D 195 -15.74 -27.94 -37.32
CA ILE D 195 -14.74 -28.78 -37.98
C ILE D 195 -15.31 -30.16 -38.28
N GLY D 196 -16.02 -30.75 -37.33
CA GLY D 196 -16.57 -32.09 -37.50
C GLY D 196 -16.06 -32.97 -36.38
N PHE D 197 -16.99 -33.66 -35.72
CA PHE D 197 -16.63 -34.54 -34.62
C PHE D 197 -15.92 -35.77 -35.14
N GLY D 198 -14.80 -36.12 -34.49
CA GLY D 198 -14.06 -37.30 -34.84
C GLY D 198 -13.17 -37.17 -36.07
N ASN D 199 -13.07 -35.97 -36.65
CA ASN D 199 -12.20 -35.79 -37.81
C ASN D 199 -10.74 -35.95 -37.42
N ASP D 200 -10.36 -35.48 -36.25
CA ASP D 200 -8.99 -35.59 -35.76
C ASP D 200 -9.01 -35.68 -34.24
N THR D 201 -7.82 -35.78 -33.65
CA THR D 201 -7.71 -36.07 -32.23
C THR D 201 -8.12 -34.88 -31.37
N TRP D 202 -7.82 -33.65 -31.82
CA TRP D 202 -8.03 -32.46 -31.00
C TRP D 202 -9.51 -32.20 -30.72
N VAL D 203 -10.36 -32.38 -31.73
CA VAL D 203 -11.78 -32.05 -31.61
C VAL D 203 -12.47 -33.05 -30.70
N TYR D 204 -13.71 -32.74 -30.33
CA TYR D 204 -14.56 -33.72 -29.66
C TYR D 204 -14.73 -34.95 -30.54
N PRO D 205 -14.67 -36.16 -29.97
CA PRO D 205 -14.80 -37.37 -30.79
C PRO D 205 -16.18 -37.55 -31.40
N ASP D 206 -16.37 -38.64 -32.14
CA ASP D 206 -17.59 -38.84 -32.90
C ASP D 206 -18.80 -38.95 -31.99
N ILE D 207 -19.84 -38.16 -32.29
CA ILE D 207 -21.04 -38.13 -31.46
C ILE D 207 -21.93 -39.34 -31.68
N ASN D 208 -21.64 -40.16 -32.68
CA ASN D 208 -22.36 -41.41 -32.87
C ASN D 208 -21.87 -42.51 -31.92
N ASP D 209 -20.79 -42.26 -31.19
CA ASP D 209 -20.32 -43.20 -30.19
C ASP D 209 -21.33 -43.27 -29.04
N PRO D 210 -21.64 -44.48 -28.55
CA PRO D 210 -22.62 -44.60 -27.45
C PRO D 210 -22.22 -43.88 -26.17
N GLU D 211 -20.92 -43.83 -25.85
CA GLU D 211 -20.49 -43.23 -24.60
C GLU D 211 -20.22 -41.74 -24.74
N PHE D 212 -19.52 -41.33 -25.80
CA PHE D 212 -19.21 -39.91 -26.00
C PHE D 212 -20.34 -39.13 -26.65
N GLY D 213 -21.38 -39.81 -27.13
CA GLY D 213 -22.52 -39.12 -27.71
C GLY D 213 -23.53 -38.60 -26.71
N ARG D 214 -23.36 -38.91 -25.44
CA ARG D 214 -24.29 -38.43 -24.41
C ARG D 214 -24.07 -36.94 -24.17
N LEU D 215 -25.17 -36.22 -23.94
CA LEU D 215 -25.10 -34.78 -23.74
C LEU D 215 -24.34 -34.41 -22.49
N ALA D 216 -24.56 -35.14 -21.39
CA ALA D 216 -23.81 -34.90 -20.16
C ALA D 216 -22.33 -35.15 -20.37
N ARG D 217 -22.00 -36.24 -21.08
CA ARG D 217 -20.61 -36.51 -21.42
C ARG D 217 -20.03 -35.43 -22.33
N LYS D 218 -20.82 -34.96 -23.29
CA LYS D 218 -20.38 -33.88 -24.18
C LYS D 218 -19.99 -32.64 -23.38
N TYR D 219 -20.89 -32.18 -22.52
CA TYR D 219 -20.61 -30.98 -21.75
C TYR D 219 -19.46 -31.18 -20.78
N VAL D 220 -19.39 -32.34 -20.12
CA VAL D 220 -18.38 -32.45 -19.08
C VAL D 220 -17.00 -32.70 -19.68
N TYR D 221 -16.93 -33.34 -20.86
CA TYR D 221 -15.63 -33.45 -21.51
C TYR D 221 -15.20 -32.12 -22.11
N SER D 222 -16.16 -31.31 -22.59
CA SER D 222 -15.81 -29.97 -23.03
C SER D 222 -15.31 -29.13 -21.87
N LEU D 223 -15.94 -29.26 -20.70
CA LEU D 223 -15.49 -28.54 -19.51
C LEU D 223 -14.12 -29.02 -19.05
N TYR D 224 -13.87 -30.33 -19.17
CA TYR D 224 -12.56 -30.88 -18.82
C TYR D 224 -11.49 -30.39 -19.77
N TRP D 225 -11.80 -30.32 -21.07
CA TRP D 225 -10.85 -29.79 -22.04
C TRP D 225 -10.58 -28.32 -21.81
N SER D 226 -11.63 -27.54 -21.51
CA SER D 226 -11.47 -26.10 -21.31
C SER D 226 -10.64 -25.81 -20.06
N THR D 227 -10.80 -26.63 -19.01
CA THR D 227 -10.01 -26.43 -17.81
C THR D 227 -8.56 -26.80 -18.04
N LEU D 228 -8.30 -27.85 -18.84
CA LEU D 228 -6.94 -28.17 -19.23
C LEU D 228 -6.35 -27.17 -20.22
N THR D 229 -7.15 -26.29 -20.79
CA THR D 229 -6.64 -25.37 -21.78
C THR D 229 -6.44 -23.97 -21.23
N LEU D 230 -7.25 -23.57 -20.25
CA LEU D 230 -7.11 -22.27 -19.60
C LEU D 230 -6.23 -22.35 -18.36
N THR D 231 -6.52 -23.27 -17.44
CA THR D 231 -5.79 -23.31 -16.17
C THR D 231 -4.37 -23.84 -16.35
N THR D 232 -4.14 -24.65 -17.38
CA THR D 232 -2.82 -25.21 -17.63
C THR D 232 -2.56 -25.19 -19.13
N ILE D 233 -1.54 -25.92 -19.56
CA ILE D 233 -1.12 -25.92 -20.96
C ILE D 233 -0.52 -27.28 -21.29
N GLY D 234 -0.80 -27.77 -22.50
CA GLY D 234 -0.15 -28.93 -23.05
C GLY D 234 -0.71 -30.27 -22.62
N GLU D 235 -1.70 -30.30 -21.73
CA GLU D 235 -2.27 -31.56 -21.28
C GLU D 235 -3.45 -32.01 -22.13
N THR D 236 -3.93 -31.17 -23.04
CA THR D 236 -4.94 -31.56 -24.00
C THR D 236 -4.31 -32.39 -25.13
N PRO D 237 -5.11 -33.12 -25.89
CA PRO D 237 -4.61 -33.72 -27.13
C PRO D 237 -4.08 -32.65 -28.07
N PRO D 238 -2.97 -32.93 -28.77
CA PRO D 238 -2.34 -31.88 -29.56
C PRO D 238 -3.20 -31.51 -30.76
N PRO D 239 -3.15 -30.26 -31.19
CA PRO D 239 -3.95 -29.85 -32.35
C PRO D 239 -3.39 -30.39 -33.65
N VAL D 240 -4.23 -30.37 -34.68
CA VAL D 240 -3.88 -30.92 -35.99
C VAL D 240 -3.85 -29.83 -37.06
N ARG D 241 -4.93 -29.06 -37.18
CA ARG D 241 -5.02 -28.03 -38.21
C ARG D 241 -4.77 -26.65 -37.63
N ASP D 242 -4.61 -25.67 -38.52
CA ASP D 242 -4.11 -24.34 -38.14
C ASP D 242 -5.09 -23.61 -37.23
N SER D 243 -6.39 -23.74 -37.49
CA SER D 243 -7.39 -23.11 -36.63
C SER D 243 -7.34 -23.65 -35.21
N GLU D 244 -7.00 -24.93 -35.06
CA GLU D 244 -6.91 -25.52 -33.74
C GLU D 244 -5.70 -25.01 -32.98
N TYR D 245 -4.56 -24.87 -33.65
CA TYR D 245 -3.39 -24.27 -33.02
C TYR D 245 -3.65 -22.82 -32.65
N VAL D 246 -4.34 -22.08 -33.52
CA VAL D 246 -4.68 -20.69 -33.24
C VAL D 246 -5.59 -20.60 -32.02
N PHE D 247 -6.60 -21.47 -31.94
CA PHE D 247 -7.47 -21.50 -30.77
C PHE D 247 -6.70 -21.86 -29.51
N VAL D 248 -5.76 -22.80 -29.60
CA VAL D 248 -4.99 -23.19 -28.43
C VAL D 248 -4.10 -22.04 -27.95
N VAL D 249 -3.48 -21.30 -28.88
CA VAL D 249 -2.66 -20.17 -28.50
C VAL D 249 -3.51 -19.05 -27.88
N VAL D 250 -4.66 -18.75 -28.49
CA VAL D 250 -5.56 -17.73 -27.96
C VAL D 250 -6.07 -18.13 -26.57
N ASP D 251 -6.41 -19.40 -26.40
CA ASP D 251 -6.84 -19.91 -25.11
C ASP D 251 -5.70 -19.89 -24.09
N PHE D 252 -4.47 -20.09 -24.54
CA PHE D 252 -3.33 -19.95 -23.63
C PHE D 252 -3.20 -18.52 -23.14
N LEU D 253 -3.36 -17.55 -24.05
CA LEU D 253 -3.30 -16.15 -23.63
C LEU D 253 -4.43 -15.82 -22.65
N ILE D 254 -5.63 -16.29 -22.96
CA ILE D 254 -6.78 -16.07 -22.08
C ILE D 254 -6.55 -16.74 -20.73
N GLY D 255 -5.99 -17.95 -20.73
CA GLY D 255 -5.78 -18.67 -19.49
C GLY D 255 -4.63 -18.15 -18.65
N VAL D 256 -3.59 -17.61 -19.29
CA VAL D 256 -2.52 -17.00 -18.51
C VAL D 256 -2.98 -15.67 -17.94
N LEU D 257 -3.85 -14.94 -18.66
CA LEU D 257 -4.49 -13.77 -18.06
C LEU D 257 -5.39 -14.17 -16.91
N ILE D 258 -6.09 -15.30 -17.04
CA ILE D 258 -6.94 -15.80 -15.96
C ILE D 258 -6.11 -16.16 -14.74
N PHE D 259 -4.99 -16.87 -14.97
CA PHE D 259 -4.12 -17.28 -13.87
C PHE D 259 -3.49 -16.07 -13.19
N ALA D 260 -3.05 -15.07 -13.97
CA ALA D 260 -2.48 -13.88 -13.39
C ALA D 260 -3.53 -13.07 -12.63
N THR D 261 -4.77 -13.06 -13.13
CA THR D 261 -5.85 -12.39 -12.41
C THR D 261 -6.15 -13.08 -11.09
N ILE D 262 -6.19 -14.42 -11.08
CA ILE D 262 -6.43 -15.16 -9.84
C ILE D 262 -5.29 -14.93 -8.86
N VAL D 263 -4.04 -14.99 -9.34
CA VAL D 263 -2.88 -14.79 -8.47
C VAL D 263 -2.87 -13.37 -7.92
N GLY D 264 -3.15 -12.37 -8.74
CA GLY D 264 -3.17 -11.01 -8.27
C GLY D 264 -4.28 -10.74 -7.27
N ASN D 265 -5.48 -11.27 -7.53
CA ASN D 265 -6.59 -11.10 -6.59
C ASN D 265 -6.31 -11.79 -5.27
N ILE D 266 -5.77 -13.01 -5.31
CA ILE D 266 -5.49 -13.74 -4.07
C ILE D 266 -4.33 -13.10 -3.32
N GLY D 267 -3.32 -12.60 -4.05
CA GLY D 267 -2.22 -11.92 -3.38
C GLY D 267 -2.64 -10.62 -2.74
N SER D 268 -3.50 -9.84 -3.42
CA SER D 268 -4.03 -8.63 -2.81
C SER D 268 -4.92 -8.96 -1.62
N MET D 269 -5.70 -10.04 -1.72
CA MET D 269 -6.53 -10.47 -0.60
C MET D 269 -5.70 -10.88 0.60
N ILE D 270 -4.62 -11.63 0.36
CA ILE D 270 -3.74 -12.09 1.43
C ILE D 270 -3.02 -10.91 2.07
N SER D 271 -2.54 -9.97 1.24
CA SER D 271 -1.91 -8.78 1.78
C SER D 271 -2.88 -7.91 2.57
N ASN D 272 -4.15 -7.89 2.16
CA ASN D 272 -5.16 -7.09 2.85
C ASN D 272 -5.61 -7.72 4.16
N MET D 273 -5.68 -9.05 4.23
CA MET D 273 -6.10 -9.68 5.48
C MET D 273 -5.09 -9.48 6.60
N ASN D 274 -3.79 -9.54 6.26
CA ASN D 274 -2.76 -9.29 7.25
C ASN D 274 -2.10 -7.92 7.06
N ALA D 275 -2.80 -6.98 6.43
CA ALA D 275 -2.28 -5.62 6.36
C ALA D 275 -2.18 -4.99 7.74
N ALA D 276 -3.20 -5.19 8.57
CA ALA D 276 -3.13 -4.73 9.95
C ALA D 276 -2.04 -5.44 10.73
N ARG D 277 -1.91 -6.76 10.54
CA ARG D 277 -0.87 -7.52 11.24
C ARG D 277 0.52 -7.10 10.76
N ALA D 278 0.71 -6.93 9.46
CA ALA D 278 2.01 -6.51 8.94
C ALA D 278 2.36 -5.10 9.42
N GLU D 279 1.38 -4.19 9.42
CA GLU D 279 1.64 -2.84 9.91
C GLU D 279 1.98 -2.84 11.40
N PHE D 280 1.25 -3.63 12.19
CA PHE D 280 1.52 -3.71 13.62
C PHE D 280 2.89 -4.33 13.89
N GLN D 281 3.27 -5.35 13.10
CA GLN D 281 4.58 -5.95 13.26
C GLN D 281 5.68 -4.97 12.84
N ALA D 282 5.43 -4.15 11.83
CA ALA D 282 6.40 -3.13 11.44
C ALA D 282 6.58 -2.09 12.54
N ARG D 283 5.48 -1.67 13.17
CA ARG D 283 5.57 -0.74 14.30
C ARG D 283 6.29 -1.37 15.48
N ILE D 284 6.01 -2.65 15.75
CA ILE D 284 6.70 -3.37 16.83
C ILE D 284 8.19 -3.46 16.54
N ASP D 285 8.55 -3.75 15.29
CA ASP D 285 9.97 -3.87 14.94
C ASP D 285 10.67 -2.52 15.01
N ALA D 286 10.00 -1.44 14.62
CA ALA D 286 10.58 -0.11 14.77
C ALA D 286 10.80 0.23 16.24
N ILE D 287 9.81 -0.09 17.09
CA ILE D 287 9.97 0.12 18.53
C ILE D 287 11.13 -0.71 19.06
N LYS D 288 11.21 -1.97 18.64
CA LYS D 288 12.23 -2.87 19.14
C LYS D 288 13.63 -2.43 18.73
N GLN D 289 13.79 -1.97 17.49
CA GLN D 289 15.10 -1.48 17.08
C GLN D 289 15.44 -0.15 17.73
N TYR D 290 14.41 0.66 18.05
CA TYR D 290 14.68 1.89 18.80
C TYR D 290 15.18 1.59 20.21
N MET D 291 14.52 0.65 20.90
CA MET D 291 14.95 0.27 22.24
C MET D 291 16.23 -0.53 22.25
N HIS D 292 16.58 -1.21 21.15
CA HIS D 292 17.89 -1.82 21.05
C HIS D 292 18.98 -0.77 20.82
N PHE D 293 18.68 0.23 19.98
CA PHE D 293 19.67 1.27 19.70
C PHE D 293 19.87 2.18 20.90
N ARG D 294 18.79 2.53 21.59
CA ARG D 294 18.89 3.40 22.75
C ARG D 294 19.31 2.66 24.02
N ASN D 295 19.34 1.32 23.97
CA ASN D 295 19.81 0.47 25.06
C ASN D 295 19.03 0.70 26.36
N VAL D 296 17.73 0.42 26.29
CA VAL D 296 16.87 0.53 27.45
C VAL D 296 17.01 -0.73 28.29
N SER D 297 16.47 -0.70 29.51
CA SER D 297 16.50 -1.87 30.38
C SER D 297 15.64 -2.99 29.82
N LYS D 298 16.02 -4.24 30.14
CA LYS D 298 15.29 -5.39 29.65
C LYS D 298 13.91 -5.51 30.27
N ASP D 299 13.74 -4.98 31.50
CA ASP D 299 12.41 -4.97 32.12
C ASP D 299 11.46 -4.06 31.35
N MET D 300 11.95 -2.90 30.91
CA MET D 300 11.13 -2.02 30.08
C MET D 300 10.84 -2.66 28.73
N GLU D 301 11.81 -3.41 28.19
CA GLU D 301 11.58 -4.17 26.96
C GLU D 301 10.47 -5.18 27.13
N LYS D 302 10.48 -5.92 28.25
CA LYS D 302 9.44 -6.90 28.52
C LYS D 302 8.09 -6.23 28.71
N ARG D 303 8.06 -5.06 29.38
CA ARG D 303 6.80 -4.35 29.55
C ARG D 303 6.25 -3.86 28.21
N VAL D 304 7.13 -3.39 27.32
CA VAL D 304 6.69 -2.94 26.00
C VAL D 304 6.14 -4.11 25.17
N ILE D 305 6.84 -5.25 25.21
CA ILE D 305 6.38 -6.42 24.46
C ILE D 305 5.06 -6.94 25.01
N LYS D 306 4.92 -6.97 26.34
CA LYS D 306 3.66 -7.39 26.95
C LYS D 306 2.53 -6.41 26.63
N TRP D 307 2.85 -5.11 26.58
CA TRP D 307 1.86 -4.12 26.21
C TRP D 307 1.38 -4.32 24.78
N PHE D 308 2.30 -4.60 23.85
CA PHE D 308 1.90 -4.84 22.47
C PHE D 308 1.14 -6.15 22.32
N ASP D 309 1.50 -7.17 23.11
CA ASP D 309 0.74 -8.41 23.12
C ASP D 309 -0.69 -8.19 23.61
N TYR D 310 -0.85 -7.38 24.67
CA TYR D 310 -2.18 -7.02 25.13
C TYR D 310 -2.93 -6.22 24.09
N LEU D 311 -2.23 -5.32 23.39
CA LEU D 311 -2.86 -4.46 22.41
C LEU D 311 -3.37 -5.25 21.22
N TRP D 312 -2.60 -6.24 20.77
CA TRP D 312 -3.01 -7.08 19.64
C TRP D 312 -4.05 -8.12 20.05
N THR D 313 -3.92 -8.69 21.26
CA THR D 313 -4.79 -9.80 21.66
C THR D 313 -6.22 -9.31 21.90
N ASN D 314 -6.38 -8.12 22.46
CA ASN D 314 -7.68 -7.61 22.86
C ASN D 314 -8.31 -6.70 21.80
N LYS D 315 -7.77 -6.72 20.58
CA LYS D 315 -8.29 -5.94 19.45
C LYS D 315 -8.32 -4.44 19.77
N LYS D 316 -7.22 -3.93 20.29
CA LYS D 316 -7.09 -2.54 20.67
C LYS D 316 -6.06 -1.79 19.84
N THR D 317 -5.55 -2.41 18.77
CA THR D 317 -4.43 -1.86 18.00
C THR D 317 -4.77 -0.57 17.26
N VAL D 318 -6.05 -0.20 17.19
CA VAL D 318 -6.43 1.02 16.47
C VAL D 318 -6.03 2.25 17.28
N ASP D 319 -5.56 3.28 16.57
CA ASP D 319 -5.22 4.56 17.17
C ASP D 319 -6.47 5.45 17.13
N GLU D 320 -6.98 5.82 18.30
CA GLU D 320 -8.27 6.48 18.43
C GLU D 320 -8.36 7.76 17.60
N LYS D 321 -7.34 8.62 17.69
CA LYS D 321 -7.32 9.82 16.86
C LYS D 321 -7.27 9.48 15.37
N GLU D 322 -6.45 8.48 15.00
CA GLU D 322 -6.32 8.09 13.60
C GLU D 322 -7.62 7.47 13.07
N VAL D 323 -8.32 6.72 13.92
CA VAL D 323 -9.60 6.15 13.51
C VAL D 323 -10.67 7.23 13.40
N LEU D 324 -10.73 8.15 14.36
CA LEU D 324 -11.78 9.16 14.40
C LEU D 324 -11.54 10.31 13.44
N LYS D 325 -10.33 10.45 12.89
CA LYS D 325 -10.12 11.51 11.91
C LYS D 325 -10.71 11.18 10.54
N TYR D 326 -11.18 9.96 10.33
CA TYR D 326 -11.83 9.57 9.08
C TYR D 326 -13.33 9.81 9.10
N LEU D 327 -13.87 10.30 10.20
CA LEU D 327 -15.28 10.61 10.38
C LEU D 327 -15.53 12.10 10.14
N PRO D 328 -16.75 12.46 9.73
CA PRO D 328 -17.13 13.87 9.70
C PRO D 328 -17.16 14.45 11.10
N ASP D 329 -17.03 15.78 11.16
CA ASP D 329 -16.98 16.47 12.45
C ASP D 329 -18.26 16.27 13.24
N LYS D 330 -19.42 16.37 12.57
CA LYS D 330 -20.68 16.08 13.23
C LYS D 330 -20.78 14.62 13.66
N LEU D 331 -20.36 13.71 12.77
CA LEU D 331 -20.46 12.29 13.09
C LEU D 331 -19.47 11.88 14.18
N ARG D 332 -18.23 12.40 14.12
CA ARG D 332 -17.27 12.12 15.18
C ARG D 332 -17.72 12.71 16.51
N ALA D 333 -18.30 13.92 16.47
CA ALA D 333 -18.81 14.54 17.69
C ALA D 333 -19.98 13.73 18.26
N GLU D 334 -20.80 13.14 17.40
CA GLU D 334 -21.94 12.37 17.89
C GLU D 334 -21.51 10.99 18.37
N ILE D 335 -20.45 10.42 17.79
CA ILE D 335 -19.78 9.26 18.41
C ILE D 335 -19.32 9.60 19.82
N ALA D 336 -18.61 10.73 19.96
CA ALA D 336 -18.05 11.11 21.24
C ALA D 336 -19.16 11.40 22.26
N ILE D 337 -20.28 11.97 21.81
CA ILE D 337 -21.42 12.21 22.68
C ILE D 337 -22.01 10.89 23.16
N ASN D 338 -22.13 9.92 22.25
CA ASN D 338 -22.64 8.60 22.62
C ASN D 338 -21.68 7.85 23.52
N VAL D 339 -20.43 8.28 23.60
CA VAL D 339 -19.39 7.60 24.38
C VAL D 339 -19.16 8.29 25.73
N HIS D 340 -19.02 9.61 25.74
CA HIS D 340 -18.52 10.31 26.92
C HIS D 340 -19.56 11.16 27.64
N LEU D 341 -20.70 11.48 27.02
CA LEU D 341 -21.62 12.42 27.66
C LEU D 341 -22.31 11.82 28.86
N ASP D 342 -22.54 10.50 28.85
CA ASP D 342 -23.22 9.87 29.98
C ASP D 342 -22.35 9.84 31.23
N THR D 343 -21.03 9.75 31.07
CA THR D 343 -20.13 9.71 32.22
C THR D 343 -19.58 11.08 32.58
N LEU D 344 -19.59 12.05 31.67
CA LEU D 344 -19.18 13.40 32.01
C LEU D 344 -20.24 14.13 32.83
N LYS D 345 -21.51 13.74 32.68
CA LYS D 345 -22.56 14.28 33.54
C LYS D 345 -22.41 13.81 34.98
N LYS D 346 -21.73 12.69 35.21
CA LYS D 346 -21.51 12.19 36.57
C LYS D 346 -20.48 13.03 37.33
N VAL D 347 -19.70 13.86 36.64
CA VAL D 347 -18.73 14.71 37.30
C VAL D 347 -19.45 15.78 38.10
N ARG D 348 -18.99 16.01 39.33
CA ARG D 348 -19.70 16.88 40.26
C ARG D 348 -19.76 18.32 39.76
N ILE D 349 -18.64 18.83 39.24
CA ILE D 349 -18.66 20.20 38.73
C ILE D 349 -19.35 20.27 37.38
N PHE D 350 -19.38 19.18 36.62
CA PHE D 350 -20.01 19.13 35.32
C PHE D 350 -21.42 18.53 35.37
N ALA D 351 -21.97 18.31 36.56
CA ALA D 351 -23.30 17.73 36.67
C ALA D 351 -24.37 18.67 36.14
N ASP D 352 -24.24 19.95 36.43
CA ASP D 352 -25.19 20.97 35.98
C ASP D 352 -24.42 22.03 35.20
N CYS D 353 -24.31 21.82 33.88
CA CYS D 353 -23.60 22.74 33.00
C CYS D 353 -24.36 22.86 31.70
N GLU D 354 -23.87 23.72 30.81
CA GLU D 354 -24.46 23.88 29.50
C GLU D 354 -24.23 22.63 28.66
N ALA D 355 -25.22 22.31 27.82
CA ALA D 355 -25.10 21.15 26.93
C ALA D 355 -23.97 21.33 25.93
N GLY D 356 -23.83 22.55 25.38
CA GLY D 356 -22.73 22.82 24.47
C GLY D 356 -21.38 22.72 25.13
N LEU D 357 -21.27 23.18 26.39
CA LEU D 357 -20.03 23.06 27.14
C LEU D 357 -19.67 21.60 27.37
N LEU D 358 -20.65 20.78 27.75
CA LEU D 358 -20.39 19.37 27.98
C LEU D 358 -19.99 18.67 26.69
N VAL D 359 -20.64 19.02 25.57
CA VAL D 359 -20.31 18.41 24.28
C VAL D 359 -18.90 18.80 23.85
N GLU D 360 -18.54 20.08 24.00
CA GLU D 360 -17.22 20.53 23.61
C GLU D 360 -16.13 19.93 24.49
N LEU D 361 -16.41 19.77 25.80
CA LEU D 361 -15.44 19.13 26.68
C LEU D 361 -15.33 17.64 26.38
N VAL D 362 -16.42 17.02 25.93
CA VAL D 362 -16.37 15.64 25.44
C VAL D 362 -15.46 15.54 24.22
N LEU D 363 -15.58 16.50 23.30
CA LEU D 363 -14.74 16.50 22.10
C LEU D 363 -13.25 16.71 22.41
N LYS D 364 -12.93 17.30 23.56
CA LYS D 364 -11.54 17.54 23.93
C LYS D 364 -10.92 16.41 24.73
N LEU D 365 -11.67 15.34 25.00
CA LEU D 365 -11.15 14.23 25.80
C LEU D 365 -10.14 13.43 25.00
N GLN D 366 -9.00 13.13 25.60
CA GLN D 366 -7.92 12.39 24.96
C GLN D 366 -7.71 11.06 25.65
N PRO D 367 -7.73 9.95 24.92
CA PRO D 367 -7.59 8.64 25.56
C PRO D 367 -6.15 8.34 25.97
N GLN D 368 -6.03 7.61 27.09
CA GLN D 368 -4.77 6.99 27.50
C GLN D 368 -5.07 5.60 28.01
N VAL D 369 -4.13 4.69 27.79
CA VAL D 369 -4.23 3.32 28.27
C VAL D 369 -3.04 3.05 29.17
N TYR D 370 -3.30 2.48 30.35
CA TYR D 370 -2.29 2.23 31.36
C TYR D 370 -2.18 0.75 31.63
N SER D 371 -0.94 0.26 31.77
CA SER D 371 -0.70 -1.12 32.14
C SER D 371 -1.04 -1.34 33.61
N PRO D 372 -1.26 -2.59 34.03
CA PRO D 372 -1.40 -2.86 35.46
C PRO D 372 -0.13 -2.51 36.22
N GLY D 373 -0.31 -1.88 37.38
CA GLY D 373 0.80 -1.42 38.18
C GLY D 373 1.40 -0.10 37.74
N ASP D 374 0.89 0.51 36.67
CA ASP D 374 1.38 1.80 36.21
C ASP D 374 0.86 2.91 37.11
N TYR D 375 1.72 3.89 37.37
CA TYR D 375 1.39 5.03 38.22
C TYR D 375 0.96 6.18 37.33
N ILE D 376 -0.32 6.54 37.40
CA ILE D 376 -0.82 7.68 36.65
C ILE D 376 -0.25 8.98 37.20
N CYS D 377 -0.30 9.13 38.53
CA CYS D 377 0.21 10.33 39.17
C CYS D 377 0.64 9.98 40.59
N LYS D 378 1.49 10.83 41.15
CA LYS D 378 2.04 10.64 42.48
C LYS D 378 1.84 11.92 43.28
N LYS D 379 2.01 11.80 44.60
CA LYS D 379 1.92 12.97 45.48
C LYS D 379 3.08 13.91 45.18
N GLY D 380 2.77 15.05 44.56
CA GLY D 380 3.77 16.02 44.16
C GLY D 380 3.82 16.27 42.66
N ASP D 381 3.24 15.39 41.86
CA ASP D 381 3.23 15.58 40.41
C ASP D 381 2.27 16.70 40.03
N ILE D 382 2.40 17.17 38.80
CA ILE D 382 1.61 18.32 38.34
C ILE D 382 0.19 17.86 38.03
N GLY D 383 -0.78 18.52 38.65
CA GLY D 383 -2.18 18.26 38.37
C GLY D 383 -2.65 19.02 37.15
N ARG D 384 -2.21 18.60 35.98
CA ARG D 384 -2.50 19.31 34.74
C ARG D 384 -3.82 18.88 34.12
N GLU D 385 -4.17 17.60 34.20
CA GLU D 385 -5.37 17.08 33.55
C GLU D 385 -6.17 16.23 34.54
N MET D 386 -7.49 16.29 34.42
CA MET D 386 -8.34 15.36 35.15
C MET D 386 -8.53 14.10 34.32
N TYR D 387 -8.81 12.99 34.99
CA TYR D 387 -8.96 11.70 34.34
C TYR D 387 -10.33 11.13 34.65
N ILE D 388 -11.01 10.67 33.61
CA ILE D 388 -12.32 10.04 33.71
C ILE D 388 -12.15 8.58 33.33
N ILE D 389 -12.49 7.68 34.25
CA ILE D 389 -12.28 6.25 34.07
C ILE D 389 -13.47 5.68 33.34
N LYS D 390 -13.22 5.01 32.22
CA LYS D 390 -14.26 4.27 31.50
C LYS D 390 -14.12 2.77 31.69
N GLU D 391 -12.96 2.21 31.36
CA GLU D 391 -12.71 0.79 31.54
C GLU D 391 -11.47 0.64 32.41
N GLY D 392 -11.58 -0.20 33.44
CA GLY D 392 -10.49 -0.44 34.36
C GLY D 392 -10.83 0.06 35.76
N LYS D 393 -10.03 -0.42 36.72
CA LYS D 393 -10.17 -0.03 38.11
C LYS D 393 -8.86 0.59 38.58
N LEU D 394 -8.96 1.71 39.29
CA LEU D 394 -7.80 2.40 39.81
C LEU D 394 -7.68 2.14 41.31
N ALA D 395 -6.50 2.45 41.86
CA ALA D 395 -6.22 2.25 43.26
C ALA D 395 -5.59 3.51 43.83
N VAL D 396 -6.07 3.94 44.99
CA VAL D 396 -5.40 5.01 45.73
C VAL D 396 -4.48 4.36 46.75
N VAL D 397 -3.18 4.60 46.61
CA VAL D 397 -2.17 3.91 47.40
C VAL D 397 -1.36 4.94 48.20
N ALA D 398 -0.60 4.43 49.16
CA ALA D 398 0.24 5.25 50.01
C ALA D 398 1.63 5.37 49.39
N ASP D 399 2.61 5.83 50.19
CA ASP D 399 3.97 5.98 49.70
C ASP D 399 4.59 4.65 49.33
N ASP D 400 4.32 3.60 50.11
CA ASP D 400 4.84 2.28 49.78
C ASP D 400 4.17 1.70 48.54
N GLY D 401 2.90 2.02 48.32
CA GLY D 401 2.18 1.56 47.15
C GLY D 401 1.54 0.20 47.26
N VAL D 402 1.65 -0.46 48.41
CA VAL D 402 1.02 -1.77 48.59
C VAL D 402 -0.25 -1.71 49.44
N THR D 403 -0.46 -0.63 50.18
CA THR D 403 -1.67 -0.48 50.99
C THR D 403 -2.78 0.16 50.16
N GLN D 404 -3.99 -0.32 50.34
CA GLN D 404 -5.14 0.10 49.56
C GLN D 404 -6.03 1.02 50.38
N PHE D 405 -6.20 2.27 49.92
CA PHE D 405 -7.19 3.14 50.53
C PHE D 405 -8.58 2.87 49.95
N VAL D 406 -8.76 3.19 48.66
CA VAL D 406 -10.02 2.98 47.96
C VAL D 406 -9.71 2.59 46.52
N VAL D 407 -10.74 2.08 45.84
CA VAL D 407 -10.67 1.66 44.45
C VAL D 407 -11.68 2.46 43.66
N LEU D 408 -11.22 3.11 42.59
CA LEU D 408 -12.09 3.86 41.70
C LEU D 408 -12.57 2.94 40.58
N SER D 409 -13.89 2.79 40.47
CA SER D 409 -14.52 1.89 39.52
C SER D 409 -14.83 2.66 38.23
N ASP D 410 -15.68 2.07 37.38
CA ASP D 410 -16.05 2.68 36.11
C ASP D 410 -16.84 3.97 36.35
N GLY D 411 -16.63 4.94 35.46
CA GLY D 411 -17.33 6.20 35.54
C GLY D 411 -16.79 7.16 36.58
N SER D 412 -15.77 6.77 37.33
CA SER D 412 -15.22 7.63 38.36
C SER D 412 -14.34 8.70 37.75
N TYR D 413 -13.96 9.67 38.57
CA TYR D 413 -13.18 10.82 38.11
C TYR D 413 -12.38 11.36 39.27
N PHE D 414 -11.25 11.97 38.95
CA PHE D 414 -10.38 12.56 39.95
C PHE D 414 -9.53 13.62 39.28
N GLY D 415 -8.99 14.53 40.10
CA GLY D 415 -8.26 15.66 39.56
C GLY D 415 -9.13 16.71 38.91
N GLU D 416 -10.43 16.69 39.19
CA GLU D 416 -11.34 17.66 38.59
C GLU D 416 -11.16 19.07 39.14
N ILE D 417 -10.51 19.21 40.29
CA ILE D 417 -10.24 20.52 40.85
C ILE D 417 -8.82 21.00 40.56
N SER D 418 -7.91 20.10 40.16
CA SER D 418 -6.55 20.50 39.85
C SER D 418 -6.45 21.27 38.54
N ILE D 419 -7.47 21.15 37.67
CA ILE D 419 -7.48 21.89 36.41
C ILE D 419 -8.26 23.19 36.51
N LEU D 420 -8.72 23.55 37.69
CA LEU D 420 -9.45 24.79 37.91
C LEU D 420 -8.54 25.79 38.60
N ASN D 421 -8.48 27.01 38.06
CA ASN D 421 -7.61 28.05 38.60
C ASN D 421 -8.33 28.75 39.75
N ILE D 422 -8.38 28.06 40.89
CA ILE D 422 -8.97 28.61 42.10
C ILE D 422 -7.93 29.49 42.79
N LYS D 423 -8.33 30.70 43.16
CA LYS D 423 -7.41 31.67 43.74
C LYS D 423 -7.12 31.35 45.19
N GLY D 424 -5.84 31.23 45.53
CA GLY D 424 -5.40 31.09 46.90
C GLY D 424 -5.49 29.70 47.49
N SER D 425 -5.95 28.70 46.73
CA SER D 425 -6.08 27.35 47.25
C SER D 425 -4.72 26.69 47.37
N LYS D 426 -4.55 25.91 48.44
CA LYS D 426 -3.32 25.16 48.63
C LYS D 426 -3.27 23.96 47.70
N ALA D 427 -2.05 23.43 47.52
CA ALA D 427 -1.77 22.31 46.60
C ALA D 427 -2.25 22.62 45.18
N GLY D 428 -1.99 23.85 44.73
CA GLY D 428 -2.35 24.27 43.40
C GLY D 428 -1.64 23.48 42.32
N ASN D 429 -2.43 22.97 41.36
CA ASN D 429 -2.02 22.07 40.27
C ASN D 429 -1.06 20.97 40.71
N ARG D 430 -1.28 20.43 41.91
CA ARG D 430 -0.48 19.32 42.42
C ARG D 430 -1.41 18.19 42.84
N ARG D 431 -0.95 16.96 42.66
CA ARG D 431 -1.73 15.78 43.03
C ARG D 431 -1.57 15.52 44.52
N THR D 432 -2.71 15.31 45.20
CA THR D 432 -2.73 15.04 46.63
C THR D 432 -2.87 13.56 46.95
N ALA D 433 -2.76 12.70 45.95
CA ALA D 433 -2.90 11.26 46.16
C ALA D 433 -2.06 10.51 45.15
N ASN D 434 -1.76 9.25 45.46
CA ASN D 434 -1.05 8.35 44.58
C ASN D 434 -2.04 7.43 43.89
N ILE D 435 -2.14 7.54 42.58
CA ILE D 435 -3.09 6.76 41.78
C ILE D 435 -2.30 5.73 40.98
N LYS D 436 -2.70 4.47 41.10
CA LYS D 436 -2.08 3.39 40.34
C LYS D 436 -3.17 2.59 39.64
N SER D 437 -2.76 1.81 38.64
CA SER D 437 -3.69 0.99 37.87
C SER D 437 -3.59 -0.45 38.34
N ILE D 438 -4.71 -0.98 38.85
CA ILE D 438 -4.76 -2.38 39.25
C ILE D 438 -4.64 -3.30 38.04
N GLY D 439 -5.43 -3.03 37.01
CA GLY D 439 -5.33 -3.75 35.76
C GLY D 439 -5.10 -2.80 34.60
N TYR D 440 -5.55 -3.17 33.41
CA TYR D 440 -5.47 -2.27 32.27
C TYR D 440 -6.59 -1.23 32.39
N SER D 441 -6.24 0.04 32.27
CA SER D 441 -7.26 1.07 32.41
C SER D 441 -7.30 2.05 31.26
N ASP D 442 -8.51 2.33 30.80
CA ASP D 442 -8.69 3.30 29.73
C ASP D 442 -9.25 4.54 30.38
N LEU D 443 -8.51 5.62 30.32
CA LEU D 443 -8.96 6.87 30.92
C LEU D 443 -8.90 7.99 29.90
N PHE D 444 -9.93 8.81 29.88
CA PHE D 444 -9.95 9.95 28.97
C PHE D 444 -9.58 11.14 29.83
N CYS D 445 -8.54 11.86 29.42
CA CYS D 445 -8.08 12.98 30.20
C CYS D 445 -8.45 14.35 29.64
N LEU D 446 -9.13 15.14 30.46
CA LEU D 446 -9.50 16.51 30.12
C LEU D 446 -8.43 17.42 30.69
N SER D 447 -7.66 18.07 29.82
CA SER D 447 -6.55 18.88 30.27
C SER D 447 -7.04 20.25 30.71
N LYS D 448 -6.20 20.95 31.47
CA LYS D 448 -6.48 22.33 31.86
C LYS D 448 -6.53 23.24 30.63
N ASP D 449 -5.59 23.05 29.70
CA ASP D 449 -5.54 23.87 28.50
C ASP D 449 -6.78 23.65 27.62
N ASP D 450 -7.21 22.39 27.47
CA ASP D 450 -8.40 22.10 26.68
C ASP D 450 -9.65 22.66 27.35
N LEU D 451 -9.71 22.59 28.68
CA LEU D 451 -10.84 23.16 29.40
C LEU D 451 -10.91 24.67 29.23
N MET D 452 -9.76 25.34 29.30
CA MET D 452 -9.73 26.79 29.08
C MET D 452 -10.06 27.14 27.63
N GLU D 453 -9.60 26.32 26.68
CA GLU D 453 -9.91 26.58 25.28
C GLU D 453 -11.39 26.41 24.99
N ALA D 454 -12.02 25.39 25.56
CA ALA D 454 -13.45 25.20 25.37
C ALA D 454 -14.28 26.19 26.19
N LEU D 455 -13.69 26.78 27.23
CA LEU D 455 -14.40 27.72 28.08
C LEU D 455 -14.23 29.18 27.65
N THR D 456 -13.52 29.44 26.55
CA THR D 456 -13.29 30.82 26.13
C THR D 456 -14.52 31.44 25.49
N GLU D 457 -15.51 30.64 25.09
CA GLU D 457 -16.78 31.16 24.59
C GLU D 457 -17.87 31.15 25.66
N TYR D 458 -17.56 30.65 26.86
CA TYR D 458 -18.49 30.56 27.97
C TYR D 458 -17.91 31.25 29.20
N PRO D 459 -18.04 32.57 29.29
CA PRO D 459 -17.56 33.26 30.51
C PRO D 459 -18.42 32.97 31.72
N ASP D 460 -19.75 32.94 31.55
CA ASP D 460 -20.64 32.64 32.67
C ASP D 460 -20.45 31.21 33.16
N ALA D 461 -20.30 30.25 32.23
CA ALA D 461 -20.02 28.88 32.63
C ALA D 461 -18.65 28.76 33.27
N LYS D 462 -17.68 29.55 32.81
CA LYS D 462 -16.34 29.52 33.42
C LYS D 462 -16.39 30.01 34.87
N THR D 463 -17.03 31.16 35.11
CA THR D 463 -17.08 31.66 36.48
C THR D 463 -17.99 30.80 37.36
N MET D 464 -19.01 30.16 36.79
CA MET D 464 -19.83 29.26 37.59
C MET D 464 -19.09 27.98 37.91
N LEU D 465 -18.23 27.50 37.00
CA LEU D 465 -17.37 26.37 37.30
C LEU D 465 -16.36 26.70 38.39
N GLU D 466 -15.80 27.92 38.34
CA GLU D 466 -14.91 28.36 39.42
C GLU D 466 -15.66 28.45 40.75
N GLU D 467 -16.90 28.95 40.72
CA GLU D 467 -17.73 29.03 41.92
C GLU D 467 -18.00 27.64 42.49
N LYS D 468 -18.36 26.69 41.63
CA LYS D 468 -18.62 25.32 42.08
C LYS D 468 -17.37 24.66 42.64
N GLY D 469 -16.23 24.86 41.97
CA GLY D 469 -14.98 24.26 42.45
C GLY D 469 -14.55 24.83 43.79
N LYS D 470 -14.65 26.16 43.97
CA LYS D 470 -14.27 26.73 45.25
C LYS D 470 -15.27 26.38 46.34
N GLN D 471 -16.57 26.28 46.01
CA GLN D 471 -17.55 25.86 47.00
C GLN D 471 -17.35 24.41 47.41
N ILE D 472 -16.85 23.58 46.49
CA ILE D 472 -16.37 22.26 46.87
C ILE D 472 -15.15 22.36 47.80
N LEU D 473 -14.25 23.29 47.49
CA LEU D 473 -13.00 23.39 48.24
C LEU D 473 -13.22 23.85 49.68
N MET D 474 -14.05 24.87 49.90
CA MET D 474 -14.35 25.24 51.27
C MET D 474 -15.29 24.26 51.96
N LYS D 475 -15.96 23.38 51.21
CA LYS D 475 -16.78 22.35 51.84
C LYS D 475 -15.89 21.29 52.50
N ASP D 476 -14.75 20.98 51.90
CA ASP D 476 -13.82 20.01 52.45
C ASP D 476 -12.78 20.62 53.37
N GLY D 477 -12.83 21.93 53.58
CA GLY D 477 -11.90 22.60 54.47
C GLY D 477 -10.70 23.23 53.81
N LEU D 478 -10.68 23.32 52.48
CA LEU D 478 -9.58 23.92 51.75
C LEU D 478 -9.91 25.36 51.36
N LEU D 479 -8.87 26.20 51.36
CA LEU D 479 -8.99 27.63 51.06
C LEU D 479 -10.01 28.33 51.96
PA PCG E . 26.37 29.19 24.63
O1A PCG E . 27.04 30.35 24.01
O2A PCG E . 25.05 29.39 25.28
O5' PCG E . 26.19 28.02 23.50
C5' PCG E . 27.37 27.33 23.03
C4' PCG E . 28.11 26.75 24.24
O4' PCG E . 29.34 26.03 24.01
C3' PCG E . 28.55 27.85 25.15
O3' PCG E . 27.38 28.47 25.70
C2' PCG E . 29.39 27.11 26.16
O2' PCG E . 28.56 26.55 27.17
C1' PCG E . 29.97 25.94 25.34
N9 PCG E . 31.45 25.95 25.20
C8 PCG E . 32.23 24.84 25.26
N7 PCG E . 33.51 25.19 25.09
C5 PCG E . 33.56 26.50 24.93
C6 PCG E . 34.62 27.39 24.72
O6 PCG E . 35.78 26.98 24.66
N1 PCG E . 34.35 28.76 24.57
C2 PCG E . 33.01 29.21 24.64
N2 PCG E . 32.75 30.50 24.51
N3 PCG E . 32.01 28.32 24.84
C4 PCG E . 32.26 27.00 24.99
PA PCG F . 4.96 44.87 -6.31
O1A PCG F . 4.37 46.17 -6.69
O2A PCG F . 4.71 44.35 -4.95
O5' PCG F . 4.46 43.72 -7.37
C5' PCG F . 5.01 43.70 -8.71
C4' PCG F . 6.53 43.70 -8.61
O4' PCG F . 7.29 43.71 -9.84
C3' PCG F . 7.01 44.94 -7.93
O3' PCG F . 6.58 44.90 -6.57
C2' PCG F . 8.50 44.86 -8.09
O2' PCG F . 9.04 43.99 -7.10
C1' PCG F . 8.65 44.14 -9.46
N9 PCG F . 9.23 45.01 -10.51
C8 PCG F . 10.39 44.80 -11.15
N7 PCG F . 10.59 45.77 -12.04
C5 PCG F . 9.57 46.60 -11.97
C6 PCG F . 9.26 47.78 -12.65
O6 PCG F . 10.02 48.22 -13.52
N1 PCG F . 8.06 48.46 -12.35
C2 PCG F . 7.20 47.93 -11.36
N2 PCG F . 6.06 48.56 -11.06
N3 PCG F . 7.54 46.79 -10.72
C4 PCG F . 8.70 46.13 -11.00
PA PCG G . -27.65 31.93 13.44
O1A PCG G . -28.51 32.18 14.61
O2A PCG G . -26.21 32.30 13.52
O5' PCG G . -27.72 30.34 13.06
C5' PCG G . -28.93 29.81 12.48
C4' PCG G . -29.29 30.66 11.24
O4' PCG G . -30.51 30.33 10.54
C3' PCG G . -29.53 32.08 11.64
O3' PCG G . -28.30 32.63 12.11
C2' PCG G . -30.03 32.69 10.36
O2' PCG G . -28.93 33.06 9.54
C1' PCG G . -30.75 31.50 9.67
N9 PCG G . -32.21 31.72 9.49
C8 PCG G . -32.88 31.63 8.33
N7 PCG G . -34.17 31.88 8.55
C5 PCG G . -34.34 32.12 9.83
C6 PCG G . -35.45 32.44 10.61
O6 PCG G . -36.57 32.53 10.09
N1 PCG G . -35.28 32.65 11.99
C2 PCG G . -34.00 32.53 12.57
N2 PCG G . -33.84 32.73 13.87
N3 PCG G . -32.95 32.23 11.78
C4 PCG G . -33.09 32.02 10.45
C10 5H0 H . 1.71 -20.73 -14.74
C13 5H0 H . 4.38 -21.05 -16.72
C15 5H0 H . -0.11 -23.64 -14.21
C17 5H0 H . -0.39 -21.70 -18.59
C20 5H0 H . -2.31 -20.90 -17.39
C21 5H0 H . -1.70 -21.28 -18.58
C22 5H0 H . 6.00 -22.37 -15.54
C24 5H0 H . 0.95 -24.35 -12.17
C26 5H0 H . 7.02 -21.63 -16.11
C28 5H0 H . 3.97 -17.06 -14.41
C08 5H0 H . 2.92 -20.74 -17.02
C09 5H0 H . 2.26 -19.92 -15.91
C11 5H0 H . -0.06 -22.17 -13.84
C12 5H0 H . -0.24 -21.36 -16.18
C14 5H0 H . 0.35 -21.74 -17.39
C16 5H0 H . -1.58 -20.93 -16.19
C18 5H0 H . 4.67 -22.08 -15.85
C19 5H0 H . 5.40 -20.29 -17.29
C23 5H0 H . 6.73 -20.59 -16.98
C25 5H0 H . -1.45 -24.18 -12.26
C27 5H0 H . 2.89 -17.75 -15.18
C29 5H0 H . 8.57 -22.44 -14.50
N06 5H0 H . 0.48 -21.38 -14.94
N07 5H0 H . -0.23 -24.48 -13.02
O02 5H0 H . 3.25 -19.05 -15.38
O03 5H0 H . 2.32 -20.77 -13.68
O04 5H0 H . 8.31 -21.93 -15.80
O05 5H0 H . 1.86 -17.22 -15.57
S01 5H0 H . 2.04 -22.30 -17.48
PA PCG I . -6.00 15.06 43.07
O1A PCG I . -5.06 15.25 44.19
O2A PCG I . -6.15 16.13 42.06
O5' PCG I . -5.59 13.69 42.27
C5' PCG I . -5.83 12.40 42.90
C4' PCG I . -7.31 12.34 43.32
O4' PCG I . -7.78 11.17 44.01
C3' PCG I . -7.61 13.41 44.32
O3' PCG I . -7.49 14.67 43.66
C2' PCG I . -9.02 13.08 44.75
O2' PCG I . -9.95 13.74 43.90
C1' PCG I . -9.13 11.56 44.46
N9 PCG I . -9.56 10.74 45.62
C8 PCG I . -10.68 10.02 45.68
N7 PCG I . -10.76 9.40 46.86
C5 PCG I . -9.69 9.74 47.56
C6 PCG I . -9.25 9.41 48.85
O6 PCG I . -9.93 8.64 49.57
N1 PCG I . -8.04 9.93 49.32
C2 PCG I . -7.29 10.79 48.49
N2 PCG I . -6.14 11.29 48.93
N3 PCG I . -7.75 11.10 47.26
C4 PCG I . -8.91 10.59 46.79
#